data_6VGA
#
_entry.id   6VGA
#
_cell.length_a   1.000
_cell.length_b   1.000
_cell.length_c   1.000
_cell.angle_alpha   90.00
_cell.angle_beta   90.00
_cell.angle_gamma   90.00
#
_symmetry.space_group_name_H-M   'P 1'
#
_entity_poly.entity_id   1
_entity_poly.type   'polypeptide(L)'
_entity_poly.pdbx_seq_one_letter_code
;MGSSHHHHHHSSGLVPRGSHMRLVVLIVSNDKKLIEEARKMAEKANLELITVPGSPEEAIRLAQEIAEKAPGPVKVLVLI
TGSADPDEKTKAKKAAEEARKWNVRVRTVTSPDEAKRWIKEFSEE
;
_entity_poly.pdbx_strand_id   A
#
# COMPACT_ATOMS: atom_id res chain seq x y z
N MET A 21 -0.56 0.45 -17.74
CA MET A 21 -1.27 0.61 -16.44
C MET A 21 -0.71 -0.35 -15.41
N ARG A 22 0.25 0.14 -14.63
CA ARG A 22 0.87 -0.67 -13.59
C ARG A 22 0.26 -0.31 -12.25
N LEU A 23 -0.16 -1.31 -11.50
CA LEU A 23 -0.72 -1.08 -10.18
C LEU A 23 0.27 -1.54 -9.12
N VAL A 24 0.40 -0.75 -8.07
CA VAL A 24 1.38 -0.98 -7.02
C VAL A 24 0.69 -1.11 -5.67
N VAL A 25 1.10 -2.09 -4.88
CA VAL A 25 0.58 -2.28 -3.54
C VAL A 25 1.74 -2.27 -2.54
N LEU A 26 1.71 -1.30 -1.64
CA LEU A 26 2.75 -1.17 -0.63
C LEU A 26 2.18 -1.47 0.74
N ILE A 27 2.70 -2.53 1.36
CA ILE A 27 2.14 -3.01 2.61
C ILE A 27 3.05 -2.67 3.78
N VAL A 28 2.48 -2.01 4.79
CA VAL A 28 3.24 -1.61 5.97
C VAL A 28 2.95 -2.56 7.12
N SER A 29 3.84 -3.54 7.30
CA SER A 29 3.73 -4.49 8.39
C SER A 29 4.95 -5.41 8.41
N ASN A 30 5.05 -6.24 9.44
CA ASN A 30 6.01 -7.33 9.43
C ASN A 30 5.31 -8.57 9.95
N ASP A 31 4.61 -9.25 9.06
CA ASP A 31 3.88 -10.45 9.40
C ASP A 31 4.27 -11.60 8.46
N LYS A 32 3.87 -12.82 8.78
CA LYS A 32 4.05 -13.92 7.86
C LYS A 32 2.82 -14.09 6.97
N LYS A 33 1.72 -14.51 7.58
CA LYS A 33 0.50 -14.85 6.86
C LYS A 33 -0.06 -13.66 6.09
N LEU A 34 -0.09 -12.50 6.72
CA LEU A 34 -0.63 -11.30 6.09
C LEU A 34 0.13 -10.97 4.82
N ILE A 35 1.45 -10.95 4.92
CA ILE A 35 2.30 -10.66 3.78
C ILE A 35 2.15 -11.73 2.70
N GLU A 36 1.93 -12.96 3.11
CA GLU A 36 1.62 -14.04 2.17
C GLU A 36 0.38 -13.70 1.38
N GLU A 37 -0.75 -13.57 2.08
CA GLU A 37 -2.05 -13.33 1.44
C GLU A 37 -2.02 -12.07 0.58
N ALA A 38 -1.29 -11.07 1.03
CA ALA A 38 -1.19 -9.82 0.31
C ALA A 38 -0.45 -10.01 -1.02
N ARG A 39 0.71 -10.66 -0.95
CA ARG A 39 1.54 -10.85 -2.12
C ARG A 39 0.93 -11.89 -3.06
N LYS A 40 0.35 -12.94 -2.50
CA LYS A 40 -0.31 -13.98 -3.29
C LYS A 40 -1.36 -13.37 -4.20
N MET A 41 -2.05 -12.35 -3.69
CA MET A 41 -3.02 -11.63 -4.48
C MET A 41 -2.33 -10.88 -5.61
N ALA A 42 -1.25 -10.19 -5.26
CA ALA A 42 -0.51 -9.38 -6.21
C ALA A 42 0.12 -10.22 -7.31
N GLU A 43 0.73 -11.34 -6.92
CA GLU A 43 1.39 -12.23 -7.87
C GLU A 43 0.42 -12.73 -8.93
N LYS A 44 -0.77 -13.14 -8.49
CA LYS A 44 -1.77 -13.72 -9.39
C LYS A 44 -2.55 -12.64 -10.14
N ALA A 45 -2.39 -11.40 -9.71
CA ALA A 45 -3.09 -10.29 -10.35
C ALA A 45 -2.11 -9.28 -10.93
N ASN A 46 -0.89 -9.77 -11.20
CA ASN A 46 0.24 -8.99 -11.74
C ASN A 46 0.33 -7.57 -11.18
N LEU A 47 0.25 -7.48 -9.85
CA LEU A 47 0.37 -6.20 -9.16
C LEU A 47 1.77 -6.09 -8.57
N GLU A 48 2.31 -4.88 -8.55
CA GLU A 48 3.62 -4.64 -7.96
C GLU A 48 3.48 -4.43 -6.46
N LEU A 49 3.73 -5.46 -5.69
CA LEU A 49 3.59 -5.37 -4.24
C LEU A 49 4.95 -5.42 -3.58
N ILE A 50 5.23 -4.41 -2.78
CA ILE A 50 6.50 -4.32 -2.07
C ILE A 50 6.26 -4.27 -0.56
N THR A 51 7.03 -5.05 0.17
CA THR A 51 6.91 -5.11 1.62
C THR A 51 7.65 -3.95 2.28
N VAL A 52 6.92 -3.16 3.06
CA VAL A 52 7.48 -2.02 3.76
C VAL A 52 7.54 -2.31 5.25
N PRO A 53 8.61 -1.85 5.94
CA PRO A 53 8.68 -1.85 7.40
C PRO A 53 7.49 -1.12 8.01
N GLY A 54 7.24 -1.39 9.29
CA GLY A 54 6.06 -0.92 9.99
C GLY A 54 5.93 0.59 10.13
N SER A 55 6.73 1.35 9.42
CA SER A 55 6.62 2.80 9.43
C SER A 55 5.87 3.30 8.20
N PRO A 56 4.86 4.14 8.42
CA PRO A 56 3.96 4.63 7.36
C PRO A 56 4.64 5.61 6.40
N GLU A 57 5.55 6.42 6.89
CA GLU A 57 6.21 7.44 6.07
C GLU A 57 7.08 6.76 5.00
N GLU A 58 7.74 5.67 5.39
CA GLU A 58 8.61 4.92 4.50
C GLU A 58 7.85 4.49 3.23
N ALA A 59 6.64 3.98 3.43
CA ALA A 59 5.83 3.48 2.34
C ALA A 59 5.44 4.59 1.37
N ILE A 60 4.92 5.68 1.90
CA ILE A 60 4.42 6.77 1.06
C ILE A 60 5.55 7.43 0.29
N ARG A 61 6.69 7.62 0.94
CA ARG A 61 7.84 8.23 0.29
C ARG A 61 8.36 7.33 -0.83
N LEU A 62 8.22 6.01 -0.64
CA LEU A 62 8.60 5.07 -1.69
C LEU A 62 7.54 5.09 -2.79
N ALA A 63 6.27 5.22 -2.39
CA ALA A 63 5.17 5.33 -3.34
C ALA A 63 5.38 6.52 -4.27
N GLN A 64 5.82 7.63 -3.68
CA GLN A 64 6.14 8.83 -4.45
C GLN A 64 7.22 8.53 -5.49
N GLU A 65 8.22 7.76 -5.09
CA GLU A 65 9.30 7.36 -6.01
C GLU A 65 8.76 6.43 -7.09
N ILE A 66 8.06 5.38 -6.68
CA ILE A 66 7.53 4.41 -7.62
C ILE A 66 6.61 5.07 -8.65
N ALA A 67 5.73 5.96 -8.18
CA ALA A 67 4.82 6.67 -9.07
C ALA A 67 5.59 7.63 -9.97
N GLU A 68 6.57 8.31 -9.39
CA GLU A 68 7.40 9.26 -10.13
C GLU A 68 8.10 8.57 -11.30
N LYS A 69 8.80 7.49 -10.99
CA LYS A 69 9.66 6.83 -11.96
C LYS A 69 8.89 5.85 -12.83
N ALA A 70 7.57 5.93 -12.77
CA ALA A 70 6.72 5.03 -13.52
C ALA A 70 6.38 5.62 -14.89
N PRO A 71 6.64 4.87 -15.96
CA PRO A 71 6.26 5.28 -17.30
C PRO A 71 4.75 5.14 -17.51
N GLY A 72 4.06 6.25 -17.56
CA GLY A 72 2.63 6.24 -17.79
C GLY A 72 1.85 6.29 -16.49
N PRO A 73 0.55 5.98 -16.54
CA PRO A 73 -0.33 6.05 -15.37
C PRO A 73 -0.20 4.82 -14.48
N VAL A 74 -0.14 5.05 -13.18
CA VAL A 74 -0.08 3.97 -12.20
C VAL A 74 -1.11 4.17 -11.11
N LYS A 75 -1.39 3.11 -10.38
CA LYS A 75 -2.30 3.17 -9.25
C LYS A 75 -1.62 2.54 -8.05
N VAL A 76 -1.42 3.30 -6.99
CA VAL A 76 -0.71 2.80 -5.82
C VAL A 76 -1.65 2.67 -4.62
N LEU A 77 -1.64 1.49 -4.01
CA LEU A 77 -2.40 1.23 -2.80
C LEU A 77 -1.46 0.95 -1.64
N VAL A 78 -1.65 1.67 -0.55
CA VAL A 78 -0.84 1.46 0.63
C VAL A 78 -1.68 0.89 1.76
N LEU A 79 -1.21 -0.18 2.37
CA LEU A 79 -1.96 -0.86 3.42
C LEU A 79 -1.20 -0.81 4.75
N ILE A 80 -1.73 -0.06 5.70
CA ILE A 80 -1.13 0.03 7.02
C ILE A 80 -1.81 -0.99 7.95
N THR A 81 -1.01 -1.82 8.59
CA THR A 81 -1.55 -2.89 9.42
C THR A 81 -1.61 -2.52 10.90
N GLY A 82 -2.76 -2.78 11.52
CA GLY A 82 -2.89 -2.63 12.95
C GLY A 82 -3.21 -1.21 13.36
N SER A 83 -2.77 -0.85 14.56
CA SER A 83 -3.03 0.48 15.10
C SER A 83 -1.83 1.38 14.85
N ALA A 84 -2.10 2.61 14.47
CA ALA A 84 -1.06 3.60 14.22
C ALA A 84 -0.91 4.52 15.42
N ASP A 85 0.32 4.71 15.89
CA ASP A 85 0.59 5.65 16.97
C ASP A 85 0.29 7.07 16.52
N PRO A 86 0.05 8.00 17.45
CA PRO A 86 -0.25 9.40 17.12
C PRO A 86 0.72 9.96 16.08
N ASP A 87 2.00 9.74 16.30
CA ASP A 87 3.04 10.20 15.38
C ASP A 87 2.88 9.55 14.01
N GLU A 88 2.72 8.23 14.01
CA GLU A 88 2.57 7.46 12.78
C GLU A 88 1.32 7.90 12.02
N LYS A 89 0.25 8.10 12.76
CA LYS A 89 -1.02 8.53 12.19
C LYS A 89 -0.90 9.93 11.61
N THR A 90 -0.16 10.79 12.30
CA THR A 90 0.08 12.14 11.82
C THR A 90 0.87 12.10 10.51
N LYS A 91 1.87 11.24 10.46
CA LYS A 91 2.66 11.05 9.25
C LYS A 91 1.79 10.52 8.12
N ALA A 92 0.98 9.52 8.42
CA ALA A 92 0.13 8.88 7.42
C ALA A 92 -0.92 9.85 6.91
N LYS A 93 -1.34 10.76 7.78
CA LYS A 93 -2.32 11.76 7.42
C LYS A 93 -1.75 12.73 6.40
N LYS A 94 -0.61 13.32 6.72
CA LYS A 94 0.03 14.29 5.83
C LYS A 94 0.53 13.61 4.56
N ALA A 95 1.07 12.42 4.72
CA ALA A 95 1.62 11.66 3.61
C ALA A 95 0.54 11.29 2.61
N ALA A 96 -0.61 10.83 3.10
CA ALA A 96 -1.72 10.45 2.23
C ALA A 96 -2.28 11.68 1.52
N GLU A 97 -2.27 12.81 2.20
CA GLU A 97 -2.74 14.07 1.64
C GLU A 97 -1.91 14.41 0.39
N GLU A 98 -0.60 14.24 0.51
CA GLU A 98 0.32 14.44 -0.61
C GLU A 98 0.16 13.33 -1.64
N ALA A 99 0.14 12.10 -1.16
CA ALA A 99 0.10 10.91 -2.02
C ALA A 99 -1.16 10.88 -2.90
N ARG A 100 -2.21 11.57 -2.47
CA ARG A 100 -3.42 11.67 -3.27
C ARG A 100 -3.12 12.22 -4.66
N LYS A 101 -2.16 13.14 -4.73
CA LYS A 101 -1.80 13.78 -5.99
C LYS A 101 -0.88 12.87 -6.81
N TRP A 102 -0.40 11.82 -6.19
CA TRP A 102 0.46 10.84 -6.86
C TRP A 102 -0.35 9.62 -7.24
N ASN A 103 -1.68 9.75 -7.12
CA ASN A 103 -2.62 8.67 -7.43
C ASN A 103 -2.40 7.49 -6.48
N VAL A 104 -2.20 7.81 -5.22
CA VAL A 104 -2.00 6.81 -4.18
C VAL A 104 -3.12 6.88 -3.15
N ARG A 105 -3.62 5.73 -2.73
CA ARG A 105 -4.62 5.70 -1.67
C ARG A 105 -4.18 4.78 -0.54
N VAL A 106 -4.35 5.24 0.69
CA VAL A 106 -3.90 4.49 1.86
C VAL A 106 -5.08 3.91 2.62
N ARG A 107 -5.02 2.62 2.91
CA ARG A 107 -6.08 1.96 3.66
C ARG A 107 -5.49 1.18 4.83
N THR A 108 -6.28 1.05 5.89
CA THR A 108 -5.84 0.34 7.08
C THR A 108 -6.33 -1.10 7.06
N VAL A 109 -5.46 -2.03 7.43
CA VAL A 109 -5.82 -3.45 7.49
C VAL A 109 -5.49 -4.02 8.86
N THR A 110 -6.28 -4.99 9.28
CA THR A 110 -6.05 -5.66 10.56
C THR A 110 -5.82 -7.14 10.36
N SER A 111 -6.60 -7.73 9.47
CA SER A 111 -6.47 -9.13 9.13
C SER A 111 -6.17 -9.28 7.64
N PRO A 112 -5.57 -10.42 7.22
CA PRO A 112 -5.26 -10.68 5.82
C PRO A 112 -6.50 -10.72 4.94
N ASP A 113 -7.66 -10.92 5.57
CA ASP A 113 -8.93 -10.92 4.87
C ASP A 113 -9.23 -9.53 4.31
N GLU A 114 -8.99 -8.51 5.14
CA GLU A 114 -9.18 -7.13 4.73
C GLU A 114 -8.18 -6.76 3.64
N ALA A 115 -6.91 -7.11 3.87
CA ALA A 115 -5.85 -6.81 2.91
C ALA A 115 -6.16 -7.42 1.56
N LYS A 116 -6.49 -8.71 1.56
CA LYS A 116 -6.86 -9.42 0.34
C LYS A 116 -8.02 -8.73 -0.35
N ARG A 117 -8.98 -8.28 0.44
CA ARG A 117 -10.17 -7.61 -0.07
C ARG A 117 -9.82 -6.30 -0.75
N TRP A 118 -9.05 -5.46 -0.06
CA TRP A 118 -8.70 -4.15 -0.59
C TRP A 118 -7.87 -4.29 -1.86
N ILE A 119 -7.04 -5.31 -1.92
CA ILE A 119 -6.22 -5.59 -3.09
C ILE A 119 -7.09 -6.11 -4.23
N LYS A 120 -8.11 -6.89 -3.87
CA LYS A 120 -9.02 -7.46 -4.86
C LYS A 120 -9.78 -6.36 -5.60
N GLU A 121 -10.41 -5.47 -4.85
CA GLU A 121 -11.17 -4.36 -5.45
C GLU A 121 -10.24 -3.42 -6.21
N PHE A 122 -9.03 -3.25 -5.69
CA PHE A 122 -8.06 -2.35 -6.29
C PHE A 122 -7.45 -2.96 -7.55
N SER A 123 -7.46 -4.28 -7.63
CA SER A 123 -6.81 -5.01 -8.70
C SER A 123 -7.38 -4.63 -10.07
N GLU A 124 -8.59 -5.06 -10.37
CA GLU A 124 -9.20 -4.79 -11.66
C GLU A 124 -10.71 -4.64 -11.55
N GLU A 125 -11.20 -4.50 -10.33
CA GLU A 125 -12.63 -4.43 -10.09
C GLU A 125 -13.01 -3.07 -9.54
N MET A 21 -2.22 -2.39 -17.03
CA MET A 21 -2.38 -1.63 -15.77
C MET A 21 -1.30 -2.02 -14.77
N ARG A 22 -0.50 -1.06 -14.34
CA ARG A 22 0.49 -1.31 -13.33
C ARG A 22 0.01 -0.81 -11.98
N LEU A 23 -0.31 -1.75 -11.11
CA LEU A 23 -0.73 -1.41 -9.75
C LEU A 23 0.41 -1.71 -8.80
N VAL A 24 0.76 -0.73 -7.99
CA VAL A 24 1.86 -0.84 -7.06
C VAL A 24 1.33 -0.98 -5.64
N VAL A 25 1.77 -2.02 -4.94
CA VAL A 25 1.31 -2.25 -3.59
C VAL A 25 2.45 -2.11 -2.58
N LEU A 26 2.30 -1.17 -1.67
CA LEU A 26 3.25 -1.01 -0.57
C LEU A 26 2.63 -1.53 0.71
N ILE A 27 3.14 -2.64 1.19
CA ILE A 27 2.59 -3.28 2.37
C ILE A 27 3.57 -3.14 3.54
N VAL A 28 3.04 -2.84 4.71
CA VAL A 28 3.87 -2.63 5.88
C VAL A 28 4.12 -3.96 6.59
N SER A 29 5.38 -4.23 6.87
CA SER A 29 5.79 -5.51 7.41
C SER A 29 5.10 -5.83 8.73
N ASN A 30 4.92 -7.13 8.97
CA ASN A 30 4.12 -7.63 10.09
C ASN A 30 4.18 -9.15 10.05
N ASP A 31 3.37 -9.83 10.86
CA ASP A 31 3.27 -11.28 10.84
C ASP A 31 3.21 -11.82 9.41
N LYS A 32 4.02 -12.85 9.17
CA LYS A 32 4.24 -13.41 7.83
C LYS A 32 2.95 -13.79 7.11
N LYS A 33 1.89 -14.11 7.86
CA LYS A 33 0.63 -14.55 7.25
C LYS A 33 0.04 -13.46 6.37
N LEU A 34 0.02 -12.25 6.89
CA LEU A 34 -0.60 -11.12 6.21
C LEU A 34 0.21 -10.75 4.97
N ILE A 35 1.53 -10.75 5.11
CA ILE A 35 2.42 -10.38 4.00
C ILE A 35 2.25 -11.34 2.83
N GLU A 36 2.30 -12.64 3.13
CA GLU A 36 2.18 -13.66 2.09
C GLU A 36 0.84 -13.59 1.39
N GLU A 37 -0.23 -13.41 2.16
CA GLU A 37 -1.57 -13.36 1.59
C GLU A 37 -1.70 -12.18 0.63
N ALA A 38 -1.18 -11.04 1.04
CA ALA A 38 -1.19 -9.84 0.20
C ALA A 38 -0.30 -10.04 -1.01
N ARG A 39 0.84 -10.66 -0.79
CA ARG A 39 1.79 -10.97 -1.86
C ARG A 39 1.15 -11.91 -2.89
N LYS A 40 0.40 -12.89 -2.38
CA LYS A 40 -0.32 -13.82 -3.24
C LYS A 40 -1.32 -13.09 -4.11
N MET A 41 -2.09 -12.19 -3.51
CA MET A 41 -3.09 -11.42 -4.25
C MET A 41 -2.43 -10.53 -5.28
N ALA A 42 -1.28 -9.98 -4.93
CA ALA A 42 -0.53 -9.12 -5.84
C ALA A 42 -0.12 -9.89 -7.10
N GLU A 43 0.53 -11.04 -6.92
CA GLU A 43 1.00 -11.83 -8.06
C GLU A 43 -0.16 -12.51 -8.77
N LYS A 44 -1.29 -12.63 -8.07
CA LYS A 44 -2.50 -13.20 -8.65
C LYS A 44 -3.04 -12.29 -9.74
N ALA A 45 -3.00 -10.99 -9.48
CA ALA A 45 -3.50 -10.00 -10.44
C ALA A 45 -2.35 -9.35 -11.21
N ASN A 46 -1.15 -9.91 -11.02
CA ASN A 46 0.07 -9.43 -11.69
C ASN A 46 0.39 -8.00 -11.31
N LEU A 47 0.38 -7.73 -10.01
CA LEU A 47 0.66 -6.41 -9.48
C LEU A 47 2.05 -6.39 -8.85
N GLU A 48 2.63 -5.21 -8.72
CA GLU A 48 3.98 -5.07 -8.15
C GLU A 48 3.88 -4.69 -6.68
N LEU A 49 4.32 -5.60 -5.81
CA LEU A 49 4.20 -5.40 -4.38
C LEU A 49 5.57 -5.31 -3.73
N ILE A 50 5.70 -4.42 -2.76
CA ILE A 50 6.93 -4.25 -1.98
C ILE A 50 6.59 -4.23 -0.50
N THR A 51 7.32 -5.02 0.28
CA THR A 51 7.15 -5.04 1.72
C THR A 51 8.10 -4.05 2.38
N VAL A 52 7.55 -2.97 2.91
CA VAL A 52 8.35 -1.88 3.46
C VAL A 52 8.67 -2.11 4.94
N PRO A 53 9.58 -1.31 5.52
CA PRO A 53 9.77 -1.25 6.97
C PRO A 53 8.46 -0.95 7.70
N GLY A 54 8.42 -1.27 8.97
CA GLY A 54 7.20 -1.17 9.76
C GLY A 54 6.78 0.25 10.07
N SER A 55 7.42 1.23 9.45
CA SER A 55 7.05 2.62 9.66
C SER A 55 6.18 3.12 8.51
N PRO A 56 5.12 3.88 8.85
CA PRO A 56 4.16 4.39 7.88
C PRO A 56 4.75 5.48 7.00
N GLU A 57 5.74 6.18 7.55
CA GLU A 57 6.42 7.25 6.85
C GLU A 57 7.08 6.71 5.58
N GLU A 58 7.92 5.71 5.76
CA GLU A 58 8.67 5.11 4.67
C GLU A 58 7.75 4.44 3.66
N ALA A 59 6.62 3.95 4.14
CA ALA A 59 5.64 3.29 3.29
C ALA A 59 5.09 4.24 2.24
N ILE A 60 4.69 5.43 2.67
CA ILE A 60 4.10 6.40 1.77
C ILE A 60 5.19 7.04 0.90
N ARG A 61 6.37 7.25 1.47
CA ARG A 61 7.49 7.80 0.72
C ARG A 61 7.87 6.91 -0.44
N LEU A 62 7.83 5.59 -0.19
CA LEU A 62 8.09 4.60 -1.22
C LEU A 62 7.05 4.76 -2.34
N ALA A 63 5.79 4.76 -1.95
CA ALA A 63 4.68 4.89 -2.87
C ALA A 63 4.74 6.20 -3.65
N GLN A 64 5.05 7.28 -2.94
CA GLN A 64 5.13 8.61 -3.52
C GLN A 64 6.21 8.67 -4.60
N GLU A 65 7.31 7.96 -4.35
CA GLU A 65 8.41 7.87 -5.31
C GLU A 65 7.98 7.07 -6.54
N ILE A 66 7.45 5.88 -6.31
CA ILE A 66 7.06 5.00 -7.41
C ILE A 66 5.98 5.64 -8.28
N ALA A 67 5.00 6.29 -7.64
CA ALA A 67 3.91 6.93 -8.36
C ALA A 67 4.42 8.01 -9.29
N GLU A 68 5.33 8.83 -8.78
CA GLU A 68 5.92 9.91 -9.58
C GLU A 68 6.78 9.34 -10.70
N LYS A 69 7.60 8.36 -10.36
CA LYS A 69 8.57 7.80 -11.29
C LYS A 69 7.95 6.70 -12.15
N ALA A 70 6.63 6.68 -12.23
CA ALA A 70 5.93 5.72 -13.05
C ALA A 70 5.59 6.32 -14.41
N PRO A 71 6.15 5.76 -15.49
CA PRO A 71 5.84 6.21 -16.85
C PRO A 71 4.41 5.87 -17.23
N GLY A 72 3.56 6.89 -17.30
CA GLY A 72 2.20 6.70 -17.74
C GLY A 72 1.23 6.63 -16.58
N PRO A 73 0.13 5.87 -16.73
CA PRO A 73 -0.86 5.70 -15.67
C PRO A 73 -0.39 4.71 -14.61
N VAL A 74 -0.71 4.99 -13.35
CA VAL A 74 -0.27 4.14 -12.25
C VAL A 74 -1.24 4.25 -11.07
N LYS A 75 -1.45 3.14 -10.38
CA LYS A 75 -2.28 3.13 -9.18
C LYS A 75 -1.51 2.47 -8.05
N VAL A 76 -1.36 3.17 -6.94
CA VAL A 76 -0.61 2.66 -5.82
C VAL A 76 -1.51 2.46 -4.60
N LEU A 77 -1.37 1.31 -3.96
CA LEU A 77 -2.12 0.98 -2.75
C LEU A 77 -1.15 0.74 -1.60
N VAL A 78 -1.40 1.38 -0.47
CA VAL A 78 -0.54 1.22 0.70
C VAL A 78 -1.33 0.58 1.84
N LEU A 79 -0.79 -0.50 2.40
CA LEU A 79 -1.46 -1.25 3.45
C LEU A 79 -0.71 -1.12 4.77
N ILE A 80 -1.20 -0.24 5.64
CA ILE A 80 -0.63 -0.09 6.97
C ILE A 80 -1.18 -1.19 7.88
N THR A 81 -0.30 -1.95 8.50
CA THR A 81 -0.73 -3.11 9.26
C THR A 81 -1.05 -2.75 10.71
N GLY A 82 -2.08 -3.43 11.24
CA GLY A 82 -2.47 -3.24 12.61
C GLY A 82 -3.37 -2.04 12.78
N SER A 83 -3.12 -1.25 13.81
CA SER A 83 -3.83 0.00 14.01
C SER A 83 -2.87 1.17 13.81
N ALA A 84 -3.35 2.24 13.20
CA ALA A 84 -2.53 3.42 12.99
C ALA A 84 -2.72 4.40 14.14
N ASP A 85 -1.68 4.54 14.95
CA ASP A 85 -1.70 5.44 16.09
C ASP A 85 -1.63 6.90 15.62
N PRO A 86 -2.01 7.87 16.47
CA PRO A 86 -2.06 9.29 16.10
C PRO A 86 -0.86 9.77 15.28
N ASP A 87 0.36 9.50 15.73
CA ASP A 87 1.55 9.96 15.03
C ASP A 87 1.72 9.21 13.72
N GLU A 88 1.60 7.89 13.78
CA GLU A 88 1.72 7.04 12.60
C GLU A 88 0.70 7.46 11.54
N LYS A 89 -0.52 7.72 11.99
CA LYS A 89 -1.60 8.14 11.11
C LYS A 89 -1.30 9.51 10.50
N THR A 90 -0.76 10.40 11.32
CA THR A 90 -0.44 11.75 10.86
C THR A 90 0.71 11.74 9.86
N LYS A 91 1.74 10.94 10.16
CA LYS A 91 2.88 10.81 9.27
C LYS A 91 2.46 10.23 7.93
N ALA A 92 1.56 9.25 7.98
CA ALA A 92 1.04 8.65 6.78
C ALA A 92 0.15 9.63 6.03
N LYS A 93 -0.66 10.36 6.79
CA LYS A 93 -1.60 11.31 6.21
C LYS A 93 -0.88 12.41 5.44
N LYS A 94 0.07 13.07 6.10
CA LYS A 94 0.76 14.21 5.49
C LYS A 94 1.44 13.81 4.18
N ALA A 95 1.97 12.60 4.15
CA ALA A 95 2.65 12.11 2.97
C ALA A 95 1.65 11.60 1.93
N ALA A 96 0.55 11.02 2.41
CA ALA A 96 -0.49 10.50 1.54
C ALA A 96 -1.20 11.64 0.82
N GLU A 97 -1.40 12.75 1.52
CA GLU A 97 -2.03 13.92 0.93
C GLU A 97 -1.16 14.50 -0.17
N GLU A 98 0.15 14.33 -0.02
CA GLU A 98 1.09 14.76 -1.05
C GLU A 98 1.09 13.76 -2.20
N ALA A 99 1.00 12.48 -1.86
CA ALA A 99 1.00 11.40 -2.85
C ALA A 99 -0.36 11.29 -3.53
N ARG A 100 -1.37 11.93 -2.96
CA ARG A 100 -2.72 11.93 -3.52
C ARG A 100 -2.73 12.51 -4.93
N LYS A 101 -1.73 13.32 -5.22
CA LYS A 101 -1.60 13.95 -6.53
C LYS A 101 -1.39 12.90 -7.62
N TRP A 102 -1.00 11.69 -7.23
CA TRP A 102 -0.83 10.59 -8.17
C TRP A 102 -1.78 9.43 -7.84
N ASN A 103 -2.72 9.73 -6.95
CA ASN A 103 -3.73 8.76 -6.48
C ASN A 103 -3.06 7.56 -5.82
N VAL A 104 -2.54 7.79 -4.62
CA VAL A 104 -1.96 6.73 -3.81
C VAL A 104 -2.89 6.41 -2.64
N ARG A 105 -3.57 5.27 -2.76
CA ARG A 105 -4.59 4.90 -1.79
C ARG A 105 -3.98 4.16 -0.60
N VAL A 106 -3.78 4.89 0.49
CA VAL A 106 -3.30 4.29 1.71
C VAL A 106 -4.47 3.94 2.62
N ARG A 107 -4.44 2.74 3.20
CA ARG A 107 -5.45 2.33 4.15
C ARG A 107 -4.86 1.37 5.18
N THR A 108 -5.57 1.18 6.27
CA THR A 108 -5.08 0.36 7.37
C THR A 108 -5.72 -1.03 7.35
N VAL A 109 -4.88 -2.05 7.47
CA VAL A 109 -5.32 -3.42 7.50
C VAL A 109 -5.06 -4.05 8.87
N THR A 110 -6.11 -4.37 9.57
CA THR A 110 -5.98 -5.00 10.88
C THR A 110 -6.24 -6.49 10.76
N SER A 111 -7.01 -6.87 9.75
CA SER A 111 -7.33 -8.26 9.50
C SER A 111 -7.02 -8.61 8.04
N PRO A 112 -6.42 -9.80 7.81
CA PRO A 112 -6.01 -10.27 6.47
C PRO A 112 -7.13 -10.23 5.44
N ASP A 113 -8.38 -10.35 5.91
CA ASP A 113 -9.54 -10.29 5.02
C ASP A 113 -9.61 -8.95 4.32
N GLU A 114 -9.23 -7.89 5.02
CA GLU A 114 -9.25 -6.54 4.48
C GLU A 114 -8.26 -6.42 3.32
N ALA A 115 -7.00 -6.73 3.58
CA ALA A 115 -5.97 -6.62 2.57
C ALA A 115 -6.35 -7.39 1.31
N LYS A 116 -6.84 -8.61 1.50
CA LYS A 116 -7.18 -9.48 0.39
C LYS A 116 -8.32 -8.90 -0.45
N ARG A 117 -9.28 -8.26 0.20
CA ARG A 117 -10.41 -7.69 -0.52
C ARG A 117 -10.06 -6.34 -1.13
N TRP A 118 -9.28 -5.52 -0.41
CA TRP A 118 -8.97 -4.17 -0.85
C TRP A 118 -8.01 -4.18 -2.04
N ILE A 119 -7.06 -5.11 -2.04
CA ILE A 119 -6.16 -5.25 -3.18
C ILE A 119 -6.95 -5.65 -4.42
N LYS A 120 -7.94 -6.51 -4.22
CA LYS A 120 -8.79 -6.95 -5.31
C LYS A 120 -9.68 -5.82 -5.81
N GLU A 121 -10.23 -5.04 -4.88
CA GLU A 121 -11.13 -3.95 -5.23
C GLU A 121 -10.38 -2.83 -5.96
N PHE A 122 -9.18 -2.52 -5.50
CA PHE A 122 -8.39 -1.45 -6.10
C PHE A 122 -7.83 -1.90 -7.45
N SER A 123 -7.75 -3.21 -7.65
CA SER A 123 -7.28 -3.77 -8.90
C SER A 123 -8.42 -3.93 -9.90
N GLU A 124 -9.52 -4.49 -9.42
CA GLU A 124 -10.67 -4.85 -10.25
C GLU A 124 -10.31 -5.99 -11.19
N GLU A 125 -9.54 -5.67 -12.22
CA GLU A 125 -9.04 -6.66 -13.17
C GLU A 125 -8.13 -5.98 -14.19
N MET A 21 -0.63 0.73 -18.10
CA MET A 21 -1.14 1.08 -16.76
C MET A 21 -0.52 0.18 -15.70
N ARG A 22 0.08 0.77 -14.69
CA ARG A 22 0.78 0.01 -13.67
C ARG A 22 0.08 0.12 -12.32
N LEU A 23 -0.25 -1.03 -11.75
CA LEU A 23 -0.85 -1.07 -10.43
C LEU A 23 0.15 -1.64 -9.44
N VAL A 24 0.42 -0.87 -8.38
CA VAL A 24 1.44 -1.23 -7.41
C VAL A 24 0.84 -1.36 -6.02
N VAL A 25 1.40 -2.26 -5.22
CA VAL A 25 0.93 -2.47 -3.86
C VAL A 25 2.10 -2.34 -2.89
N LEU A 26 1.95 -1.49 -1.90
CA LEU A 26 2.96 -1.36 -0.86
C LEU A 26 2.37 -1.77 0.47
N ILE A 27 3.01 -2.73 1.11
CA ILE A 27 2.50 -3.26 2.36
C ILE A 27 3.53 -3.08 3.48
N VAL A 28 3.04 -2.88 4.69
CA VAL A 28 3.91 -2.76 5.85
C VAL A 28 4.15 -4.15 6.43
N SER A 29 5.41 -4.43 6.75
CA SER A 29 5.80 -5.75 7.23
C SER A 29 5.07 -6.11 8.53
N ASN A 30 4.25 -7.13 8.45
CA ASN A 30 3.49 -7.63 9.59
C ASN A 30 3.60 -9.15 9.61
N ASP A 31 2.82 -9.79 10.48
CA ASP A 31 2.87 -11.25 10.65
C ASP A 31 2.85 -11.99 9.29
N LYS A 32 3.58 -13.10 9.27
CA LYS A 32 3.82 -13.93 8.09
C LYS A 32 2.64 -14.05 7.13
N LYS A 33 1.46 -14.42 7.66
CA LYS A 33 0.33 -14.75 6.80
C LYS A 33 -0.18 -13.55 6.00
N LEU A 34 -0.09 -12.36 6.58
CA LEU A 34 -0.52 -11.15 5.90
C LEU A 34 0.35 -10.88 4.68
N ILE A 35 1.67 -10.99 4.89
CA ILE A 35 2.62 -10.78 3.81
C ILE A 35 2.43 -11.80 2.70
N GLU A 36 2.00 -13.00 3.08
CA GLU A 36 1.74 -14.05 2.13
C GLU A 36 0.51 -13.75 1.30
N GLU A 37 -0.65 -13.68 1.95
CA GLU A 37 -1.93 -13.48 1.25
C GLU A 37 -1.91 -12.23 0.38
N ALA A 38 -1.34 -11.15 0.90
CA ALA A 38 -1.29 -9.89 0.16
C ALA A 38 -0.46 -10.05 -1.11
N ARG A 39 0.64 -10.77 -1.02
CA ARG A 39 1.53 -10.94 -2.15
C ARG A 39 0.96 -11.97 -3.13
N LYS A 40 0.25 -12.95 -2.61
CA LYS A 40 -0.38 -13.96 -3.45
C LYS A 40 -1.45 -13.33 -4.34
N MET A 41 -2.11 -12.32 -3.80
CA MET A 41 -3.10 -11.57 -4.57
C MET A 41 -2.41 -10.73 -5.63
N ALA A 42 -1.27 -10.17 -5.26
CA ALA A 42 -0.46 -9.38 -6.17
C ALA A 42 0.05 -10.25 -7.32
N GLU A 43 0.52 -11.44 -6.98
CA GLU A 43 0.99 -12.40 -7.97
C GLU A 43 -0.16 -12.86 -8.86
N LYS A 44 -1.37 -12.83 -8.31
CA LYS A 44 -2.55 -13.32 -9.00
C LYS A 44 -2.98 -12.33 -10.09
N ALA A 45 -3.31 -11.10 -9.68
CA ALA A 45 -3.89 -10.14 -10.61
C ALA A 45 -2.84 -9.18 -11.18
N ASN A 46 -1.58 -9.59 -11.12
CA ASN A 46 -0.47 -8.84 -11.70
C ASN A 46 -0.30 -7.47 -11.03
N LEU A 47 0.10 -7.49 -9.77
CA LEU A 47 0.39 -6.27 -9.04
C LEU A 47 1.84 -6.27 -8.60
N GLU A 48 2.47 -5.12 -8.65
CA GLU A 48 3.84 -4.97 -8.19
C GLU A 48 3.84 -4.63 -6.70
N LEU A 49 4.13 -5.62 -5.86
CA LEU A 49 4.04 -5.41 -4.42
C LEU A 49 5.43 -5.29 -3.80
N ILE A 50 5.57 -4.31 -2.91
CA ILE A 50 6.82 -4.08 -2.20
C ILE A 50 6.57 -4.08 -0.68
N THR A 51 7.43 -4.78 0.05
CA THR A 51 7.35 -4.82 1.50
C THR A 51 8.23 -3.72 2.13
N VAL A 52 7.65 -2.92 3.01
CA VAL A 52 8.37 -1.81 3.61
C VAL A 52 8.61 -2.04 5.10
N PRO A 53 9.47 -1.21 5.71
CA PRO A 53 9.61 -1.15 7.17
C PRO A 53 8.29 -0.84 7.87
N GLY A 54 8.23 -1.17 9.14
CA GLY A 54 7.01 -1.11 9.93
C GLY A 54 6.44 0.29 10.11
N SER A 55 7.16 1.31 9.69
CA SER A 55 6.66 2.67 9.78
C SER A 55 5.92 3.08 8.52
N PRO A 56 4.73 3.66 8.68
CA PRO A 56 3.88 4.06 7.56
C PRO A 56 4.44 5.25 6.78
N GLU A 57 5.27 6.06 7.42
CA GLU A 57 5.85 7.23 6.78
C GLU A 57 6.74 6.80 5.61
N GLU A 58 7.45 5.69 5.78
CA GLU A 58 8.32 5.16 4.75
C GLU A 58 7.48 4.61 3.60
N ALA A 59 6.38 3.97 3.95
CA ALA A 59 5.48 3.38 2.98
C ALA A 59 4.94 4.42 2.02
N ILE A 60 4.49 5.55 2.57
CA ILE A 60 3.90 6.61 1.76
C ILE A 60 4.94 7.22 0.83
N ARG A 61 6.10 7.56 1.38
CA ARG A 61 7.17 8.18 0.60
C ARG A 61 7.65 7.24 -0.50
N LEU A 62 7.76 5.95 -0.18
CA LEU A 62 8.16 4.96 -1.15
C LEU A 62 7.14 4.90 -2.28
N ALA A 63 5.86 4.80 -1.91
CA ALA A 63 4.79 4.69 -2.90
C ALA A 63 4.68 5.96 -3.73
N GLN A 64 4.98 7.10 -3.12
CA GLN A 64 5.03 8.36 -3.84
C GLN A 64 6.11 8.31 -4.92
N GLU A 65 7.24 7.70 -4.57
CA GLU A 65 8.32 7.49 -5.52
C GLU A 65 7.94 6.44 -6.56
N ILE A 66 7.17 5.44 -6.14
CA ILE A 66 6.64 4.43 -7.05
C ILE A 66 6.00 5.09 -8.25
N ALA A 67 5.01 5.93 -7.99
CA ALA A 67 4.26 6.61 -9.04
C ALA A 67 5.14 7.60 -9.78
N GLU A 68 6.02 8.27 -9.04
CA GLU A 68 6.90 9.28 -9.60
C GLU A 68 7.86 8.67 -10.62
N LYS A 69 8.28 7.43 -10.39
CA LYS A 69 9.22 6.77 -11.30
C LYS A 69 8.49 5.80 -12.22
N ALA A 70 7.17 5.80 -12.15
CA ALA A 70 6.37 4.88 -12.96
C ALA A 70 6.08 5.48 -14.33
N PRO A 71 6.30 4.72 -15.40
CA PRO A 71 5.99 5.16 -16.76
C PRO A 71 4.53 4.94 -17.13
N GLY A 72 3.78 6.04 -17.20
CA GLY A 72 2.41 5.97 -17.65
C GLY A 72 1.42 6.05 -16.52
N PRO A 73 0.16 5.67 -16.75
CA PRO A 73 -0.88 5.67 -15.73
C PRO A 73 -0.58 4.68 -14.61
N VAL A 74 -0.48 5.18 -13.39
CA VAL A 74 -0.05 4.37 -12.27
C VAL A 74 -0.91 4.63 -11.03
N LYS A 75 -1.19 3.58 -10.29
CA LYS A 75 -1.87 3.68 -9.01
C LYS A 75 -1.27 2.71 -8.02
N VAL A 76 -1.06 3.16 -6.80
CA VAL A 76 -0.43 2.33 -5.78
C VAL A 76 -1.25 2.29 -4.50
N LEU A 77 -1.44 1.10 -3.98
CA LEU A 77 -2.20 0.90 -2.76
C LEU A 77 -1.25 0.64 -1.58
N VAL A 78 -1.36 1.45 -0.55
CA VAL A 78 -0.55 1.29 0.65
C VAL A 78 -1.39 0.67 1.77
N LEU A 79 -0.96 -0.48 2.25
CA LEU A 79 -1.66 -1.18 3.31
C LEU A 79 -0.97 -0.93 4.64
N ILE A 80 -1.56 -0.06 5.45
CA ILE A 80 -1.03 0.27 6.76
C ILE A 80 -1.49 -0.78 7.77
N THR A 81 -0.55 -1.49 8.35
CA THR A 81 -0.86 -2.58 9.24
C THR A 81 -1.13 -2.08 10.66
N GLY A 82 -2.33 -2.34 11.14
CA GLY A 82 -2.68 -1.94 12.48
C GLY A 82 -3.22 -0.53 12.54
N SER A 83 -3.52 -0.07 13.74
CA SER A 83 -4.02 1.27 13.95
C SER A 83 -2.85 2.25 14.06
N ALA A 84 -2.91 3.33 13.30
CA ALA A 84 -1.86 4.34 13.32
C ALA A 84 -2.00 5.24 14.55
N ASP A 85 -1.01 5.17 15.42
CA ASP A 85 -0.99 6.01 16.63
C ASP A 85 -0.79 7.48 16.25
N PRO A 86 -1.14 8.41 17.17
CA PRO A 86 -1.12 9.86 16.91
C PRO A 86 0.03 10.36 16.04
N ASP A 87 1.26 10.00 16.39
CA ASP A 87 2.44 10.48 15.65
C ASP A 87 2.46 9.91 14.24
N GLU A 88 2.27 8.59 14.14
CA GLU A 88 2.25 7.91 12.85
C GLU A 88 1.13 8.49 11.99
N LYS A 89 -0.01 8.71 12.62
CA LYS A 89 -1.19 9.25 11.96
C LYS A 89 -0.88 10.65 11.42
N THR A 90 -0.13 11.42 12.21
CA THR A 90 0.26 12.77 11.80
C THR A 90 1.17 12.71 10.57
N LYS A 91 2.07 11.74 10.54
CA LYS A 91 2.96 11.56 9.41
C LYS A 91 2.17 11.09 8.19
N ALA A 92 1.24 10.18 8.42
CA ALA A 92 0.49 9.56 7.34
C ALA A 92 -0.51 10.53 6.73
N LYS A 93 -1.24 11.26 7.57
CA LYS A 93 -2.32 12.11 7.10
C LYS A 93 -1.81 13.20 6.16
N LYS A 94 -0.60 13.69 6.44
CA LYS A 94 0.02 14.73 5.62
C LYS A 94 0.62 14.12 4.36
N ALA A 95 1.44 13.09 4.54
CA ALA A 95 2.14 12.47 3.43
C ALA A 95 1.17 11.84 2.43
N ALA A 96 0.16 11.17 2.96
CA ALA A 96 -0.83 10.51 2.11
C ALA A 96 -1.64 11.53 1.33
N GLU A 97 -1.82 12.71 1.90
CA GLU A 97 -2.53 13.79 1.22
C GLU A 97 -1.72 14.30 0.04
N GLU A 98 -0.42 14.51 0.28
CA GLU A 98 0.48 14.97 -0.76
C GLU A 98 0.62 13.91 -1.86
N ALA A 99 0.89 12.68 -1.43
CA ALA A 99 1.12 11.58 -2.35
C ALA A 99 -0.17 11.13 -3.03
N ARG A 100 -1.31 11.53 -2.49
CA ARG A 100 -2.62 11.14 -3.03
C ARG A 100 -2.77 11.60 -4.48
N LYS A 101 -2.07 12.68 -4.84
CA LYS A 101 -2.10 13.18 -6.21
C LYS A 101 -1.53 12.14 -7.18
N TRP A 102 -0.62 11.32 -6.66
CA TRP A 102 0.06 10.30 -7.46
C TRP A 102 -0.73 8.99 -7.43
N ASN A 103 -1.99 9.09 -7.03
CA ASN A 103 -2.89 7.92 -6.95
C ASN A 103 -2.44 6.97 -5.84
N VAL A 104 -1.81 7.52 -4.82
CA VAL A 104 -1.43 6.74 -3.65
C VAL A 104 -2.62 6.60 -2.71
N ARG A 105 -3.13 5.38 -2.59
CA ARG A 105 -4.29 5.11 -1.76
C ARG A 105 -3.86 4.44 -0.47
N VAL A 106 -4.33 4.93 0.66
CA VAL A 106 -3.96 4.38 1.96
C VAL A 106 -5.13 3.65 2.60
N ARG A 107 -4.91 2.39 2.97
CA ARG A 107 -5.93 1.60 3.63
C ARG A 107 -5.36 0.95 4.89
N THR A 108 -6.18 0.87 5.94
CA THR A 108 -5.77 0.26 7.18
C THR A 108 -6.11 -1.23 7.18
N VAL A 109 -5.12 -2.05 7.50
CA VAL A 109 -5.31 -3.49 7.53
C VAL A 109 -4.90 -4.07 8.88
N THR A 110 -5.80 -4.82 9.50
CA THR A 110 -5.49 -5.49 10.75
C THR A 110 -5.48 -7.00 10.57
N SER A 111 -6.23 -7.47 9.58
CA SER A 111 -6.30 -8.90 9.29
C SER A 111 -6.08 -9.15 7.79
N PRO A 112 -5.45 -10.29 7.46
CA PRO A 112 -5.06 -10.64 6.09
C PRO A 112 -6.23 -10.66 5.10
N ASP A 113 -7.44 -10.92 5.61
CA ASP A 113 -8.62 -10.93 4.76
C ASP A 113 -8.90 -9.54 4.20
N GLU A 114 -8.61 -8.53 5.00
CA GLU A 114 -8.83 -7.14 4.60
C GLU A 114 -7.90 -6.77 3.45
N ALA A 115 -6.62 -7.09 3.61
CA ALA A 115 -5.62 -6.77 2.60
C ALA A 115 -6.00 -7.35 1.24
N LYS A 116 -6.30 -8.63 1.21
CA LYS A 116 -6.66 -9.31 -0.04
C LYS A 116 -8.01 -8.82 -0.55
N ARG A 117 -8.82 -8.26 0.34
CA ARG A 117 -10.12 -7.72 -0.03
C ARG A 117 -9.92 -6.38 -0.74
N TRP A 118 -9.12 -5.51 -0.13
CA TRP A 118 -8.79 -4.21 -0.73
C TRP A 118 -8.10 -4.39 -2.07
N ILE A 119 -7.02 -5.17 -2.07
CA ILE A 119 -6.23 -5.39 -3.28
C ILE A 119 -7.09 -5.93 -4.42
N LYS A 120 -8.02 -6.81 -4.09
CA LYS A 120 -8.89 -7.42 -5.09
C LYS A 120 -9.71 -6.36 -5.84
N GLU A 121 -10.22 -5.38 -5.11
CA GLU A 121 -11.04 -4.33 -5.70
C GLU A 121 -10.18 -3.26 -6.39
N PHE A 122 -9.04 -2.93 -5.78
CA PHE A 122 -8.15 -1.93 -6.36
C PHE A 122 -7.49 -2.44 -7.63
N SER A 123 -7.43 -3.76 -7.79
CA SER A 123 -6.95 -4.36 -9.02
C SER A 123 -8.07 -4.38 -10.06
N GLU A 124 -9.30 -4.60 -9.59
CA GLU A 124 -10.47 -4.60 -10.45
C GLU A 124 -10.70 -3.19 -11.01
N GLU A 125 -10.54 -2.22 -10.14
CA GLU A 125 -10.69 -0.82 -10.50
C GLU A 125 -9.54 -0.02 -9.90
N MET A 21 -0.95 0.59 -17.17
CA MET A 21 -1.26 1.11 -15.82
C MET A 21 -0.68 0.18 -14.76
N ARG A 22 0.16 0.72 -13.89
CA ARG A 22 0.78 -0.08 -12.84
C ARG A 22 -0.08 -0.12 -11.60
N LEU A 23 -0.22 -1.32 -11.03
CA LEU A 23 -0.95 -1.49 -9.79
C LEU A 23 0.03 -1.75 -8.65
N VAL A 24 0.31 -0.72 -7.89
CA VAL A 24 1.31 -0.83 -6.83
C VAL A 24 0.65 -1.05 -5.48
N VAL A 25 0.91 -2.19 -4.87
CA VAL A 25 0.40 -2.49 -3.55
C VAL A 25 1.53 -2.49 -2.55
N LEU A 26 1.49 -1.55 -1.62
CA LEU A 26 2.52 -1.44 -0.60
C LEU A 26 1.94 -1.76 0.76
N ILE A 27 2.55 -2.70 1.46
CA ILE A 27 2.00 -3.17 2.71
C ILE A 27 2.94 -2.85 3.88
N VAL A 28 2.38 -2.26 4.93
CA VAL A 28 3.14 -1.93 6.12
C VAL A 28 2.73 -2.86 7.25
N SER A 29 3.51 -3.92 7.46
CA SER A 29 3.22 -4.89 8.48
C SER A 29 4.38 -5.86 8.60
N ASN A 30 4.61 -6.37 9.80
CA ASN A 30 5.50 -7.51 9.91
C ASN A 30 4.72 -8.71 10.42
N ASP A 31 3.98 -9.30 9.50
CA ASP A 31 3.30 -10.57 9.71
C ASP A 31 3.67 -11.50 8.57
N LYS A 32 4.45 -12.53 8.87
CA LYS A 32 5.01 -13.39 7.84
C LYS A 32 3.95 -14.00 6.93
N LYS A 33 2.77 -14.28 7.47
CA LYS A 33 1.71 -14.87 6.67
C LYS A 33 1.01 -13.81 5.82
N LEU A 34 0.60 -12.72 6.45
CA LEU A 34 -0.08 -11.63 5.74
C LEU A 34 0.77 -11.13 4.57
N ILE A 35 2.06 -10.97 4.83
CA ILE A 35 2.98 -10.47 3.82
C ILE A 35 2.97 -11.35 2.57
N GLU A 36 3.16 -12.65 2.75
CA GLU A 36 3.20 -13.55 1.61
C GLU A 36 1.82 -13.77 1.02
N GLU A 37 0.80 -13.89 1.85
CA GLU A 37 -0.55 -14.13 1.36
C GLU A 37 -1.01 -13.00 0.44
N ALA A 38 -0.75 -11.77 0.85
CA ALA A 38 -1.11 -10.61 0.06
C ALA A 38 -0.26 -10.52 -1.20
N ARG A 39 1.00 -10.94 -1.11
CA ARG A 39 1.84 -10.97 -2.29
C ARG A 39 1.37 -12.04 -3.26
N LYS A 40 1.10 -13.23 -2.73
CA LYS A 40 0.60 -14.35 -3.53
C LYS A 40 -0.57 -13.92 -4.42
N MET A 41 -1.55 -13.27 -3.80
CA MET A 41 -2.74 -12.86 -4.52
C MET A 41 -2.46 -11.70 -5.48
N ALA A 42 -1.65 -10.74 -5.04
CA ALA A 42 -1.36 -9.55 -5.85
C ALA A 42 -0.47 -9.91 -7.04
N GLU A 43 0.60 -10.64 -6.77
CA GLU A 43 1.56 -11.00 -7.80
C GLU A 43 0.94 -11.99 -8.78
N LYS A 44 -0.04 -12.74 -8.31
CA LYS A 44 -0.79 -13.66 -9.17
C LYS A 44 -1.66 -12.86 -10.14
N ALA A 45 -2.16 -11.71 -9.66
CA ALA A 45 -2.97 -10.83 -10.49
C ALA A 45 -2.09 -9.86 -11.27
N ASN A 46 -0.78 -10.12 -11.24
CA ASN A 46 0.21 -9.35 -12.00
C ASN A 46 0.33 -7.92 -11.45
N LEU A 47 0.14 -7.78 -10.16
CA LEU A 47 0.36 -6.49 -9.50
C LEU A 47 1.76 -6.47 -8.91
N GLU A 48 2.23 -5.29 -8.52
CA GLU A 48 3.52 -5.20 -7.88
C GLU A 48 3.35 -4.86 -6.41
N LEU A 49 3.50 -5.87 -5.56
CA LEU A 49 3.35 -5.69 -4.13
C LEU A 49 4.71 -5.69 -3.47
N ILE A 50 5.01 -4.61 -2.78
CA ILE A 50 6.27 -4.47 -2.07
C ILE A 50 6.01 -4.33 -0.59
N THR A 51 6.74 -5.10 0.21
CA THR A 51 6.60 -5.05 1.65
C THR A 51 7.44 -3.92 2.23
N VAL A 52 6.79 -3.04 2.96
CA VAL A 52 7.45 -1.91 3.58
C VAL A 52 7.73 -2.20 5.05
N PRO A 53 8.87 -1.70 5.57
CA PRO A 53 9.11 -1.68 7.01
C PRO A 53 7.93 -1.05 7.76
N GLY A 54 7.87 -1.33 9.04
CA GLY A 54 6.70 -1.00 9.84
C GLY A 54 6.47 0.49 10.06
N SER A 55 7.21 1.32 9.34
CA SER A 55 6.99 2.74 9.41
C SER A 55 6.08 3.19 8.27
N PRO A 56 4.86 3.67 8.59
CA PRO A 56 3.90 4.16 7.60
C PRO A 56 4.42 5.35 6.81
N GLU A 57 5.28 6.14 7.44
CA GLU A 57 5.88 7.30 6.78
C GLU A 57 6.78 6.87 5.62
N GLU A 58 7.50 5.77 5.81
CA GLU A 58 8.40 5.26 4.79
C GLU A 58 7.61 4.74 3.59
N ALA A 59 6.47 4.13 3.89
CA ALA A 59 5.61 3.54 2.87
C ALA A 59 5.10 4.58 1.87
N ILE A 60 4.61 5.69 2.38
CA ILE A 60 4.04 6.74 1.53
C ILE A 60 5.13 7.33 0.65
N ARG A 61 6.31 7.48 1.22
CA ARG A 61 7.45 8.01 0.49
C ARG A 61 7.92 6.99 -0.56
N LEU A 62 7.77 5.71 -0.24
CA LEU A 62 8.10 4.64 -1.17
C LEU A 62 7.15 4.69 -2.36
N ALA A 63 5.87 4.92 -2.07
CA ALA A 63 4.86 5.07 -3.10
C ALA A 63 5.19 6.25 -4.00
N GLN A 64 5.62 7.34 -3.39
CA GLN A 64 6.03 8.54 -4.11
C GLN A 64 7.16 8.23 -5.08
N GLU A 65 8.09 7.38 -4.65
CA GLU A 65 9.19 6.97 -5.50
C GLU A 65 8.69 6.21 -6.72
N ILE A 66 7.97 5.13 -6.47
CA ILE A 66 7.49 4.25 -7.55
C ILE A 66 6.61 5.01 -8.54
N ALA A 67 5.66 5.77 -8.03
CA ALA A 67 4.65 6.40 -8.87
C ALA A 67 5.22 7.57 -9.69
N GLU A 68 6.12 8.36 -9.10
CA GLU A 68 6.66 9.53 -9.79
C GLU A 68 7.63 9.11 -10.89
N LYS A 69 8.36 8.02 -10.68
CA LYS A 69 9.34 7.57 -11.65
C LYS A 69 8.69 6.73 -12.73
N ALA A 70 7.46 6.30 -12.49
CA ALA A 70 6.73 5.46 -13.43
C ALA A 70 6.13 6.29 -14.55
N PRO A 71 6.50 5.98 -15.81
CA PRO A 71 5.94 6.66 -16.96
C PRO A 71 4.55 6.13 -17.32
N GLY A 72 3.54 6.94 -17.06
CA GLY A 72 2.18 6.56 -17.41
C GLY A 72 1.25 6.59 -16.22
N PRO A 73 -0.02 6.19 -16.41
CA PRO A 73 -1.01 6.17 -15.33
C PRO A 73 -0.72 5.08 -14.30
N VAL A 74 -0.51 5.51 -13.07
CA VAL A 74 -0.21 4.59 -11.99
C VAL A 74 -1.08 4.90 -10.78
N LYS A 75 -1.44 3.86 -10.04
CA LYS A 75 -2.18 4.05 -8.80
C LYS A 75 -1.56 3.17 -7.72
N VAL A 76 -1.47 3.70 -6.52
CA VAL A 76 -0.83 2.99 -5.43
C VAL A 76 -1.80 2.81 -4.26
N LEU A 77 -1.79 1.63 -3.69
CA LEU A 77 -2.63 1.33 -2.54
C LEU A 77 -1.75 0.84 -1.42
N VAL A 78 -1.61 1.65 -0.40
CA VAL A 78 -0.76 1.28 0.71
C VAL A 78 -1.61 0.84 1.91
N LEU A 79 -1.35 -0.37 2.37
CA LEU A 79 -2.13 -0.97 3.42
C LEU A 79 -1.32 -1.01 4.72
N ILE A 80 -1.71 -0.17 5.67
CA ILE A 80 -1.05 -0.16 6.96
C ILE A 80 -1.77 -1.10 7.93
N THR A 81 -1.04 -2.05 8.47
CA THR A 81 -1.64 -3.04 9.36
C THR A 81 -1.41 -2.68 10.82
N GLY A 82 -2.47 -2.74 11.61
CA GLY A 82 -2.35 -2.49 13.02
C GLY A 82 -2.90 -1.14 13.43
N SER A 83 -2.55 -0.71 14.62
CA SER A 83 -2.99 0.58 15.13
C SER A 83 -1.89 1.61 14.96
N ALA A 84 -2.16 2.63 14.16
CA ALA A 84 -1.20 3.70 13.93
C ALA A 84 -1.17 4.63 15.13
N ASP A 85 0.01 4.81 15.72
CA ASP A 85 0.18 5.74 16.83
C ASP A 85 0.14 7.17 16.30
N PRO A 86 -0.18 8.15 17.16
CA PRO A 86 -0.33 9.56 16.79
C PRO A 86 0.66 10.04 15.72
N ASP A 87 1.96 9.79 15.93
CA ASP A 87 2.98 10.19 14.98
C ASP A 87 2.77 9.53 13.63
N GLU A 88 2.73 8.21 13.64
CA GLU A 88 2.57 7.41 12.43
C GLU A 88 1.29 7.79 11.70
N LYS A 89 0.24 8.01 12.48
CA LYS A 89 -1.06 8.39 11.94
C LYS A 89 -0.96 9.72 11.20
N THR A 90 -0.26 10.68 11.81
CA THR A 90 -0.09 12.00 11.21
C THR A 90 0.83 11.94 10.00
N LYS A 91 1.90 11.14 10.12
CA LYS A 91 2.85 10.96 9.03
C LYS A 91 2.14 10.46 7.78
N ALA A 92 1.40 9.37 7.93
CA ALA A 92 0.71 8.73 6.81
C ALA A 92 -0.47 9.59 6.36
N LYS A 93 -0.92 10.49 7.22
CA LYS A 93 -2.03 11.36 6.91
C LYS A 93 -1.60 12.50 6.01
N LYS A 94 -0.59 13.24 6.44
CA LYS A 94 -0.13 14.42 5.71
C LYS A 94 0.56 14.00 4.42
N ALA A 95 1.32 12.93 4.47
CA ALA A 95 2.03 12.43 3.30
C ALA A 95 1.05 11.94 2.24
N ALA A 96 -0.09 11.41 2.68
CA ALA A 96 -1.12 10.91 1.77
C ALA A 96 -1.70 12.05 0.94
N GLU A 97 -1.82 13.22 1.57
CA GLU A 97 -2.37 14.40 0.90
C GLU A 97 -1.44 14.87 -0.20
N GLU A 98 -0.15 14.58 -0.04
CA GLU A 98 0.86 15.00 -1.00
C GLU A 98 1.03 13.95 -2.09
N ALA A 99 1.07 12.68 -1.68
CA ALA A 99 1.32 11.58 -2.61
C ALA A 99 0.13 11.30 -3.51
N ARG A 100 -1.03 11.85 -3.16
CA ARG A 100 -2.25 11.61 -3.93
C ARG A 100 -2.14 12.19 -5.35
N LYS A 101 -1.10 12.99 -5.59
CA LYS A 101 -0.83 13.53 -6.91
C LYS A 101 -0.64 12.41 -7.92
N TRP A 102 -0.14 11.28 -7.45
CA TRP A 102 0.14 10.15 -8.31
C TRP A 102 -0.82 9.00 -7.99
N ASN A 103 -2.03 9.36 -7.58
CA ASN A 103 -3.09 8.40 -7.29
C ASN A 103 -2.67 7.43 -6.18
N VAL A 104 -1.94 7.94 -5.19
CA VAL A 104 -1.56 7.14 -4.04
C VAL A 104 -2.63 7.27 -2.96
N ARG A 105 -3.11 6.12 -2.47
CA ARG A 105 -4.15 6.11 -1.46
C ARG A 105 -3.73 5.25 -0.27
N VAL A 106 -4.13 5.68 0.92
CA VAL A 106 -3.77 4.96 2.15
C VAL A 106 -5.00 4.29 2.75
N ARG A 107 -4.89 3.00 3.04
CA ARG A 107 -5.99 2.26 3.63
C ARG A 107 -5.48 1.36 4.75
N THR A 108 -6.19 1.38 5.86
CA THR A 108 -5.79 0.61 7.03
C THR A 108 -6.38 -0.79 7.01
N VAL A 109 -5.55 -1.77 7.34
CA VAL A 109 -6.00 -3.16 7.43
C VAL A 109 -5.66 -3.73 8.80
N THR A 110 -6.57 -4.52 9.35
CA THR A 110 -6.36 -5.15 10.64
C THR A 110 -6.43 -6.67 10.52
N SER A 111 -6.80 -7.15 9.35
CA SER A 111 -6.91 -8.58 9.08
C SER A 111 -6.61 -8.87 7.62
N PRO A 112 -5.92 -9.99 7.34
CA PRO A 112 -5.53 -10.39 5.97
C PRO A 112 -6.75 -10.63 5.09
N ASP A 113 -7.83 -11.13 5.68
CA ASP A 113 -9.08 -11.35 4.97
C ASP A 113 -9.60 -10.04 4.40
N GLU A 114 -9.43 -8.98 5.19
CA GLU A 114 -9.86 -7.66 4.80
C GLU A 114 -8.93 -7.09 3.74
N ALA A 115 -7.63 -7.23 3.97
CA ALA A 115 -6.63 -6.76 3.02
C ALA A 115 -6.84 -7.40 1.65
N LYS A 116 -7.20 -8.68 1.68
CA LYS A 116 -7.48 -9.44 0.48
C LYS A 116 -8.57 -8.78 -0.36
N ARG A 117 -9.66 -8.38 0.28
CA ARG A 117 -10.80 -7.80 -0.44
C ARG A 117 -10.43 -6.44 -1.00
N TRP A 118 -9.52 -5.74 -0.33
CA TRP A 118 -9.06 -4.43 -0.79
C TRP A 118 -8.19 -4.57 -2.02
N ILE A 119 -7.26 -5.53 -1.99
CA ILE A 119 -6.38 -5.77 -3.12
C ILE A 119 -7.19 -6.21 -4.34
N LYS A 120 -8.19 -7.06 -4.10
CA LYS A 120 -9.11 -7.48 -5.16
C LYS A 120 -9.80 -6.27 -5.77
N GLU A 121 -10.29 -5.39 -4.90
CA GLU A 121 -10.96 -4.16 -5.33
C GLU A 121 -10.00 -3.27 -6.12
N PHE A 122 -8.73 -3.35 -5.77
CA PHE A 122 -7.70 -2.54 -6.41
C PHE A 122 -7.28 -3.14 -7.75
N SER A 123 -7.43 -4.45 -7.88
CA SER A 123 -7.02 -5.16 -9.08
C SER A 123 -8.05 -4.98 -10.20
N GLU A 124 -9.33 -4.99 -9.84
CA GLU A 124 -10.39 -4.90 -10.84
C GLU A 124 -11.25 -3.67 -10.59
N GLU A 125 -11.39 -2.85 -11.63
CA GLU A 125 -12.16 -1.62 -11.53
C GLU A 125 -13.66 -1.91 -11.58
N MET A 21 1.01 1.59 -17.68
CA MET A 21 0.16 1.59 -16.47
C MET A 21 0.72 0.64 -15.43
N ARG A 22 0.74 1.07 -14.17
CA ARG A 22 1.29 0.24 -13.09
C ARG A 22 0.31 0.16 -11.93
N LEU A 23 0.27 -1.00 -11.30
CA LEU A 23 -0.54 -1.19 -10.10
C LEU A 23 0.34 -1.67 -8.96
N VAL A 24 0.48 -0.85 -7.93
CA VAL A 24 1.45 -1.10 -6.89
C VAL A 24 0.79 -1.21 -5.51
N VAL A 25 1.21 -2.18 -4.74
CA VAL A 25 0.72 -2.38 -3.40
C VAL A 25 1.88 -2.31 -2.40
N LEU A 26 1.85 -1.32 -1.52
CA LEU A 26 2.91 -1.16 -0.54
C LEU A 26 2.36 -1.36 0.87
N ILE A 27 2.82 -2.40 1.54
CA ILE A 27 2.30 -2.76 2.86
C ILE A 27 3.30 -2.38 3.95
N VAL A 28 2.81 -1.73 5.00
CA VAL A 28 3.67 -1.35 6.12
C VAL A 28 3.39 -2.27 7.30
N SER A 29 4.18 -3.32 7.44
CA SER A 29 4.05 -4.25 8.55
C SER A 29 5.16 -5.29 8.49
N ASN A 30 5.13 -6.21 9.43
CA ASN A 30 5.88 -7.45 9.29
C ASN A 30 5.10 -8.58 9.94
N ASP A 31 4.15 -9.09 9.19
CA ASP A 31 3.39 -10.28 9.57
C ASP A 31 3.49 -11.31 8.47
N LYS A 32 3.99 -12.49 8.81
CA LYS A 32 4.31 -13.48 7.80
C LYS A 32 3.07 -14.01 7.09
N LYS A 33 1.96 -14.08 7.80
CA LYS A 33 0.72 -14.57 7.20
C LYS A 33 0.09 -13.49 6.33
N LEU A 34 0.02 -12.28 6.88
CA LEU A 34 -0.55 -11.14 6.17
C LEU A 34 0.19 -10.89 4.85
N ILE A 35 1.51 -10.76 4.95
CA ILE A 35 2.34 -10.42 3.80
C ILE A 35 2.24 -11.47 2.70
N GLU A 36 2.47 -12.73 3.05
CA GLU A 36 2.51 -13.79 2.06
C GLU A 36 1.18 -13.93 1.33
N GLU A 37 0.10 -14.14 2.09
CA GLU A 37 -1.20 -14.39 1.50
C GLU A 37 -1.65 -13.21 0.64
N ALA A 38 -1.29 -12.01 1.06
CA ALA A 38 -1.61 -10.82 0.29
C ALA A 38 -0.81 -10.78 -1.00
N ARG A 39 0.49 -11.05 -0.90
CA ARG A 39 1.37 -11.02 -2.05
C ARG A 39 1.01 -12.12 -3.05
N LYS A 40 0.59 -13.27 -2.53
CA LYS A 40 0.21 -14.39 -3.37
C LYS A 40 -0.96 -14.00 -4.29
N MET A 41 -1.91 -13.25 -3.74
CA MET A 41 -3.05 -12.81 -4.52
C MET A 41 -2.67 -11.61 -5.39
N ALA A 42 -1.72 -10.82 -4.91
CA ALA A 42 -1.26 -9.64 -5.63
C ALA A 42 -0.53 -10.00 -6.91
N GLU A 43 0.48 -10.86 -6.80
CA GLU A 43 1.26 -11.27 -7.96
C GLU A 43 0.44 -12.16 -8.89
N LYS A 44 -0.61 -12.74 -8.34
CA LYS A 44 -1.57 -13.50 -9.13
C LYS A 44 -2.41 -12.55 -9.98
N ALA A 45 -2.51 -11.31 -9.53
CA ALA A 45 -3.30 -10.30 -10.22
C ALA A 45 -2.40 -9.31 -10.97
N ASN A 46 -1.12 -9.69 -11.12
CA ASN A 46 -0.13 -8.86 -11.81
C ASN A 46 0.07 -7.52 -11.09
N LEU A 47 -0.03 -7.54 -9.77
CA LEU A 47 0.19 -6.35 -8.98
C LEU A 47 1.61 -6.31 -8.47
N GLU A 48 2.18 -5.11 -8.41
CA GLU A 48 3.53 -4.94 -7.89
C GLU A 48 3.44 -4.68 -6.39
N LEU A 49 3.66 -5.72 -5.60
CA LEU A 49 3.54 -5.59 -4.15
C LEU A 49 4.90 -5.59 -3.50
N ILE A 50 5.13 -4.56 -2.69
CA ILE A 50 6.38 -4.41 -1.96
C ILE A 50 6.09 -4.16 -0.49
N THR A 51 6.77 -4.89 0.38
CA THR A 51 6.61 -4.72 1.80
C THR A 51 7.65 -3.77 2.37
N VAL A 52 7.17 -2.78 3.09
CA VAL A 52 8.02 -1.76 3.69
C VAL A 52 8.20 -2.05 5.18
N PRO A 53 9.36 -1.67 5.74
CA PRO A 53 9.55 -1.60 7.19
C PRO A 53 8.41 -0.86 7.86
N GLY A 54 8.28 -1.06 9.16
CA GLY A 54 7.12 -0.62 9.91
C GLY A 54 6.94 0.90 10.01
N SER A 55 7.66 1.65 9.20
CA SER A 55 7.49 3.10 9.16
C SER A 55 6.44 3.48 8.11
N PRO A 56 5.43 4.24 8.55
CA PRO A 56 4.29 4.60 7.71
C PRO A 56 4.62 5.62 6.63
N GLU A 57 5.35 6.67 6.99
CA GLU A 57 5.64 7.74 6.06
C GLU A 57 6.66 7.31 5.01
N GLU A 58 7.60 6.47 5.42
CA GLU A 58 8.63 5.99 4.51
C GLU A 58 8.01 5.22 3.35
N ALA A 59 6.93 4.50 3.65
CA ALA A 59 6.22 3.73 2.64
C ALA A 59 5.52 4.63 1.65
N ILE A 60 4.97 5.73 2.16
CA ILE A 60 4.29 6.69 1.30
C ILE A 60 5.30 7.45 0.45
N ARG A 61 6.49 7.68 1.01
CA ARG A 61 7.58 8.27 0.25
C ARG A 61 8.03 7.32 -0.85
N LEU A 62 8.02 6.03 -0.52
CA LEU A 62 8.34 4.99 -1.48
C LEU A 62 7.28 4.97 -2.57
N ALA A 63 6.02 5.07 -2.15
CA ALA A 63 4.89 5.14 -3.06
C ALA A 63 5.01 6.34 -3.98
N GLN A 64 5.38 7.49 -3.39
CA GLN A 64 5.58 8.70 -4.15
C GLN A 64 6.64 8.50 -5.23
N GLU A 65 7.70 7.80 -4.88
CA GLU A 65 8.75 7.46 -5.83
C GLU A 65 8.23 6.59 -6.96
N ILE A 66 7.64 5.46 -6.61
CA ILE A 66 7.14 4.53 -7.61
C ILE A 66 6.10 5.20 -8.50
N ALA A 67 5.28 6.07 -7.90
CA ALA A 67 4.23 6.77 -8.62
C ALA A 67 4.81 7.65 -9.72
N GLU A 68 5.75 8.53 -9.34
CA GLU A 68 6.32 9.48 -10.29
C GLU A 68 7.25 8.78 -11.30
N LYS A 69 7.83 7.68 -10.89
CA LYS A 69 8.76 6.93 -11.74
C LYS A 69 8.03 5.87 -12.56
N ALA A 70 6.70 5.84 -12.44
CA ALA A 70 5.90 4.81 -13.10
C ALA A 70 5.58 5.21 -14.53
N PRO A 71 5.76 4.27 -15.48
CA PRO A 71 5.36 4.48 -16.86
C PRO A 71 3.84 4.43 -17.03
N GLY A 72 3.24 5.59 -17.28
CA GLY A 72 1.82 5.67 -17.53
C GLY A 72 1.02 5.84 -16.26
N PRO A 73 -0.31 5.72 -16.33
CA PRO A 73 -1.18 5.84 -15.16
C PRO A 73 -0.83 4.81 -14.09
N VAL A 74 -0.53 5.28 -12.90
CA VAL A 74 -0.14 4.39 -11.82
C VAL A 74 -1.22 4.35 -10.75
N LYS A 75 -1.48 3.16 -10.26
CA LYS A 75 -2.42 2.93 -9.19
C LYS A 75 -1.70 2.31 -8.00
N VAL A 76 -1.38 3.11 -7.00
CA VAL A 76 -0.64 2.61 -5.85
C VAL A 76 -1.35 2.99 -4.55
N LEU A 77 -1.41 2.04 -3.63
CA LEU A 77 -1.98 2.30 -2.33
C LEU A 77 -1.07 1.78 -1.23
N VAL A 78 -1.03 2.49 -0.11
CA VAL A 78 -0.21 2.10 1.02
C VAL A 78 -1.10 1.45 2.08
N LEU A 79 -0.67 0.30 2.57
CA LEU A 79 -1.45 -0.45 3.54
C LEU A 79 -0.79 -0.46 4.90
N ILE A 80 -1.28 0.40 5.79
CA ILE A 80 -0.82 0.40 7.17
C ILE A 80 -1.79 -0.44 8.00
N THR A 81 -1.31 -1.00 9.10
CA THR A 81 -2.16 -1.83 9.93
C THR A 81 -3.24 -0.98 10.62
N GLY A 82 -4.36 -1.63 10.94
CA GLY A 82 -5.52 -0.93 11.47
C GLY A 82 -5.22 0.05 12.56
N SER A 83 -4.71 -0.44 13.69
CA SER A 83 -4.38 0.43 14.79
C SER A 83 -3.05 1.13 14.55
N ALA A 84 -3.13 2.36 14.09
CA ALA A 84 -1.96 3.18 13.87
C ALA A 84 -1.73 4.10 15.04
N ASP A 85 -0.52 4.07 15.59
CA ASP A 85 -0.18 4.88 16.74
C ASP A 85 -0.21 6.36 16.35
N PRO A 86 -0.61 7.25 17.28
CA PRO A 86 -0.66 8.70 17.05
C PRO A 86 0.48 9.22 16.16
N ASP A 87 1.72 8.81 16.47
CA ASP A 87 2.89 9.29 15.74
C ASP A 87 2.93 8.74 14.32
N GLU A 88 2.37 7.55 14.14
CA GLU A 88 2.30 6.94 12.82
C GLU A 88 1.26 7.66 11.98
N LYS A 89 0.12 7.95 12.59
CA LYS A 89 -1.01 8.55 11.89
C LYS A 89 -0.70 9.97 11.46
N THR A 90 0.00 10.72 12.32
CA THR A 90 0.38 12.09 11.99
C THR A 90 1.27 12.12 10.75
N LYS A 91 2.28 11.26 10.76
CA LYS A 91 3.22 11.18 9.66
C LYS A 91 2.53 10.70 8.38
N ALA A 92 1.58 9.79 8.54
CA ALA A 92 0.86 9.23 7.41
C ALA A 92 -0.05 10.26 6.79
N LYS A 93 -0.76 11.02 7.64
CA LYS A 93 -1.73 11.98 7.16
C LYS A 93 -1.07 13.09 6.35
N LYS A 94 0.15 13.47 6.75
CA LYS A 94 0.89 14.50 6.04
C LYS A 94 1.36 14.01 4.68
N ALA A 95 1.96 12.82 4.67
CA ALA A 95 2.55 12.26 3.46
C ALA A 95 1.48 11.79 2.48
N ALA A 96 0.43 11.17 3.00
CA ALA A 96 -0.65 10.63 2.16
C ALA A 96 -1.23 11.71 1.27
N GLU A 97 -1.65 12.81 1.89
CA GLU A 97 -2.31 13.90 1.16
C GLU A 97 -1.38 14.49 0.10
N GLU A 98 -0.08 14.43 0.37
CA GLU A 98 0.91 14.91 -0.59
C GLU A 98 1.01 13.98 -1.78
N ALA A 99 1.08 12.68 -1.49
CA ALA A 99 1.24 11.67 -2.52
C ALA A 99 -0.03 11.46 -3.34
N ARG A 100 -1.18 11.83 -2.78
CA ARG A 100 -2.47 11.66 -3.45
C ARG A 100 -2.51 12.42 -4.78
N LYS A 101 -1.59 13.36 -4.95
CA LYS A 101 -1.49 14.13 -6.19
C LYS A 101 -1.08 13.24 -7.37
N TRP A 102 -0.54 12.07 -7.07
CA TRP A 102 -0.13 11.15 -8.12
C TRP A 102 -0.89 9.83 -7.98
N ASN A 103 -2.08 9.91 -7.40
CA ASN A 103 -2.96 8.75 -7.20
C ASN A 103 -2.36 7.75 -6.21
N VAL A 104 -2.07 8.23 -5.01
CA VAL A 104 -1.60 7.38 -3.93
C VAL A 104 -2.56 7.45 -2.75
N ARG A 105 -3.22 6.34 -2.46
CA ARG A 105 -4.19 6.31 -1.37
C ARG A 105 -3.72 5.36 -0.27
N VAL A 106 -4.17 5.61 0.96
CA VAL A 106 -3.75 4.81 2.09
C VAL A 106 -4.93 4.07 2.72
N ARG A 107 -4.79 2.76 2.86
CA ARG A 107 -5.81 1.94 3.50
C ARG A 107 -5.25 1.21 4.71
N THR A 108 -6.12 0.82 5.62
CA THR A 108 -5.72 0.10 6.81
C THR A 108 -6.08 -1.37 6.70
N VAL A 109 -5.16 -2.23 7.15
CA VAL A 109 -5.40 -3.68 7.12
C VAL A 109 -5.44 -4.25 8.54
N THR A 110 -6.43 -5.08 8.81
CA THR A 110 -6.58 -5.68 10.13
C THR A 110 -6.45 -7.20 10.06
N SER A 111 -6.61 -7.76 8.87
CA SER A 111 -6.58 -9.20 8.69
C SER A 111 -6.23 -9.56 7.26
N PRO A 112 -5.70 -10.77 7.03
CA PRO A 112 -5.45 -11.28 5.68
C PRO A 112 -6.76 -11.43 4.89
N ASP A 113 -7.86 -11.48 5.62
CA ASP A 113 -9.19 -11.48 5.01
C ASP A 113 -9.43 -10.16 4.31
N GLU A 114 -9.28 -9.07 5.05
CA GLU A 114 -9.42 -7.74 4.48
C GLU A 114 -8.32 -7.47 3.47
N ALA A 115 -7.14 -8.01 3.71
CA ALA A 115 -6.02 -7.87 2.79
C ALA A 115 -6.39 -8.31 1.37
N LYS A 116 -6.98 -9.50 1.25
CA LYS A 116 -7.33 -10.02 -0.06
C LYS A 116 -8.57 -9.32 -0.62
N ARG A 117 -9.26 -8.57 0.24
CA ARG A 117 -10.45 -7.83 -0.16
C ARG A 117 -10.09 -6.73 -1.17
N TRP A 118 -9.29 -5.76 -0.73
CA TRP A 118 -8.97 -4.63 -1.57
C TRP A 118 -8.11 -5.05 -2.76
N ILE A 119 -7.34 -6.13 -2.60
CA ILE A 119 -6.55 -6.67 -3.71
C ILE A 119 -7.46 -7.10 -4.85
N LYS A 120 -8.48 -7.88 -4.52
CA LYS A 120 -9.41 -8.39 -5.52
C LYS A 120 -10.17 -7.25 -6.19
N GLU A 121 -10.43 -6.20 -5.41
CA GLU A 121 -11.07 -4.99 -5.93
C GLU A 121 -10.10 -4.23 -6.83
N PHE A 122 -8.89 -4.04 -6.34
CA PHE A 122 -7.84 -3.28 -7.02
C PHE A 122 -7.52 -3.89 -8.37
N SER A 123 -7.72 -5.20 -8.48
CA SER A 123 -7.44 -5.93 -9.71
C SER A 123 -8.48 -5.62 -10.79
N GLU A 124 -9.59 -5.02 -10.39
CA GLU A 124 -10.66 -4.72 -11.34
C GLU A 124 -10.70 -3.22 -11.67
N GLU A 125 -10.51 -2.39 -10.65
CA GLU A 125 -10.53 -0.94 -10.86
C GLU A 125 -9.11 -0.41 -11.07
N MET A 21 -3.91 0.48 -16.19
CA MET A 21 -3.23 1.20 -15.09
C MET A 21 -2.41 0.24 -14.24
N ARG A 22 -1.12 0.49 -14.15
CA ARG A 22 -0.23 -0.33 -13.34
C ARG A 22 -0.61 -0.20 -11.87
N LEU A 23 -0.59 -1.30 -11.15
CA LEU A 23 -0.93 -1.28 -9.74
C LEU A 23 0.24 -1.69 -8.88
N VAL A 24 0.71 -0.76 -8.07
CA VAL A 24 1.80 -1.02 -7.15
C VAL A 24 1.27 -1.08 -5.73
N VAL A 25 1.69 -2.07 -4.98
CA VAL A 25 1.17 -2.28 -3.65
C VAL A 25 2.30 -2.34 -2.62
N LEU A 26 2.38 -1.32 -1.78
CA LEU A 26 3.37 -1.29 -0.71
C LEU A 26 2.69 -1.53 0.62
N ILE A 27 3.17 -2.53 1.35
CA ILE A 27 2.51 -2.94 2.58
C ILE A 27 3.44 -2.76 3.79
N VAL A 28 2.86 -2.31 4.90
CA VAL A 28 3.59 -2.17 6.14
C VAL A 28 3.50 -3.47 6.94
N SER A 29 4.49 -3.75 7.77
CA SER A 29 4.61 -5.03 8.44
C SER A 29 3.39 -5.35 9.32
N ASN A 30 2.69 -6.40 8.92
CA ASN A 30 1.57 -6.94 9.67
C ASN A 30 1.77 -8.45 9.75
N ASP A 31 0.77 -9.19 10.23
CA ASP A 31 0.87 -10.65 10.34
C ASP A 31 1.58 -11.26 9.13
N LYS A 32 2.57 -12.10 9.41
CA LYS A 32 3.48 -12.61 8.40
C LYS A 32 2.74 -13.37 7.28
N LYS A 33 1.61 -13.98 7.61
CA LYS A 33 0.85 -14.70 6.61
C LYS A 33 0.12 -13.73 5.70
N LEU A 34 -0.28 -12.60 6.27
CA LEU A 34 -0.98 -11.57 5.52
C LEU A 34 -0.08 -10.99 4.43
N ILE A 35 1.18 -10.76 4.78
CA ILE A 35 2.17 -10.27 3.81
C ILE A 35 2.30 -11.26 2.67
N GLU A 36 2.27 -12.54 3.00
CA GLU A 36 2.29 -13.59 2.00
C GLU A 36 1.01 -13.59 1.18
N GLU A 37 -0.13 -13.48 1.86
CA GLU A 37 -1.43 -13.44 1.20
C GLU A 37 -1.51 -12.28 0.22
N ALA A 38 -1.02 -11.11 0.64
CA ALA A 38 -0.99 -9.93 -0.22
C ALA A 38 -0.18 -10.20 -1.48
N ARG A 39 0.97 -10.85 -1.31
CA ARG A 39 1.84 -11.16 -2.43
C ARG A 39 1.21 -12.23 -3.33
N LYS A 40 0.48 -13.15 -2.71
CA LYS A 40 -0.25 -14.17 -3.46
C LYS A 40 -1.28 -13.52 -4.39
N MET A 41 -1.95 -12.50 -3.88
CA MET A 41 -2.92 -11.75 -4.67
C MET A 41 -2.20 -10.91 -5.72
N ALA A 42 -1.08 -10.33 -5.32
CA ALA A 42 -0.30 -9.48 -6.19
C ALA A 42 0.23 -10.25 -7.40
N GLU A 43 0.90 -11.36 -7.15
CA GLU A 43 1.47 -12.17 -8.23
C GLU A 43 0.38 -12.72 -9.13
N LYS A 44 -0.81 -12.89 -8.58
CA LYS A 44 -1.94 -13.43 -9.32
C LYS A 44 -2.55 -12.37 -10.23
N ALA A 45 -2.68 -11.15 -9.72
CA ALA A 45 -3.29 -10.06 -10.48
C ALA A 45 -2.22 -9.17 -11.13
N ASN A 46 -0.99 -9.66 -11.12
CA ASN A 46 0.15 -8.97 -11.72
C ASN A 46 0.37 -7.60 -11.10
N LEU A 47 0.32 -7.54 -9.77
CA LEU A 47 0.56 -6.32 -9.04
C LEU A 47 1.99 -6.30 -8.53
N GLU A 48 2.53 -5.11 -8.32
CA GLU A 48 3.88 -4.96 -7.78
C GLU A 48 3.83 -4.90 -6.26
N LEU A 49 4.09 -6.02 -5.60
CA LEU A 49 4.01 -6.09 -4.14
C LEU A 49 5.36 -5.80 -3.53
N ILE A 50 5.45 -4.70 -2.81
CA ILE A 50 6.68 -4.30 -2.14
C ILE A 50 6.41 -4.10 -0.65
N THR A 51 7.31 -4.59 0.19
CA THR A 51 7.17 -4.45 1.62
C THR A 51 8.28 -3.56 2.18
N VAL A 52 7.94 -2.33 2.53
CA VAL A 52 8.91 -1.42 3.13
C VAL A 52 8.40 -0.95 4.49
N PRO A 53 8.61 -1.77 5.53
CA PRO A 53 8.26 -1.40 6.90
C PRO A 53 9.39 -0.72 7.67
N GLY A 54 9.33 0.58 7.85
CA GLY A 54 10.02 1.18 8.97
C GLY A 54 9.08 2.06 9.76
N SER A 55 8.44 2.96 9.03
CA SER A 55 7.26 3.67 9.47
C SER A 55 6.14 3.36 8.48
N PRO A 56 4.89 3.71 8.77
CA PRO A 56 3.82 3.65 7.77
C PRO A 56 4.13 4.56 6.57
N GLU A 57 4.68 5.75 6.84
CA GLU A 57 4.93 6.74 5.77
C GLU A 57 6.04 6.28 4.83
N GLU A 58 6.88 5.34 5.27
CA GLU A 58 7.99 4.87 4.45
C GLU A 58 7.46 4.25 3.16
N ALA A 59 6.38 3.50 3.29
CA ALA A 59 5.74 2.90 2.14
C ALA A 59 5.12 3.98 1.25
N ILE A 60 4.59 5.02 1.88
CA ILE A 60 3.96 6.12 1.16
C ILE A 60 4.99 6.95 0.40
N ARG A 61 6.14 7.18 1.03
CA ARG A 61 7.22 7.92 0.37
C ARG A 61 7.77 7.11 -0.80
N LEU A 62 7.93 5.81 -0.58
CA LEU A 62 8.35 4.91 -1.64
C LEU A 62 7.32 4.93 -2.77
N ALA A 63 6.05 5.00 -2.36
CA ALA A 63 4.93 5.10 -3.29
C ALA A 63 5.05 6.32 -4.19
N GLN A 64 5.30 7.47 -3.57
CA GLN A 64 5.44 8.72 -4.30
C GLN A 64 6.61 8.66 -5.27
N GLU A 65 7.69 8.00 -4.85
CA GLU A 65 8.87 7.83 -5.69
C GLU A 65 8.54 6.99 -6.92
N ILE A 66 7.83 5.89 -6.71
CA ILE A 66 7.42 5.04 -7.83
C ILE A 66 6.48 5.80 -8.76
N ALA A 67 5.58 6.60 -8.18
CA ALA A 67 4.65 7.39 -8.96
C ALA A 67 5.37 8.41 -9.83
N GLU A 68 6.57 8.81 -9.41
CA GLU A 68 7.37 9.75 -10.17
C GLU A 68 8.25 9.01 -11.17
N LYS A 69 8.62 7.79 -10.84
CA LYS A 69 9.56 7.01 -11.64
C LYS A 69 8.87 6.15 -12.70
N ALA A 70 7.60 5.84 -12.48
CA ALA A 70 6.84 5.06 -13.44
C ALA A 70 6.15 5.97 -14.46
N PRO A 71 6.48 5.83 -15.74
CA PRO A 71 5.84 6.59 -16.80
C PRO A 71 4.54 5.96 -17.26
N GLY A 72 3.43 6.59 -16.90
CA GLY A 72 2.14 6.12 -17.32
C GLY A 72 1.15 6.09 -16.18
N PRO A 73 -0.06 5.54 -16.39
CA PRO A 73 -1.05 5.43 -15.33
C PRO A 73 -0.69 4.34 -14.34
N VAL A 74 -0.49 4.74 -13.08
CA VAL A 74 -0.09 3.81 -12.05
C VAL A 74 -0.62 4.24 -10.69
N LYS A 75 -1.38 3.37 -10.05
CA LYS A 75 -1.92 3.66 -8.73
C LYS A 75 -1.20 2.82 -7.69
N VAL A 76 -0.76 3.48 -6.63
CA VAL A 76 -0.05 2.79 -5.57
C VAL A 76 -0.95 2.61 -4.36
N LEU A 77 -1.08 1.37 -3.92
CA LEU A 77 -1.89 1.04 -2.76
C LEU A 77 -0.98 0.80 -1.57
N VAL A 78 -1.09 1.65 -0.56
CA VAL A 78 -0.30 1.51 0.64
C VAL A 78 -1.13 0.94 1.78
N LEU A 79 -0.77 -0.25 2.23
CA LEU A 79 -1.48 -0.90 3.31
C LEU A 79 -0.88 -0.53 4.65
N ILE A 80 -1.59 0.31 5.38
CA ILE A 80 -1.17 0.73 6.71
C ILE A 80 -1.51 -0.38 7.70
N THR A 81 -0.51 -0.83 8.46
CA THR A 81 -0.70 -1.93 9.39
C THR A 81 -1.63 -1.51 10.53
N GLY A 82 -2.28 -2.51 11.14
CA GLY A 82 -3.31 -2.26 12.13
C GLY A 82 -2.89 -1.32 13.23
N SER A 83 -1.84 -1.67 13.95
CA SER A 83 -1.39 -0.87 15.08
C SER A 83 -0.49 0.28 14.63
N ALA A 84 -1.08 1.45 14.48
CA ALA A 84 -0.33 2.67 14.19
C ALA A 84 -0.19 3.50 15.44
N ASP A 85 0.93 4.21 15.58
CA ASP A 85 1.17 5.06 16.74
C ASP A 85 0.51 6.42 16.53
N PRO A 86 0.13 7.11 17.62
CA PRO A 86 -0.63 8.39 17.58
C PRO A 86 -0.08 9.37 16.54
N ASP A 87 1.21 9.63 16.58
CA ASP A 87 1.81 10.57 15.64
C ASP A 87 1.87 9.99 14.24
N GLU A 88 2.28 8.72 14.17
CA GLU A 88 2.42 8.03 12.90
C GLU A 88 1.08 8.00 12.14
N LYS A 89 -0.01 7.91 12.88
CA LYS A 89 -1.35 7.97 12.28
C LYS A 89 -1.53 9.26 11.48
N THR A 90 -1.19 10.38 12.12
CA THR A 90 -1.35 11.69 11.50
C THR A 90 -0.26 11.94 10.45
N LYS A 91 0.94 11.44 10.72
CA LYS A 91 2.06 11.60 9.80
C LYS A 91 1.80 10.85 8.49
N ALA A 92 1.17 9.68 8.59
CA ALA A 92 0.80 8.91 7.40
C ALA A 92 -0.31 9.63 6.65
N LYS A 93 -1.14 10.36 7.40
CA LYS A 93 -2.22 11.13 6.80
C LYS A 93 -1.66 12.26 5.93
N LYS A 94 -0.74 13.04 6.51
CA LYS A 94 -0.11 14.14 5.79
C LYS A 94 0.62 13.63 4.55
N ALA A 95 1.28 12.48 4.70
CA ALA A 95 1.99 11.86 3.60
C ALA A 95 1.01 11.38 2.52
N ALA A 96 -0.10 10.80 2.96
CA ALA A 96 -1.12 10.29 2.06
C ALA A 96 -1.76 11.42 1.26
N GLU A 97 -1.97 12.55 1.92
CA GLU A 97 -2.57 13.71 1.27
C GLU A 97 -1.64 14.25 0.18
N GLU A 98 -0.35 14.25 0.44
CA GLU A 98 0.62 14.70 -0.55
C GLU A 98 0.71 13.70 -1.70
N ALA A 99 0.72 12.43 -1.35
CA ALA A 99 0.85 11.36 -2.34
C ALA A 99 -0.45 11.17 -3.14
N ARG A 100 -1.53 11.77 -2.66
CA ARG A 100 -2.84 11.64 -3.30
C ARG A 100 -2.79 12.15 -4.74
N LYS A 101 -2.09 13.26 -4.96
CA LYS A 101 -1.97 13.85 -6.29
C LYS A 101 -1.00 13.04 -7.15
N TRP A 102 -0.39 12.04 -6.54
CA TRP A 102 0.50 11.13 -7.25
C TRP A 102 -0.21 9.80 -7.51
N ASN A 103 -1.53 9.81 -7.33
CA ASN A 103 -2.37 8.63 -7.53
C ASN A 103 -1.98 7.52 -6.56
N VAL A 104 -1.67 7.92 -5.33
CA VAL A 104 -1.35 6.98 -4.26
C VAL A 104 -2.48 6.95 -3.24
N ARG A 105 -2.89 5.76 -2.84
CA ARG A 105 -3.99 5.59 -1.92
C ARG A 105 -3.59 4.74 -0.73
N VAL A 106 -3.96 5.18 0.47
CA VAL A 106 -3.65 4.43 1.68
C VAL A 106 -4.87 3.66 2.17
N ARG A 107 -4.65 2.45 2.60
CA ARG A 107 -5.71 1.59 3.12
C ARG A 107 -5.21 0.89 4.37
N THR A 108 -5.78 1.23 5.51
CA THR A 108 -5.37 0.64 6.77
C THR A 108 -5.97 -0.75 6.91
N VAL A 109 -5.16 -1.70 7.35
CA VAL A 109 -5.56 -3.07 7.51
C VAL A 109 -5.32 -3.54 8.94
N THR A 110 -6.39 -3.76 9.67
CA THR A 110 -6.28 -4.20 11.05
C THR A 110 -6.64 -5.69 11.13
N SER A 111 -7.26 -6.19 10.08
CA SER A 111 -7.59 -7.60 9.97
C SER A 111 -7.24 -8.12 8.59
N PRO A 112 -6.52 -9.26 8.52
CA PRO A 112 -6.01 -9.85 7.27
C PRO A 112 -7.05 -9.99 6.17
N ASP A 113 -8.31 -10.16 6.56
CA ASP A 113 -9.39 -10.34 5.59
C ASP A 113 -9.63 -9.05 4.80
N GLU A 114 -9.28 -7.91 5.39
CA GLU A 114 -9.48 -6.63 4.73
C GLU A 114 -8.57 -6.50 3.52
N ALA A 115 -7.27 -6.65 3.73
CA ALA A 115 -6.29 -6.48 2.67
C ALA A 115 -6.58 -7.38 1.48
N LYS A 116 -6.76 -8.66 1.75
CA LYS A 116 -7.00 -9.65 0.71
C LYS A 116 -8.26 -9.31 -0.08
N ARG A 117 -9.24 -8.73 0.62
CA ARG A 117 -10.50 -8.33 0.00
C ARG A 117 -10.31 -7.06 -0.82
N TRP A 118 -9.70 -6.05 -0.21
CA TRP A 118 -9.52 -4.76 -0.86
C TRP A 118 -8.63 -4.86 -2.08
N ILE A 119 -7.49 -5.55 -1.93
CA ILE A 119 -6.54 -5.71 -3.03
C ILE A 119 -7.21 -6.30 -4.26
N LYS A 120 -8.10 -7.27 -4.04
CA LYS A 120 -8.81 -7.89 -5.14
C LYS A 120 -9.72 -6.87 -5.82
N GLU A 121 -10.46 -6.11 -5.03
CA GLU A 121 -11.42 -5.14 -5.57
C GLU A 121 -10.70 -4.07 -6.39
N PHE A 122 -9.53 -3.63 -5.93
CA PHE A 122 -8.75 -2.65 -6.66
C PHE A 122 -8.18 -3.25 -7.94
N SER A 123 -8.02 -4.56 -7.95
CA SER A 123 -7.53 -5.26 -9.13
C SER A 123 -8.70 -5.54 -10.10
N GLU A 124 -9.91 -5.33 -9.62
CA GLU A 124 -11.10 -5.51 -10.44
C GLU A 124 -11.41 -4.23 -11.19
N GLU A 125 -10.67 -3.18 -10.88
CA GLU A 125 -10.87 -1.88 -11.51
C GLU A 125 -10.37 -1.90 -12.94
N MET A 21 -1.56 -1.25 -17.40
CA MET A 21 -1.90 -0.52 -16.17
C MET A 21 -0.91 -0.86 -15.06
N ARG A 22 -0.31 0.14 -14.45
CA ARG A 22 0.67 -0.08 -13.40
C ARG A 22 0.06 0.15 -12.03
N LEU A 23 -0.36 -0.93 -11.40
CA LEU A 23 -0.88 -0.90 -10.05
C LEU A 23 0.27 -1.13 -9.08
N VAL A 24 0.50 -0.16 -8.20
CA VAL A 24 1.57 -0.27 -7.23
C VAL A 24 0.99 -0.41 -5.84
N VAL A 25 1.32 -1.50 -5.16
CA VAL A 25 0.78 -1.75 -3.85
C VAL A 25 1.90 -1.95 -2.82
N LEU A 26 2.01 -1.03 -1.88
CA LEU A 26 2.97 -1.16 -0.80
C LEU A 26 2.23 -1.50 0.48
N ILE A 27 2.56 -2.63 1.08
CA ILE A 27 1.87 -3.03 2.30
C ILE A 27 2.80 -2.94 3.50
N VAL A 28 2.22 -2.57 4.62
CA VAL A 28 2.95 -2.44 5.87
C VAL A 28 2.93 -3.78 6.61
N SER A 29 4.09 -4.14 7.16
CA SER A 29 4.30 -5.46 7.71
C SER A 29 3.42 -5.80 8.91
N ASN A 30 3.41 -7.08 9.22
CA ASN A 30 2.62 -7.67 10.29
C ASN A 30 2.92 -9.16 10.26
N ASP A 31 2.14 -9.96 10.99
CA ASP A 31 2.27 -11.42 10.95
C ASP A 31 2.57 -11.89 9.52
N LYS A 32 3.55 -12.78 9.40
CA LYS A 32 4.09 -13.17 8.10
C LYS A 32 3.04 -13.83 7.19
N LYS A 33 1.94 -14.30 7.76
CA LYS A 33 0.85 -14.86 6.95
C LYS A 33 0.29 -13.80 6.02
N LEU A 34 0.19 -12.58 6.54
CA LEU A 34 -0.30 -11.46 5.77
C LEU A 34 0.69 -11.09 4.66
N ILE A 35 1.95 -10.96 5.06
CA ILE A 35 3.02 -10.56 4.14
C ILE A 35 3.09 -11.50 2.94
N GLU A 36 3.16 -12.79 3.21
CA GLU A 36 3.24 -13.79 2.17
C GLU A 36 2.03 -13.75 1.24
N GLU A 37 0.84 -13.79 1.84
CA GLU A 37 -0.40 -13.91 1.06
C GLU A 37 -0.63 -12.68 0.19
N ALA A 38 -0.33 -11.51 0.72
CA ALA A 38 -0.49 -10.26 -0.03
C ALA A 38 0.40 -10.26 -1.26
N ARG A 39 1.63 -10.75 -1.09
CA ARG A 39 2.59 -10.80 -2.18
C ARG A 39 2.16 -11.80 -3.24
N LYS A 40 1.49 -12.87 -2.80
CA LYS A 40 0.97 -13.89 -3.72
C LYS A 40 -0.07 -13.30 -4.66
N MET A 41 -0.86 -12.36 -4.13
CA MET A 41 -1.93 -11.73 -4.91
C MET A 41 -1.35 -10.79 -5.94
N ALA A 42 -0.19 -10.23 -5.64
CA ALA A 42 0.48 -9.28 -6.52
C ALA A 42 0.74 -9.90 -7.90
N GLU A 43 1.36 -11.07 -7.91
CA GLU A 43 1.69 -11.75 -9.16
C GLU A 43 0.43 -12.28 -9.84
N LYS A 44 -0.62 -12.47 -9.06
CA LYS A 44 -1.89 -12.96 -9.59
C LYS A 44 -2.67 -11.84 -10.27
N ALA A 45 -2.71 -10.69 -9.63
CA ALA A 45 -3.48 -9.55 -10.12
C ALA A 45 -2.65 -8.67 -11.04
N ASN A 46 -1.43 -9.12 -11.32
CA ASN A 46 -0.50 -8.42 -12.21
C ASN A 46 -0.18 -7.02 -11.70
N LEU A 47 -0.04 -6.89 -10.39
CA LEU A 47 0.30 -5.61 -9.79
C LEU A 47 1.63 -5.69 -9.09
N GLU A 48 2.29 -4.56 -8.97
CA GLU A 48 3.61 -4.51 -8.36
C GLU A 48 3.49 -4.21 -6.87
N LEU A 49 3.70 -5.21 -6.05
CA LEU A 49 3.53 -5.06 -4.61
C LEU A 49 4.87 -5.10 -3.91
N ILE A 50 5.07 -4.16 -3.00
CA ILE A 50 6.30 -4.08 -2.23
C ILE A 50 5.98 -4.30 -0.75
N THR A 51 6.67 -5.24 -0.14
CA THR A 51 6.48 -5.53 1.28
C THR A 51 7.36 -4.63 2.14
N VAL A 52 6.72 -3.67 2.80
CA VAL A 52 7.43 -2.68 3.61
C VAL A 52 7.30 -2.97 5.10
N PRO A 53 8.37 -2.68 5.87
CA PRO A 53 8.33 -2.61 7.33
C PRO A 53 7.06 -2.02 7.93
N GLY A 54 6.93 -2.30 9.20
CA GLY A 54 5.78 -1.93 9.97
C GLY A 54 5.62 -0.43 10.20
N SER A 55 6.39 0.37 9.47
CA SER A 55 6.31 1.81 9.59
C SER A 55 5.70 2.43 8.33
N PRO A 56 4.55 3.12 8.49
CA PRO A 56 3.88 3.80 7.38
C PRO A 56 4.75 4.90 6.77
N GLU A 57 5.63 5.45 7.60
CA GLU A 57 6.66 6.40 7.15
C GLU A 57 7.40 5.83 5.94
N GLU A 58 7.93 4.63 6.10
CA GLU A 58 8.70 3.99 5.03
C GLU A 58 7.79 3.67 3.85
N ALA A 59 6.62 3.13 4.15
CA ALA A 59 5.70 2.63 3.13
C ALA A 59 5.16 3.75 2.23
N ILE A 60 4.45 4.70 2.82
CA ILE A 60 3.73 5.70 2.04
C ILE A 60 4.68 6.66 1.34
N ARG A 61 5.83 6.90 1.96
CA ARG A 61 6.84 7.77 1.38
C ARG A 61 7.43 7.12 0.14
N LEU A 62 7.68 5.82 0.21
CA LEU A 62 8.19 5.05 -0.91
C LEU A 62 7.11 4.89 -1.97
N ALA A 63 5.85 4.84 -1.53
CA ALA A 63 4.72 4.76 -2.42
C ALA A 63 4.68 5.95 -3.37
N GLN A 64 4.92 7.13 -2.82
CA GLN A 64 4.96 8.36 -3.62
C GLN A 64 6.17 8.35 -4.55
N GLU A 65 7.28 7.81 -4.06
CA GLU A 65 8.52 7.69 -4.83
C GLU A 65 8.28 6.84 -6.07
N ILE A 66 7.82 5.61 -5.85
CA ILE A 66 7.58 4.67 -6.94
C ILE A 66 6.53 5.21 -7.90
N ALA A 67 5.55 5.92 -7.36
CA ALA A 67 4.45 6.47 -8.16
C ALA A 67 4.96 7.45 -9.21
N GLU A 68 5.88 8.32 -8.79
CA GLU A 68 6.44 9.32 -9.69
C GLU A 68 7.40 8.67 -10.69
N LYS A 69 8.14 7.68 -10.22
CA LYS A 69 9.22 7.09 -11.00
C LYS A 69 8.73 5.92 -11.86
N ALA A 70 7.43 5.64 -11.81
CA ALA A 70 6.85 4.57 -12.60
C ALA A 70 6.42 5.09 -13.96
N PRO A 71 6.93 4.49 -15.05
CA PRO A 71 6.54 4.86 -16.40
C PRO A 71 5.22 4.20 -16.83
N GLY A 72 4.17 5.01 -16.92
CA GLY A 72 2.90 4.52 -17.39
C GLY A 72 1.76 4.99 -16.52
N PRO A 73 0.54 4.47 -16.73
CA PRO A 73 -0.60 4.80 -15.88
C PRO A 73 -0.40 4.23 -14.48
N VAL A 74 -0.35 5.10 -13.49
CA VAL A 74 0.03 4.70 -12.15
C VAL A 74 -1.13 4.84 -11.18
N LYS A 75 -1.43 3.76 -10.49
CA LYS A 75 -2.41 3.76 -9.41
C LYS A 75 -1.81 3.02 -8.22
N VAL A 76 -1.65 3.73 -7.11
CA VAL A 76 -0.95 3.17 -5.96
C VAL A 76 -1.88 2.99 -4.77
N LEU A 77 -1.61 1.97 -3.97
CA LEU A 77 -2.36 1.69 -2.77
C LEU A 77 -1.39 1.26 -1.69
N VAL A 78 -1.41 1.94 -0.57
CA VAL A 78 -0.54 1.60 0.52
C VAL A 78 -1.35 1.11 1.72
N LEU A 79 -0.97 -0.04 2.24
CA LEU A 79 -1.74 -0.74 3.26
C LEU A 79 -1.02 -0.65 4.60
N ILE A 80 -1.45 0.26 5.46
CA ILE A 80 -0.92 0.31 6.82
C ILE A 80 -1.63 -0.72 7.68
N THR A 81 -0.86 -1.60 8.29
CA THR A 81 -1.40 -2.74 8.99
C THR A 81 -1.27 -2.58 10.50
N GLY A 82 -2.39 -2.68 11.19
CA GLY A 82 -2.39 -2.52 12.64
C GLY A 82 -3.00 -1.20 13.06
N SER A 83 -2.46 -0.62 14.11
CA SER A 83 -2.93 0.66 14.61
C SER A 83 -1.87 1.74 14.34
N ALA A 84 -2.31 2.89 13.86
CA ALA A 84 -1.41 3.97 13.53
C ALA A 84 -1.03 4.77 14.76
N ASP A 85 0.25 4.73 15.12
CA ASP A 85 0.76 5.50 16.24
C ASP A 85 0.77 6.98 15.90
N PRO A 86 0.65 7.87 16.91
CA PRO A 86 0.53 9.33 16.72
C PRO A 86 1.47 9.89 15.64
N ASP A 87 2.75 9.54 15.71
CA ASP A 87 3.72 10.02 14.73
C ASP A 87 3.35 9.58 13.33
N GLU A 88 3.16 8.27 13.16
CA GLU A 88 2.88 7.69 11.85
C GLU A 88 1.48 8.07 11.37
N LYS A 89 0.58 8.34 12.30
CA LYS A 89 -0.75 8.82 11.99
C LYS A 89 -0.64 10.19 11.32
N THR A 90 0.31 10.98 11.80
CA THR A 90 0.58 12.29 11.23
C THR A 90 1.31 12.17 9.90
N LYS A 91 2.15 11.14 9.80
CA LYS A 91 2.86 10.85 8.55
C LYS A 91 1.85 10.50 7.46
N ALA A 92 0.89 9.66 7.83
CA ALA A 92 -0.04 9.07 6.88
C ALA A 92 -0.94 10.14 6.30
N LYS A 93 -1.48 10.99 7.15
CA LYS A 93 -2.41 12.02 6.70
C LYS A 93 -1.71 13.02 5.79
N LYS A 94 -0.45 13.31 6.10
CA LYS A 94 0.32 14.26 5.32
C LYS A 94 0.75 13.66 4.00
N ALA A 95 1.40 12.50 4.06
CA ALA A 95 1.90 11.84 2.87
C ALA A 95 0.78 11.48 1.92
N ALA A 96 -0.36 11.05 2.47
CA ALA A 96 -1.52 10.70 1.65
C ALA A 96 -2.00 11.89 0.86
N GLU A 97 -1.98 13.06 1.49
CA GLU A 97 -2.46 14.29 0.87
C GLU A 97 -1.54 14.70 -0.28
N GLU A 98 -0.24 14.55 -0.07
CA GLU A 98 0.75 14.88 -1.09
C GLU A 98 0.72 13.85 -2.21
N ALA A 99 0.57 12.59 -1.82
CA ALA A 99 0.61 11.48 -2.77
C ALA A 99 -0.67 11.40 -3.61
N ARG A 100 -1.69 12.16 -3.21
CA ARG A 100 -2.97 12.20 -3.95
C ARG A 100 -2.75 12.58 -5.41
N LYS A 101 -1.69 13.32 -5.68
CA LYS A 101 -1.35 13.72 -7.04
C LYS A 101 -1.13 12.49 -7.93
N TRP A 102 -0.59 11.43 -7.35
CA TRP A 102 -0.32 10.20 -8.08
C TRP A 102 -1.38 9.14 -7.78
N ASN A 103 -2.44 9.57 -7.09
CA ASN A 103 -3.56 8.70 -6.75
C ASN A 103 -3.13 7.59 -5.80
N VAL A 104 -2.22 7.89 -4.89
CA VAL A 104 -1.79 6.93 -3.90
C VAL A 104 -2.78 6.88 -2.74
N ARG A 105 -3.56 5.82 -2.66
CA ARG A 105 -4.56 5.68 -1.62
C ARG A 105 -4.00 4.95 -0.41
N VAL A 106 -4.42 5.36 0.77
CA VAL A 106 -3.99 4.74 2.02
C VAL A 106 -5.14 3.98 2.66
N ARG A 107 -4.93 2.70 2.91
CA ARG A 107 -5.94 1.88 3.57
C ARG A 107 -5.33 1.14 4.75
N THR A 108 -6.13 0.97 5.79
CA THR A 108 -5.67 0.33 7.00
C THR A 108 -6.12 -1.13 7.06
N VAL A 109 -5.20 -2.02 7.40
CA VAL A 109 -5.51 -3.44 7.54
C VAL A 109 -5.43 -3.85 9.00
N THR A 110 -6.58 -4.15 9.60
CA THR A 110 -6.62 -4.56 10.99
C THR A 110 -6.73 -6.09 11.06
N SER A 111 -7.32 -6.67 10.04
CA SER A 111 -7.41 -8.12 9.93
C SER A 111 -7.06 -8.53 8.49
N PRO A 112 -6.35 -9.66 8.32
CA PRO A 112 -5.83 -10.10 7.02
C PRO A 112 -6.90 -10.29 5.95
N ASP A 113 -8.16 -10.42 6.37
CA ASP A 113 -9.26 -10.56 5.43
C ASP A 113 -9.54 -9.24 4.72
N GLU A 114 -9.11 -8.14 5.32
CA GLU A 114 -9.27 -6.84 4.71
C GLU A 114 -8.27 -6.68 3.57
N ALA A 115 -7.07 -7.20 3.77
CA ALA A 115 -6.02 -7.12 2.77
C ALA A 115 -6.43 -7.85 1.50
N LYS A 116 -6.88 -9.09 1.65
CA LYS A 116 -7.30 -9.90 0.50
C LYS A 116 -8.45 -9.21 -0.23
N ARG A 117 -9.28 -8.50 0.53
CA ARG A 117 -10.39 -7.77 -0.03
C ARG A 117 -9.92 -6.53 -0.77
N TRP A 118 -9.23 -5.65 -0.05
CA TRP A 118 -8.89 -4.34 -0.59
C TRP A 118 -7.90 -4.42 -1.75
N ILE A 119 -7.01 -5.40 -1.72
CA ILE A 119 -6.05 -5.57 -2.81
C ILE A 119 -6.76 -5.95 -4.11
N LYS A 120 -7.67 -6.91 -4.03
CA LYS A 120 -8.42 -7.35 -5.21
C LYS A 120 -9.42 -6.27 -5.64
N GLU A 121 -9.97 -5.56 -4.67
CA GLU A 121 -10.90 -4.46 -4.96
C GLU A 121 -10.17 -3.35 -5.70
N PHE A 122 -8.88 -3.22 -5.40
CA PHE A 122 -8.03 -2.22 -6.01
C PHE A 122 -7.60 -2.64 -7.41
N SER A 123 -7.37 -3.94 -7.57
CA SER A 123 -6.90 -4.46 -8.85
C SER A 123 -8.05 -4.66 -9.83
N GLU A 124 -9.07 -5.39 -9.42
CA GLU A 124 -10.19 -5.68 -10.30
C GLU A 124 -11.49 -5.75 -9.50
N GLU A 125 -11.74 -6.89 -8.86
CA GLU A 125 -12.96 -7.08 -8.08
C GLU A 125 -12.67 -7.90 -6.82
N MET A 21 0.27 0.42 -17.40
CA MET A 21 -0.39 0.70 -16.10
C MET A 21 0.41 0.10 -14.97
N ARG A 22 0.60 0.85 -13.90
CA ARG A 22 1.36 0.38 -12.76
C ARG A 22 0.48 0.30 -11.52
N LEU A 23 -0.01 -0.90 -11.23
CA LEU A 23 -0.80 -1.12 -10.03
C LEU A 23 0.11 -1.58 -8.90
N VAL A 24 0.45 -0.66 -8.02
CA VAL A 24 1.42 -0.91 -6.97
C VAL A 24 0.75 -1.06 -5.61
N VAL A 25 1.14 -2.10 -4.88
CA VAL A 25 0.64 -2.33 -3.54
C VAL A 25 1.79 -2.36 -2.54
N LEU A 26 1.86 -1.35 -1.70
CA LEU A 26 2.93 -1.23 -0.71
C LEU A 26 2.37 -1.53 0.66
N ILE A 27 2.81 -2.63 1.25
CA ILE A 27 2.22 -3.12 2.48
C ILE A 27 3.22 -3.11 3.64
N VAL A 28 2.77 -2.59 4.77
CA VAL A 28 3.52 -2.66 6.01
C VAL A 28 2.66 -3.32 7.07
N SER A 29 2.94 -4.57 7.38
CA SER A 29 2.11 -5.33 8.30
C SER A 29 2.91 -6.31 9.14
N ASN A 30 2.21 -7.05 9.98
CA ASN A 30 2.80 -8.02 10.88
C ASN A 30 3.15 -9.31 10.14
N ASP A 31 3.53 -10.32 10.94
CA ASP A 31 3.92 -11.67 10.49
C ASP A 31 3.66 -11.97 9.01
N LYS A 32 4.72 -12.45 8.35
CA LYS A 32 4.74 -12.62 6.91
C LYS A 32 3.67 -13.58 6.39
N LYS A 33 3.06 -14.37 7.28
CA LYS A 33 2.00 -15.30 6.86
C LYS A 33 0.91 -14.56 6.10
N LEU A 34 0.53 -13.41 6.61
CA LEU A 34 -0.47 -12.57 5.96
C LEU A 34 0.08 -11.96 4.68
N ILE A 35 1.33 -11.52 4.75
CA ILE A 35 1.96 -10.84 3.62
C ILE A 35 2.13 -11.77 2.44
N GLU A 36 2.64 -12.97 2.69
CA GLU A 36 2.83 -13.97 1.64
C GLU A 36 1.50 -14.27 0.96
N GLU A 37 0.46 -14.44 1.75
CA GLU A 37 -0.87 -14.70 1.22
C GLU A 37 -1.33 -13.53 0.35
N ALA A 38 -1.09 -12.31 0.82
CA ALA A 38 -1.39 -11.12 0.04
C ALA A 38 -0.57 -11.09 -1.25
N ARG A 39 0.69 -11.49 -1.16
CA ARG A 39 1.57 -11.57 -2.32
C ARG A 39 1.05 -12.59 -3.33
N LYS A 40 0.49 -13.67 -2.82
CA LYS A 40 -0.10 -14.70 -3.67
C LYS A 40 -1.27 -14.14 -4.46
N MET A 41 -1.96 -13.19 -3.86
CA MET A 41 -3.07 -12.50 -4.54
C MET A 41 -2.51 -11.50 -5.55
N ALA A 42 -1.40 -10.86 -5.16
CA ALA A 42 -0.75 -9.87 -6.00
C ALA A 42 -0.16 -10.50 -7.26
N GLU A 43 0.56 -11.61 -7.08
CA GLU A 43 1.17 -12.30 -8.20
C GLU A 43 0.12 -12.82 -9.18
N LYS A 44 -1.07 -13.07 -8.66
CA LYS A 44 -2.17 -13.59 -9.48
C LYS A 44 -2.67 -12.54 -10.47
N ALA A 45 -3.15 -11.42 -9.95
CA ALA A 45 -3.76 -10.39 -10.80
C ALA A 45 -2.77 -9.32 -11.19
N ASN A 46 -1.48 -9.63 -11.03
CA ASN A 46 -0.37 -8.77 -11.42
C ASN A 46 -0.41 -7.43 -10.68
N LEU A 47 -0.37 -7.50 -9.36
CA LEU A 47 -0.19 -6.32 -8.54
C LEU A 47 1.24 -6.28 -8.05
N GLU A 48 1.86 -5.12 -8.08
CA GLU A 48 3.24 -4.99 -7.65
C GLU A 48 3.29 -4.90 -6.14
N LEU A 49 3.55 -6.02 -5.50
CA LEU A 49 3.57 -6.11 -4.05
C LEU A 49 4.98 -5.87 -3.54
N ILE A 50 5.14 -4.80 -2.78
CA ILE A 50 6.41 -4.49 -2.15
C ILE A 50 6.21 -4.30 -0.65
N THR A 51 7.04 -4.94 0.14
CA THR A 51 6.94 -4.87 1.58
C THR A 51 7.70 -3.65 2.12
N VAL A 52 7.02 -2.89 2.96
CA VAL A 52 7.58 -1.68 3.54
C VAL A 52 7.97 -1.89 5.00
N PRO A 53 9.08 -1.28 5.44
CA PRO A 53 9.44 -1.19 6.86
C PRO A 53 8.30 -0.59 7.70
N GLY A 54 8.38 -0.82 8.99
CA GLY A 54 7.28 -0.51 9.92
C GLY A 54 6.97 0.98 10.08
N SER A 55 7.51 1.81 9.21
CA SER A 55 7.22 3.23 9.24
C SER A 55 6.35 3.63 8.05
N PRO A 56 5.13 4.14 8.32
CA PRO A 56 4.20 4.59 7.28
C PRO A 56 4.80 5.69 6.40
N GLU A 57 5.75 6.43 6.97
CA GLU A 57 6.51 7.44 6.24
C GLU A 57 7.14 6.83 4.99
N GLU A 58 7.77 5.67 5.17
CA GLU A 58 8.47 5.01 4.07
C GLU A 58 7.47 4.51 3.03
N ALA A 59 6.32 4.04 3.51
CA ALA A 59 5.28 3.50 2.63
C ALA A 59 4.84 4.54 1.60
N ILE A 60 4.58 5.75 2.07
CA ILE A 60 4.11 6.82 1.20
C ILE A 60 5.23 7.32 0.30
N ARG A 61 6.43 7.42 0.84
CA ARG A 61 7.57 7.92 0.09
C ARG A 61 8.06 6.90 -0.94
N LEU A 62 7.84 5.62 -0.65
CA LEU A 62 8.13 4.57 -1.62
C LEU A 62 7.16 4.70 -2.79
N ALA A 63 5.91 5.00 -2.48
CA ALA A 63 4.89 5.24 -3.49
C ALA A 63 5.25 6.46 -4.32
N GLN A 64 5.65 7.52 -3.63
CA GLN A 64 6.10 8.76 -4.29
C GLN A 64 7.24 8.47 -5.27
N GLU A 65 8.18 7.64 -4.83
CA GLU A 65 9.31 7.25 -5.65
C GLU A 65 8.83 6.52 -6.90
N ILE A 66 8.07 5.44 -6.70
CA ILE A 66 7.60 4.63 -7.81
C ILE A 66 6.73 5.46 -8.77
N ALA A 67 5.95 6.38 -8.21
CA ALA A 67 5.05 7.20 -9.00
C ALA A 67 5.80 8.04 -10.03
N GLU A 68 6.99 8.51 -9.67
CA GLU A 68 7.77 9.33 -10.58
C GLU A 68 8.72 8.48 -11.43
N LYS A 69 9.04 7.28 -10.96
CA LYS A 69 9.96 6.40 -11.68
C LYS A 69 9.23 5.61 -12.76
N ALA A 70 7.94 5.34 -12.54
CA ALA A 70 7.15 4.58 -13.48
C ALA A 70 6.67 5.45 -14.63
N PRO A 71 7.01 5.06 -15.87
CA PRO A 71 6.54 5.77 -17.04
C PRO A 71 5.14 5.35 -17.46
N GLY A 72 4.19 6.24 -17.26
CA GLY A 72 2.82 5.98 -17.68
C GLY A 72 1.83 6.13 -16.55
N PRO A 73 0.66 5.46 -16.65
CA PRO A 73 -0.36 5.49 -15.62
C PRO A 73 0.09 4.74 -14.37
N VAL A 74 0.15 5.44 -13.24
CA VAL A 74 0.56 4.82 -12.00
C VAL A 74 -0.55 4.92 -10.97
N LYS A 75 -0.78 3.83 -10.26
CA LYS A 75 -1.81 3.76 -9.23
C LYS A 75 -1.29 2.95 -8.05
N VAL A 76 -1.18 3.58 -6.89
CA VAL A 76 -0.57 2.92 -5.74
C VAL A 76 -1.54 2.81 -4.57
N LEU A 77 -1.50 1.68 -3.90
CA LEU A 77 -2.27 1.46 -2.69
C LEU A 77 -1.33 1.08 -1.55
N VAL A 78 -1.40 1.81 -0.45
CA VAL A 78 -0.56 1.51 0.70
C VAL A 78 -1.37 0.88 1.81
N LEU A 79 -0.90 -0.25 2.31
CA LEU A 79 -1.59 -0.99 3.34
C LEU A 79 -0.85 -0.88 4.66
N ILE A 80 -1.31 0.00 5.53
CA ILE A 80 -0.72 0.16 6.85
C ILE A 80 -1.46 -0.70 7.87
N THR A 81 -0.72 -1.43 8.68
CA THR A 81 -1.34 -2.35 9.63
C THR A 81 -1.58 -1.68 10.98
N GLY A 82 -2.59 -2.16 11.69
CA GLY A 82 -2.89 -1.68 13.02
C GLY A 82 -3.28 -0.22 13.03
N SER A 83 -2.92 0.47 14.10
CA SER A 83 -3.20 1.88 14.23
C SER A 83 -1.90 2.66 14.13
N ALA A 84 -1.96 3.82 13.50
CA ALA A 84 -0.81 4.68 13.39
C ALA A 84 -0.58 5.39 14.72
N ASP A 85 0.64 5.24 15.25
CA ASP A 85 1.01 5.86 16.52
C ASP A 85 0.79 7.37 16.46
N PRO A 86 0.61 8.04 17.61
CA PRO A 86 0.30 9.48 17.69
C PRO A 86 1.01 10.33 16.63
N ASP A 87 2.32 10.17 16.53
CA ASP A 87 3.11 10.92 15.56
C ASP A 87 2.84 10.41 14.14
N GLU A 88 2.84 9.10 13.99
CA GLU A 88 2.64 8.47 12.70
C GLU A 88 1.26 8.78 12.13
N LYS A 89 0.29 8.98 13.02
CA LYS A 89 -1.08 9.26 12.64
C LYS A 89 -1.18 10.58 11.88
N THR A 90 -0.65 11.64 12.46
CA THR A 90 -0.69 12.95 11.83
C THR A 90 0.31 13.00 10.66
N LYS A 91 1.34 12.17 10.75
CA LYS A 91 2.34 12.07 9.70
C LYS A 91 1.74 11.42 8.45
N ALA A 92 1.09 10.28 8.64
CA ALA A 92 0.48 9.55 7.55
C ALA A 92 -0.71 10.33 6.98
N LYS A 93 -1.24 11.24 7.79
CA LYS A 93 -2.32 12.10 7.34
C LYS A 93 -1.79 13.13 6.35
N LYS A 94 -0.69 13.77 6.72
CA LYS A 94 -0.04 14.75 5.85
C LYS A 94 0.53 14.07 4.61
N ALA A 95 1.09 12.90 4.81
CA ALA A 95 1.64 12.10 3.72
C ALA A 95 0.53 11.62 2.78
N ALA A 96 -0.64 11.33 3.35
CA ALA A 96 -1.78 10.84 2.58
C ALA A 96 -2.26 11.87 1.57
N GLU A 97 -2.38 13.12 2.00
CA GLU A 97 -2.87 14.18 1.13
C GLU A 97 -1.80 14.57 0.11
N GLU A 98 -0.54 14.30 0.44
CA GLU A 98 0.55 14.52 -0.49
C GLU A 98 0.48 13.49 -1.61
N ALA A 99 0.46 12.22 -1.24
CA ALA A 99 0.42 11.13 -2.20
C ALA A 99 -0.94 11.06 -2.90
N ARG A 100 -1.91 11.77 -2.34
CA ARG A 100 -3.25 11.83 -2.91
C ARG A 100 -3.21 12.40 -4.33
N LYS A 101 -2.20 13.21 -4.63
CA LYS A 101 -2.04 13.80 -5.96
C LYS A 101 -1.71 12.75 -7.00
N TRP A 102 -1.16 11.62 -6.57
CA TRP A 102 -0.74 10.57 -7.50
C TRP A 102 -1.60 9.32 -7.34
N ASN A 103 -2.82 9.51 -6.83
CA ASN A 103 -3.78 8.42 -6.67
C ASN A 103 -3.26 7.33 -5.73
N VAL A 104 -2.55 7.74 -4.70
CA VAL A 104 -2.08 6.80 -3.68
C VAL A 104 -3.09 6.75 -2.55
N ARG A 105 -3.80 5.65 -2.43
CA ARG A 105 -4.83 5.50 -1.42
C ARG A 105 -4.26 4.86 -0.16
N VAL A 106 -4.61 5.44 0.99
CA VAL A 106 -4.20 4.89 2.26
C VAL A 106 -5.26 3.91 2.79
N ARG A 107 -4.83 2.73 3.16
CA ARG A 107 -5.75 1.70 3.63
C ARG A 107 -5.17 1.01 4.85
N THR A 108 -6.05 0.43 5.67
CA THR A 108 -5.62 -0.22 6.91
C THR A 108 -5.91 -1.71 6.86
N VAL A 109 -4.95 -2.51 7.31
CA VAL A 109 -5.10 -3.96 7.37
C VAL A 109 -4.80 -4.48 8.76
N THR A 110 -5.79 -5.09 9.39
CA THR A 110 -5.60 -5.71 10.70
C THR A 110 -5.88 -7.21 10.64
N SER A 111 -6.38 -7.66 9.49
CA SER A 111 -6.70 -9.07 9.31
C SER A 111 -6.62 -9.45 7.84
N PRO A 112 -6.26 -10.71 7.52
CA PRO A 112 -6.09 -11.18 6.13
C PRO A 112 -7.23 -10.77 5.20
N ASP A 113 -8.46 -10.94 5.68
CA ASP A 113 -9.66 -10.64 4.90
C ASP A 113 -9.61 -9.25 4.27
N GLU A 114 -9.15 -8.28 5.04
CA GLU A 114 -9.08 -6.91 4.58
C GLU A 114 -8.14 -6.79 3.38
N ALA A 115 -6.91 -7.25 3.56
CA ALA A 115 -5.89 -7.17 2.50
C ALA A 115 -6.40 -7.85 1.23
N LYS A 116 -7.08 -8.97 1.40
CA LYS A 116 -7.64 -9.72 0.28
C LYS A 116 -8.61 -8.87 -0.53
N ARG A 117 -9.52 -8.18 0.15
CA ARG A 117 -10.55 -7.42 -0.54
C ARG A 117 -10.01 -6.08 -1.06
N TRP A 118 -8.99 -5.54 -0.38
CA TRP A 118 -8.39 -4.29 -0.83
C TRP A 118 -7.63 -4.49 -2.13
N ILE A 119 -6.93 -5.62 -2.24
CA ILE A 119 -6.22 -5.96 -3.46
C ILE A 119 -7.22 -6.28 -4.58
N LYS A 120 -8.33 -6.90 -4.20
CA LYS A 120 -9.39 -7.26 -5.15
C LYS A 120 -9.92 -6.03 -5.87
N GLU A 121 -10.37 -5.04 -5.11
CA GLU A 121 -10.94 -3.82 -5.69
C GLU A 121 -9.87 -3.00 -6.41
N PHE A 122 -8.65 -3.04 -5.88
CA PHE A 122 -7.54 -2.29 -6.45
C PHE A 122 -7.18 -2.83 -7.82
N SER A 123 -7.24 -4.15 -7.96
CA SER A 123 -6.97 -4.80 -9.23
C SER A 123 -8.17 -4.62 -10.17
N GLU A 124 -9.35 -5.00 -9.70
CA GLU A 124 -10.57 -4.94 -10.51
C GLU A 124 -10.34 -5.67 -11.83
N GLU A 125 -10.00 -6.95 -11.73
CA GLU A 125 -9.69 -7.77 -12.88
C GLU A 125 -10.21 -9.19 -12.67
N MET A 21 -1.20 -0.72 -17.45
CA MET A 21 -1.60 -0.08 -16.19
C MET A 21 -0.68 -0.51 -15.06
N ARG A 22 -0.16 0.45 -14.30
CA ARG A 22 0.73 0.15 -13.20
C ARG A 22 -0.01 0.19 -11.87
N LEU A 23 -0.32 -0.98 -11.33
CA LEU A 23 -0.93 -1.07 -10.02
C LEU A 23 0.12 -1.45 -9.00
N VAL A 24 0.41 -0.51 -8.10
CA VAL A 24 1.45 -0.68 -7.11
C VAL A 24 0.86 -0.69 -5.71
N VAL A 25 1.29 -1.61 -4.88
CA VAL A 25 0.84 -1.66 -3.50
C VAL A 25 2.04 -1.80 -2.58
N LEU A 26 2.24 -0.84 -1.69
CA LEU A 26 3.28 -0.97 -0.67
C LEU A 26 2.61 -1.27 0.66
N ILE A 27 2.90 -2.44 1.20
CA ILE A 27 2.22 -2.90 2.39
C ILE A 27 3.13 -2.74 3.61
N VAL A 28 2.62 -2.06 4.63
CA VAL A 28 3.30 -1.99 5.91
C VAL A 28 2.72 -3.09 6.79
N SER A 29 3.41 -4.21 6.86
CA SER A 29 2.83 -5.42 7.38
C SER A 29 3.51 -5.90 8.65
N ASN A 30 2.68 -6.39 9.56
CA ASN A 30 3.13 -7.18 10.68
C ASN A 30 3.40 -8.59 10.19
N ASP A 31 3.63 -9.52 11.14
CA ASP A 31 3.89 -10.97 10.88
C ASP A 31 3.69 -11.39 9.42
N LYS A 32 4.73 -12.02 8.86
CA LYS A 32 4.81 -12.33 7.43
C LYS A 32 3.65 -13.20 6.93
N LYS A 33 2.89 -13.80 7.85
CA LYS A 33 1.69 -14.56 7.46
C LYS A 33 0.74 -13.67 6.66
N LEU A 34 0.74 -12.38 6.99
CA LEU A 34 -0.11 -11.42 6.30
C LEU A 34 0.47 -11.09 4.93
N ILE A 35 1.78 -10.85 4.90
CA ILE A 35 2.49 -10.50 3.67
C ILE A 35 2.27 -11.57 2.61
N GLU A 36 2.42 -12.83 3.01
CA GLU A 36 2.25 -13.96 2.10
C GLU A 36 0.92 -13.89 1.37
N GLU A 37 -0.17 -13.95 2.13
CA GLU A 37 -1.52 -13.99 1.56
C GLU A 37 -1.77 -12.80 0.63
N ALA A 38 -1.33 -11.62 1.07
CA ALA A 38 -1.54 -10.41 0.30
C ALA A 38 -0.73 -10.43 -0.99
N ARG A 39 0.53 -10.83 -0.88
CA ARG A 39 1.44 -10.83 -2.02
C ARG A 39 1.07 -11.91 -3.03
N LYS A 40 0.54 -13.02 -2.52
CA LYS A 40 0.10 -14.13 -3.36
C LYS A 40 -0.92 -13.67 -4.39
N MET A 41 -1.94 -12.97 -3.91
CA MET A 41 -3.01 -12.50 -4.80
C MET A 41 -2.54 -11.33 -5.65
N ALA A 42 -1.66 -10.51 -5.09
CA ALA A 42 -1.12 -9.37 -5.82
C ALA A 42 -0.35 -9.83 -7.06
N GLU A 43 0.55 -10.78 -6.88
CA GLU A 43 1.32 -11.31 -7.99
C GLU A 43 0.42 -12.06 -8.96
N LYS A 44 -0.56 -12.76 -8.42
CA LYS A 44 -1.47 -13.56 -9.22
C LYS A 44 -2.35 -12.68 -10.12
N ALA A 45 -2.63 -11.46 -9.67
CA ALA A 45 -3.47 -10.54 -10.44
C ALA A 45 -2.62 -9.56 -11.24
N ASN A 46 -1.32 -9.85 -11.31
CA ASN A 46 -0.35 -9.03 -12.05
C ASN A 46 -0.29 -7.62 -11.47
N LEU A 47 -0.09 -7.55 -10.17
CA LEU A 47 0.09 -6.27 -9.48
C LEU A 47 1.49 -6.21 -8.91
N GLU A 48 1.99 -5.00 -8.70
CA GLU A 48 3.31 -4.84 -8.10
C GLU A 48 3.18 -4.50 -6.62
N LEU A 49 3.36 -5.49 -5.77
CA LEU A 49 3.25 -5.28 -4.34
C LEU A 49 4.62 -5.34 -3.69
N ILE A 50 4.93 -4.32 -2.93
CA ILE A 50 6.20 -4.23 -2.22
C ILE A 50 5.95 -4.09 -0.73
N THR A 51 6.73 -4.79 0.07
CA THR A 51 6.58 -4.72 1.52
C THR A 51 7.77 -4.00 2.14
N VAL A 52 7.59 -2.73 2.49
CA VAL A 52 8.65 -1.96 3.14
C VAL A 52 8.13 -1.34 4.44
N PRO A 53 8.10 -2.12 5.53
CA PRO A 53 7.81 -1.58 6.85
C PRO A 53 9.07 -1.13 7.61
N GLY A 54 9.31 0.16 7.69
CA GLY A 54 10.21 0.66 8.72
C GLY A 54 9.52 1.69 9.56
N SER A 55 8.93 2.64 8.88
CA SER A 55 7.84 3.45 9.40
C SER A 55 6.64 3.24 8.51
N PRO A 56 5.42 3.49 8.98
CA PRO A 56 4.25 3.54 8.09
C PRO A 56 4.47 4.56 6.98
N GLU A 57 5.04 5.70 7.37
CA GLU A 57 5.32 6.80 6.44
C GLU A 57 6.34 6.41 5.37
N GLU A 58 7.24 5.49 5.71
CA GLU A 58 8.33 5.10 4.82
C GLU A 58 7.79 4.53 3.51
N ALA A 59 6.78 3.67 3.62
CA ALA A 59 6.17 3.08 2.45
C ALA A 59 5.35 4.13 1.68
N ILE A 60 4.74 5.06 2.41
CA ILE A 60 3.93 6.10 1.81
C ILE A 60 4.80 7.01 0.94
N ARG A 61 5.99 7.33 1.45
CA ARG A 61 6.88 8.22 0.73
C ARG A 61 7.54 7.50 -0.45
N LEU A 62 7.73 6.19 -0.30
CA LEU A 62 8.30 5.39 -1.38
C LEU A 62 7.29 5.20 -2.50
N ALA A 63 6.01 5.19 -2.13
CA ALA A 63 4.92 5.14 -3.10
C ALA A 63 5.01 6.31 -4.07
N GLN A 64 5.38 7.47 -3.53
CA GLN A 64 5.51 8.68 -4.32
C GLN A 64 6.60 8.53 -5.37
N GLU A 65 7.68 7.87 -4.99
CA GLU A 65 8.81 7.64 -5.90
C GLU A 65 8.43 6.65 -6.99
N ILE A 66 7.83 5.53 -6.59
CA ILE A 66 7.47 4.50 -7.55
C ILE A 66 6.45 5.03 -8.57
N ALA A 67 5.52 5.84 -8.10
CA ALA A 67 4.50 6.43 -8.98
C ALA A 67 5.13 7.42 -9.97
N GLU A 68 6.13 8.15 -9.51
CA GLU A 68 6.83 9.10 -10.35
C GLU A 68 7.71 8.38 -11.37
N LYS A 69 8.45 7.38 -10.89
CA LYS A 69 9.45 6.72 -11.70
C LYS A 69 8.82 5.74 -12.69
N ALA A 70 7.58 5.36 -12.44
CA ALA A 70 6.86 4.47 -13.36
C ALA A 70 6.28 5.29 -14.51
N PRO A 71 6.66 4.97 -15.75
CA PRO A 71 6.15 5.66 -16.93
C PRO A 71 4.77 5.12 -17.35
N GLY A 72 3.75 5.92 -17.12
CA GLY A 72 2.41 5.57 -17.55
C GLY A 72 1.38 5.81 -16.46
N PRO A 73 0.16 5.29 -16.62
CA PRO A 73 -0.89 5.41 -15.61
C PRO A 73 -0.59 4.52 -14.40
N VAL A 74 -0.44 5.14 -13.24
CA VAL A 74 -0.09 4.42 -12.04
C VAL A 74 -1.20 4.54 -10.99
N LYS A 75 -1.49 3.43 -10.33
CA LYS A 75 -2.44 3.41 -9.23
C LYS A 75 -1.76 2.73 -8.04
N VAL A 76 -1.52 3.47 -6.98
CA VAL A 76 -0.80 2.92 -5.84
C VAL A 76 -1.69 2.84 -4.60
N LEU A 77 -1.62 1.72 -3.91
CA LEU A 77 -2.25 1.58 -2.61
C LEU A 77 -1.20 1.35 -1.55
N VAL A 78 -1.42 1.93 -0.39
CA VAL A 78 -0.55 1.71 0.75
C VAL A 78 -1.38 1.30 1.95
N LEU A 79 -1.11 0.11 2.44
CA LEU A 79 -1.89 -0.46 3.53
C LEU A 79 -1.07 -0.50 4.80
N ILE A 80 -1.59 0.11 5.85
CA ILE A 80 -0.95 0.06 7.15
C ILE A 80 -1.71 -0.92 8.05
N THR A 81 -0.99 -1.62 8.90
CA THR A 81 -1.59 -2.67 9.71
C THR A 81 -1.57 -2.34 11.19
N GLY A 82 -2.55 -2.86 11.91
CA GLY A 82 -2.63 -2.65 13.35
C GLY A 82 -3.08 -1.25 13.68
N SER A 83 -2.75 -0.79 14.87
CA SER A 83 -3.10 0.56 15.28
C SER A 83 -1.90 1.49 15.13
N ALA A 84 -1.94 2.33 14.11
CA ALA A 84 -0.89 3.32 13.90
C ALA A 84 -0.99 4.40 14.97
N ASP A 85 0.09 4.55 15.73
CA ASP A 85 0.12 5.49 16.85
C ASP A 85 -0.07 6.92 16.36
N PRO A 86 -0.50 7.85 17.22
CA PRO A 86 -0.71 9.26 16.84
C PRO A 86 0.43 9.81 15.99
N ASP A 87 1.66 9.55 16.43
CA ASP A 87 2.86 10.01 15.72
C ASP A 87 2.92 9.44 14.31
N GLU A 88 2.47 8.21 14.17
CA GLU A 88 2.52 7.53 12.88
C GLU A 88 1.36 7.95 12.00
N LYS A 89 0.18 8.02 12.61
CA LYS A 89 -1.04 8.37 11.91
C LYS A 89 -0.97 9.75 11.29
N THR A 90 -0.39 10.69 12.03
CA THR A 90 -0.21 12.05 11.53
C THR A 90 0.68 12.06 10.30
N LYS A 91 1.82 11.39 10.40
CA LYS A 91 2.76 11.32 9.30
C LYS A 91 2.12 10.70 8.07
N ALA A 92 1.35 9.65 8.29
CA ALA A 92 0.72 8.91 7.21
C ALA A 92 -0.39 9.73 6.57
N LYS A 93 -1.15 10.43 7.39
CA LYS A 93 -2.27 11.22 6.90
C LYS A 93 -1.77 12.42 6.11
N LYS A 94 -0.71 13.05 6.61
CA LYS A 94 -0.10 14.17 5.91
C LYS A 94 0.57 13.71 4.64
N ALA A 95 1.31 12.61 4.72
CA ALA A 95 1.97 12.04 3.55
C ALA A 95 0.94 11.68 2.49
N ALA A 96 -0.21 11.17 2.93
CA ALA A 96 -1.30 10.82 2.03
C ALA A 96 -1.79 12.03 1.26
N GLU A 97 -1.70 13.20 1.87
CA GLU A 97 -2.18 14.42 1.26
C GLU A 97 -1.25 14.87 0.15
N GLU A 98 0.05 14.90 0.44
CA GLU A 98 1.04 15.25 -0.56
C GLU A 98 1.13 14.18 -1.64
N ALA A 99 1.04 12.92 -1.22
CA ALA A 99 1.19 11.79 -2.12
C ALA A 99 -0.09 11.53 -2.91
N ARG A 100 -1.18 12.14 -2.50
CA ARG A 100 -2.47 11.95 -3.17
C ARG A 100 -2.36 12.30 -4.65
N LYS A 101 -1.44 13.21 -4.97
CA LYS A 101 -1.22 13.66 -6.34
C LYS A 101 -0.64 12.53 -7.20
N TRP A 102 -0.09 11.52 -6.54
CA TRP A 102 0.51 10.39 -7.24
C TRP A 102 -0.47 9.23 -7.34
N ASN A 103 -1.71 9.48 -6.94
CA ASN A 103 -2.80 8.51 -7.04
C ASN A 103 -2.55 7.34 -6.10
N VAL A 104 -1.97 7.63 -4.94
CA VAL A 104 -1.78 6.62 -3.91
C VAL A 104 -2.77 6.85 -2.78
N ARG A 105 -3.34 5.77 -2.25
CA ARG A 105 -4.40 5.87 -1.26
C ARG A 105 -4.08 5.02 -0.04
N VAL A 106 -4.22 5.61 1.14
CA VAL A 106 -3.87 4.94 2.38
C VAL A 106 -5.11 4.32 3.02
N ARG A 107 -5.03 3.02 3.27
CA ARG A 107 -6.11 2.30 3.94
C ARG A 107 -5.53 1.47 5.08
N THR A 108 -6.27 1.38 6.18
CA THR A 108 -5.81 0.63 7.34
C THR A 108 -6.45 -0.74 7.38
N VAL A 109 -5.63 -1.78 7.46
CA VAL A 109 -6.12 -3.14 7.52
C VAL A 109 -5.59 -3.84 8.77
N THR A 110 -6.40 -4.72 9.33
CA THR A 110 -6.02 -5.42 10.54
C THR A 110 -5.96 -6.93 10.31
N SER A 111 -6.87 -7.42 9.49
CA SER A 111 -6.95 -8.84 9.20
C SER A 111 -6.66 -9.10 7.72
N PRO A 112 -6.11 -10.29 7.40
CA PRO A 112 -5.75 -10.68 6.02
C PRO A 112 -6.93 -10.59 5.06
N ASP A 113 -8.13 -10.87 5.56
CA ASP A 113 -9.34 -10.85 4.74
C ASP A 113 -9.58 -9.47 4.15
N GLU A 114 -9.25 -8.44 4.92
CA GLU A 114 -9.41 -7.06 4.48
C GLU A 114 -8.44 -6.74 3.34
N ALA A 115 -7.15 -6.99 3.60
CA ALA A 115 -6.11 -6.71 2.62
C ALA A 115 -6.36 -7.46 1.32
N LYS A 116 -6.69 -8.74 1.45
CA LYS A 116 -6.96 -9.59 0.30
C LYS A 116 -8.16 -9.05 -0.49
N ARG A 117 -9.14 -8.52 0.24
CA ARG A 117 -10.32 -7.93 -0.37
C ARG A 117 -9.95 -6.70 -1.18
N TRP A 118 -9.20 -5.79 -0.55
CA TRP A 118 -8.81 -4.54 -1.21
C TRP A 118 -7.98 -4.81 -2.45
N ILE A 119 -7.03 -5.72 -2.35
CA ILE A 119 -6.13 -6.04 -3.45
C ILE A 119 -6.89 -6.58 -4.65
N LYS A 120 -7.71 -7.60 -4.43
CA LYS A 120 -8.46 -8.22 -5.51
C LYS A 120 -9.42 -7.22 -6.16
N GLU A 121 -10.05 -6.40 -5.31
CA GLU A 121 -10.96 -5.37 -5.80
C GLU A 121 -10.19 -4.33 -6.62
N PHE A 122 -9.06 -3.90 -6.09
CA PHE A 122 -8.22 -2.89 -6.72
C PHE A 122 -7.63 -3.40 -8.04
N SER A 123 -7.51 -4.72 -8.16
CA SER A 123 -6.92 -5.34 -9.33
C SER A 123 -7.69 -4.99 -10.62
N GLU A 124 -9.01 -4.90 -10.51
CA GLU A 124 -9.91 -4.61 -11.64
C GLU A 124 -9.99 -5.79 -12.61
N GLU A 125 -8.85 -6.17 -13.17
CA GLU A 125 -8.80 -7.24 -14.15
C GLU A 125 -8.72 -8.60 -13.46
N MET A 21 0.26 -1.05 -17.45
CA MET A 21 -0.51 -1.39 -16.23
C MET A 21 0.41 -1.49 -15.03
N ARG A 22 0.57 -0.38 -14.31
CA ARG A 22 1.44 -0.36 -13.15
C ARG A 22 0.65 -0.17 -11.88
N LEU A 23 0.35 -1.28 -11.21
CA LEU A 23 -0.30 -1.25 -9.93
C LEU A 23 0.70 -1.67 -8.86
N VAL A 24 1.00 -0.74 -7.96
CA VAL A 24 2.03 -0.95 -6.96
C VAL A 24 1.40 -1.14 -5.59
N VAL A 25 1.85 -2.14 -4.85
CA VAL A 25 1.33 -2.38 -3.51
C VAL A 25 2.46 -2.41 -2.49
N LEU A 26 2.53 -1.40 -1.65
CA LEU A 26 3.53 -1.31 -0.61
C LEU A 26 2.89 -1.53 0.75
N ILE A 27 3.35 -2.54 1.46
CA ILE A 27 2.72 -2.94 2.71
C ILE A 27 3.76 -2.96 3.85
N VAL A 28 3.31 -2.61 5.05
CA VAL A 28 4.17 -2.56 6.23
C VAL A 28 4.19 -3.92 6.92
N SER A 29 5.29 -4.22 7.60
CA SER A 29 5.50 -5.53 8.21
C SER A 29 4.47 -5.84 9.29
N ASN A 30 4.01 -7.08 9.29
CA ASN A 30 3.01 -7.56 10.23
C ASN A 30 3.17 -9.08 10.32
N ASP A 31 2.26 -9.76 11.01
CA ASP A 31 2.25 -11.22 11.01
C ASP A 31 2.34 -11.74 9.59
N LYS A 32 3.12 -12.78 9.39
CA LYS A 32 3.45 -13.27 8.06
C LYS A 32 2.21 -13.76 7.30
N LYS A 33 1.13 -14.03 8.03
CA LYS A 33 -0.13 -14.42 7.40
C LYS A 33 -0.63 -13.29 6.50
N LEU A 34 -0.44 -12.05 6.96
CA LEU A 34 -0.89 -10.88 6.23
C LEU A 34 -0.13 -10.75 4.91
N ILE A 35 1.18 -10.85 4.98
CA ILE A 35 2.03 -10.66 3.82
C ILE A 35 1.78 -11.75 2.76
N GLU A 36 1.62 -12.99 3.21
CA GLU A 36 1.39 -14.10 2.29
C GLU A 36 0.12 -13.89 1.48
N GLU A 37 -0.99 -13.68 2.16
CA GLU A 37 -2.27 -13.53 1.49
C GLU A 37 -2.30 -12.26 0.63
N ALA A 38 -1.56 -11.25 1.06
CA ALA A 38 -1.41 -10.03 0.26
C ALA A 38 -0.67 -10.33 -1.03
N ARG A 39 0.41 -11.12 -0.92
CA ARG A 39 1.19 -11.52 -2.09
C ARG A 39 0.37 -12.40 -3.04
N LYS A 40 -0.39 -13.32 -2.47
CA LYS A 40 -1.21 -14.22 -3.26
C LYS A 40 -2.19 -13.44 -4.14
N MET A 41 -2.75 -12.39 -3.55
CA MET A 41 -3.68 -11.52 -4.27
C MET A 41 -2.94 -10.65 -5.28
N ALA A 42 -1.77 -10.18 -4.89
CA ALA A 42 -0.96 -9.34 -5.75
C ALA A 42 -0.48 -10.11 -6.97
N GLU A 43 0.24 -11.20 -6.72
CA GLU A 43 0.81 -12.01 -7.80
C GLU A 43 -0.30 -12.61 -8.67
N LYS A 44 -1.50 -12.73 -8.10
CA LYS A 44 -2.66 -13.23 -8.82
C LYS A 44 -2.95 -12.34 -10.04
N ALA A 45 -2.87 -11.04 -9.83
CA ALA A 45 -3.12 -10.09 -10.90
C ALA A 45 -1.82 -9.47 -11.40
N ASN A 46 -0.70 -10.08 -11.00
CA ASN A 46 0.64 -9.61 -11.38
C ASN A 46 0.89 -8.21 -10.85
N LEU A 47 0.49 -7.97 -9.61
CA LEU A 47 0.72 -6.70 -8.94
C LEU A 47 2.03 -6.80 -8.17
N GLU A 48 2.76 -5.69 -8.09
CA GLU A 48 4.03 -5.70 -7.40
C GLU A 48 3.84 -5.44 -5.91
N LEU A 49 3.87 -6.53 -5.15
CA LEU A 49 3.74 -6.48 -3.71
C LEU A 49 5.13 -6.30 -3.10
N ILE A 50 5.33 -5.19 -2.41
CA ILE A 50 6.62 -4.89 -1.80
C ILE A 50 6.43 -4.50 -0.32
N THR A 51 7.29 -5.06 0.53
CA THR A 51 7.24 -4.78 1.95
C THR A 51 8.36 -3.82 2.36
N VAL A 52 8.06 -2.53 2.52
CA VAL A 52 9.08 -1.58 2.96
C VAL A 52 8.66 -0.89 4.27
N PRO A 53 8.88 -1.55 5.41
CA PRO A 53 8.67 -0.94 6.72
C PRO A 53 9.92 -0.25 7.28
N GLY A 54 9.97 1.07 7.26
CA GLY A 54 10.89 1.74 8.15
C GLY A 54 10.19 2.79 8.99
N SER A 55 9.48 3.65 8.30
CA SER A 55 8.49 4.52 8.92
C SER A 55 7.13 4.25 8.27
N PRO A 56 6.03 4.81 8.80
CA PRO A 56 4.76 4.82 8.08
C PRO A 56 4.90 5.65 6.80
N GLU A 57 5.46 6.85 6.94
CA GLU A 57 5.68 7.74 5.80
C GLU A 57 6.66 7.15 4.80
N GLU A 58 7.52 6.25 5.26
CA GLU A 58 8.55 5.64 4.41
C GLU A 58 7.90 4.98 3.20
N ALA A 59 6.91 4.14 3.46
CA ALA A 59 6.21 3.44 2.40
C ALA A 59 5.41 4.41 1.53
N ILE A 60 4.94 5.49 2.15
CA ILE A 60 4.14 6.48 1.42
C ILE A 60 5.01 7.25 0.44
N ARG A 61 6.18 7.66 0.92
CA ARG A 61 7.12 8.40 0.09
C ARG A 61 7.71 7.51 -0.99
N LEU A 62 7.82 6.22 -0.66
CA LEU A 62 8.27 5.22 -1.63
C LEU A 62 7.23 5.10 -2.74
N ALA A 63 5.97 5.07 -2.33
CA ALA A 63 4.84 5.02 -3.25
C ALA A 63 4.86 6.24 -4.17
N GLN A 64 5.00 7.42 -3.57
CA GLN A 64 5.07 8.67 -4.31
C GLN A 64 6.22 8.60 -5.32
N GLU A 65 7.38 8.17 -4.85
CA GLU A 65 8.56 8.03 -5.70
C GLU A 65 8.27 7.15 -6.90
N ILE A 66 7.74 5.95 -6.67
CA ILE A 66 7.43 5.03 -7.74
C ILE A 66 6.40 5.62 -8.70
N ALA A 67 5.36 6.22 -8.15
CA ALA A 67 4.29 6.79 -8.96
C ALA A 67 4.80 7.95 -9.82
N GLU A 68 5.68 8.76 -9.25
CA GLU A 68 6.28 9.88 -9.96
C GLU A 68 7.18 9.40 -11.08
N LYS A 69 8.04 8.45 -10.77
CA LYS A 69 9.05 7.98 -11.70
C LYS A 69 8.46 7.01 -12.72
N ALA A 70 7.23 6.59 -12.48
CA ALA A 70 6.55 5.67 -13.38
C ALA A 70 6.01 6.41 -14.60
N PRO A 71 6.33 5.91 -15.81
CA PRO A 71 5.80 6.48 -17.05
C PRO A 71 4.35 6.09 -17.28
N GLY A 72 3.47 7.07 -17.14
CA GLY A 72 2.08 6.87 -17.51
C GLY A 72 1.17 6.73 -16.32
N PRO A 73 -0.09 6.31 -16.55
CA PRO A 73 -1.10 6.16 -15.51
C PRO A 73 -0.77 5.03 -14.53
N VAL A 74 -0.62 5.39 -13.27
CA VAL A 74 -0.33 4.41 -12.24
C VAL A 74 -1.30 4.55 -11.07
N LYS A 75 -1.36 3.53 -10.24
CA LYS A 75 -2.20 3.54 -9.06
C LYS A 75 -1.52 2.73 -7.96
N VAL A 76 -1.02 3.43 -6.97
CA VAL A 76 -0.28 2.78 -5.89
C VAL A 76 -1.17 2.60 -4.66
N LEU A 77 -1.24 1.37 -4.18
CA LEU A 77 -1.99 1.05 -2.98
C LEU A 77 -1.03 0.74 -1.84
N VAL A 78 -1.07 1.54 -0.80
CA VAL A 78 -0.21 1.31 0.35
C VAL A 78 -1.03 0.76 1.52
N LEU A 79 -0.52 -0.29 2.12
CA LEU A 79 -1.22 -0.97 3.20
C LEU A 79 -0.46 -0.82 4.52
N ILE A 80 -0.95 0.05 5.38
CA ILE A 80 -0.38 0.21 6.71
C ILE A 80 -1.07 -0.74 7.67
N THR A 81 -0.31 -1.27 8.62
CA THR A 81 -0.83 -2.29 9.52
C THR A 81 -1.82 -1.70 10.52
N GLY A 82 -2.68 -2.56 11.07
CA GLY A 82 -3.75 -2.11 11.94
C GLY A 82 -3.28 -1.25 13.09
N SER A 83 -2.31 -1.72 13.86
CA SER A 83 -1.86 -0.98 15.01
C SER A 83 -0.65 -0.09 14.68
N ALA A 84 -0.94 1.16 14.36
CA ALA A 84 0.08 2.18 14.26
C ALA A 84 0.03 3.07 15.49
N ASP A 85 1.13 3.72 15.80
CA ASP A 85 1.14 4.66 16.92
C ASP A 85 0.32 5.90 16.54
N PRO A 86 -0.43 6.50 17.47
CA PRO A 86 -1.24 7.69 17.21
C PRO A 86 -0.57 8.70 16.27
N ASP A 87 0.70 9.01 16.55
CA ASP A 87 1.44 10.01 15.78
C ASP A 87 1.78 9.48 14.39
N GLU A 88 1.98 8.18 14.29
CA GLU A 88 2.24 7.53 13.01
C GLU A 88 1.02 7.64 12.11
N LYS A 89 -0.16 7.51 12.71
CA LYS A 89 -1.41 7.69 11.98
C LYS A 89 -1.52 9.11 11.47
N THR A 90 -1.14 10.08 12.30
CA THR A 90 -1.17 11.48 11.92
C THR A 90 -0.27 11.75 10.72
N LYS A 91 0.96 11.24 10.79
CA LYS A 91 1.94 11.45 9.74
C LYS A 91 1.54 10.76 8.45
N ALA A 92 1.02 9.53 8.57
CA ALA A 92 0.63 8.76 7.40
C ALA A 92 -0.60 9.35 6.74
N LYS A 93 -1.52 9.85 7.56
CA LYS A 93 -2.75 10.45 7.07
C LYS A 93 -2.45 11.62 6.13
N LYS A 94 -1.55 12.50 6.57
CA LYS A 94 -1.16 13.65 5.77
C LYS A 94 -0.48 13.20 4.49
N ALA A 95 0.46 12.28 4.63
CA ALA A 95 1.24 11.79 3.50
C ALA A 95 0.35 11.11 2.47
N ALA A 96 -0.71 10.46 2.94
CA ALA A 96 -1.65 9.76 2.07
C ALA A 96 -2.37 10.73 1.14
N GLU A 97 -2.67 11.93 1.65
CA GLU A 97 -3.38 12.92 0.86
C GLU A 97 -2.41 13.71 -0.01
N GLU A 98 -1.17 13.79 0.43
CA GLU A 98 -0.13 14.44 -0.37
C GLU A 98 0.22 13.57 -1.56
N ALA A 99 0.51 12.30 -1.30
CA ALA A 99 0.87 11.35 -2.35
C ALA A 99 -0.32 11.06 -3.26
N ARG A 100 -1.50 11.47 -2.83
CA ARG A 100 -2.72 11.27 -3.60
C ARG A 100 -2.63 11.93 -4.98
N LYS A 101 -1.81 12.98 -5.08
CA LYS A 101 -1.61 13.68 -6.35
C LYS A 101 -1.00 12.75 -7.40
N TRP A 102 -0.31 11.73 -6.93
CA TRP A 102 0.34 10.76 -7.80
C TRP A 102 -0.50 9.50 -7.92
N ASN A 103 -1.80 9.64 -7.64
CA ASN A 103 -2.77 8.54 -7.72
C ASN A 103 -2.46 7.47 -6.68
N VAL A 104 -1.83 7.88 -5.59
CA VAL A 104 -1.53 6.96 -4.50
C VAL A 104 -2.63 7.02 -3.45
N ARG A 105 -3.07 5.86 -2.99
CA ARG A 105 -4.06 5.78 -1.93
C ARG A 105 -3.61 4.82 -0.84
N VAL A 106 -3.33 5.38 0.32
CA VAL A 106 -2.91 4.61 1.47
C VAL A 106 -4.13 4.15 2.26
N ARG A 107 -4.12 2.89 2.66
CA ARG A 107 -5.21 2.34 3.45
C ARG A 107 -4.66 1.61 4.66
N THR A 108 -5.45 1.55 5.72
CA THR A 108 -5.07 0.84 6.93
C THR A 108 -5.70 -0.55 6.94
N VAL A 109 -4.86 -1.57 7.03
CA VAL A 109 -5.31 -2.95 7.00
C VAL A 109 -5.19 -3.60 8.36
N THR A 110 -6.32 -4.03 8.91
CA THR A 110 -6.33 -4.63 10.23
C THR A 110 -6.24 -6.16 10.18
N SER A 111 -6.61 -6.75 9.05
CA SER A 111 -6.62 -8.21 8.94
C SER A 111 -6.41 -8.65 7.49
N PRO A 112 -5.83 -9.85 7.26
CA PRO A 112 -5.59 -10.38 5.92
C PRO A 112 -6.85 -10.41 5.04
N ASP A 113 -8.00 -10.72 5.65
CA ASP A 113 -9.28 -10.68 4.91
C ASP A 113 -9.52 -9.28 4.35
N GLU A 114 -9.32 -8.28 5.20
CA GLU A 114 -9.49 -6.90 4.80
C GLU A 114 -8.45 -6.52 3.74
N ALA A 115 -7.24 -7.05 3.91
CA ALA A 115 -6.16 -6.82 2.95
C ALA A 115 -6.54 -7.30 1.56
N LYS A 116 -6.87 -8.58 1.45
CA LYS A 116 -7.17 -9.18 0.16
C LYS A 116 -8.44 -8.59 -0.45
N ARG A 117 -9.30 -8.03 0.41
CA ARG A 117 -10.50 -7.38 -0.07
C ARG A 117 -10.13 -6.12 -0.85
N TRP A 118 -9.35 -5.24 -0.22
CA TRP A 118 -9.00 -3.98 -0.84
C TRP A 118 -8.07 -4.20 -2.04
N ILE A 119 -7.23 -5.22 -1.98
CA ILE A 119 -6.39 -5.56 -3.12
C ILE A 119 -7.26 -5.94 -4.31
N LYS A 120 -8.31 -6.73 -4.04
CA LYS A 120 -9.27 -7.11 -5.07
C LYS A 120 -9.93 -5.88 -5.69
N GLU A 121 -10.29 -4.93 -4.82
CA GLU A 121 -10.96 -3.70 -5.25
C GLU A 121 -10.08 -2.89 -6.19
N PHE A 122 -8.79 -2.80 -5.89
CA PHE A 122 -7.86 -2.02 -6.71
C PHE A 122 -7.34 -2.84 -7.89
N SER A 123 -7.39 -4.16 -7.75
CA SER A 123 -6.94 -5.06 -8.80
C SER A 123 -7.91 -5.06 -9.98
N GLU A 124 -9.13 -5.48 -9.73
CA GLU A 124 -10.13 -5.58 -10.78
C GLU A 124 -10.81 -4.24 -10.98
N GLU A 125 -11.33 -3.69 -9.87
CA GLU A 125 -12.00 -2.38 -9.88
C GLU A 125 -13.18 -2.38 -10.84
N MET A 21 -0.74 0.47 -18.09
CA MET A 21 -0.97 1.04 -16.75
C MET A 21 -0.20 0.25 -15.69
N ARG A 22 0.31 0.96 -14.69
CA ARG A 22 1.04 0.32 -13.61
C ARG A 22 0.18 0.28 -12.34
N LEU A 23 0.04 -0.90 -11.75
CA LEU A 23 -0.72 -1.07 -10.53
C LEU A 23 0.22 -1.41 -9.38
N VAL A 24 0.21 -0.60 -8.33
CA VAL A 24 1.17 -0.73 -7.25
C VAL A 24 0.48 -0.85 -5.89
N VAL A 25 0.98 -1.75 -5.05
CA VAL A 25 0.46 -1.91 -3.69
C VAL A 25 1.63 -1.97 -2.70
N LEU A 26 1.71 -0.98 -1.83
CA LEU A 26 2.74 -0.96 -0.79
C LEU A 26 2.08 -1.29 0.54
N ILE A 27 2.40 -2.44 1.10
CA ILE A 27 1.74 -2.87 2.32
C ILE A 27 2.70 -2.84 3.49
N VAL A 28 2.19 -2.54 4.66
CA VAL A 28 2.96 -2.56 5.88
C VAL A 28 2.92 -3.96 6.48
N SER A 29 4.02 -4.37 7.10
CA SER A 29 4.19 -5.74 7.56
C SER A 29 3.11 -6.16 8.56
N ASN A 30 2.29 -7.11 8.12
CA ASN A 30 1.27 -7.73 8.95
C ASN A 30 1.65 -9.19 9.18
N ASP A 31 0.74 -9.99 9.74
CA ASP A 31 0.99 -11.40 10.03
C ASP A 31 1.65 -12.11 8.84
N LYS A 32 2.61 -12.98 9.14
CA LYS A 32 3.46 -13.60 8.13
C LYS A 32 2.66 -14.35 7.08
N LYS A 33 1.48 -14.84 7.45
CA LYS A 33 0.60 -15.51 6.51
C LYS A 33 0.16 -14.55 5.41
N LEU A 34 -0.21 -13.35 5.82
CA LEU A 34 -0.68 -12.34 4.88
C LEU A 34 0.45 -11.95 3.92
N ILE A 35 1.64 -11.80 4.47
CA ILE A 35 2.81 -11.38 3.70
C ILE A 35 2.97 -12.27 2.47
N GLU A 36 2.80 -13.57 2.68
CA GLU A 36 2.94 -14.54 1.61
C GLU A 36 1.73 -14.51 0.67
N GLU A 37 0.53 -14.56 1.24
CA GLU A 37 -0.69 -14.65 0.45
C GLU A 37 -0.91 -13.38 -0.38
N ALA A 38 -0.66 -12.22 0.21
CA ALA A 38 -0.84 -10.95 -0.48
C ALA A 38 0.10 -10.84 -1.67
N ARG A 39 1.33 -11.32 -1.49
CA ARG A 39 2.31 -11.29 -2.57
C ARG A 39 1.91 -12.26 -3.67
N LYS A 40 1.33 -13.39 -3.28
CA LYS A 40 0.84 -14.37 -4.24
C LYS A 40 -0.28 -13.78 -5.09
N MET A 41 -1.21 -13.10 -4.43
CA MET A 41 -2.30 -12.43 -5.12
C MET A 41 -1.76 -11.35 -6.03
N ALA A 42 -0.72 -10.67 -5.56
CA ALA A 42 -0.08 -9.61 -6.33
C ALA A 42 0.56 -10.16 -7.59
N GLU A 43 1.24 -11.31 -7.47
CA GLU A 43 1.89 -11.93 -8.63
C GLU A 43 0.86 -12.40 -9.65
N LYS A 44 -0.29 -12.83 -9.15
CA LYS A 44 -1.36 -13.31 -10.02
C LYS A 44 -2.03 -12.16 -10.78
N ALA A 45 -2.13 -11.00 -10.13
CA ALA A 45 -2.79 -9.86 -10.73
C ALA A 45 -1.79 -8.87 -11.31
N ASN A 46 -0.52 -9.25 -11.27
CA ASN A 46 0.59 -8.42 -11.78
C ASN A 46 0.62 -7.08 -11.06
N LEU A 47 0.68 -7.13 -9.73
CA LEU A 47 0.73 -5.93 -8.91
C LEU A 47 2.12 -5.77 -8.32
N GLU A 48 2.61 -4.53 -8.25
CA GLU A 48 3.87 -4.26 -7.56
C GLU A 48 3.61 -4.16 -6.08
N LEU A 49 3.86 -5.23 -5.36
CA LEU A 49 3.57 -5.24 -3.95
C LEU A 49 4.84 -5.36 -3.13
N ILE A 50 5.07 -4.38 -2.29
CA ILE A 50 6.28 -4.32 -1.47
C ILE A 50 5.91 -4.38 0.01
N THR A 51 6.69 -5.14 0.77
CA THR A 51 6.47 -5.26 2.20
C THR A 51 7.26 -4.19 2.95
N VAL A 52 6.55 -3.22 3.49
CA VAL A 52 7.15 -2.11 4.20
C VAL A 52 7.28 -2.41 5.70
N PRO A 53 8.36 -1.92 6.34
CA PRO A 53 8.48 -1.87 7.79
C PRO A 53 7.24 -1.28 8.45
N GLY A 54 7.09 -1.54 9.74
CA GLY A 54 5.88 -1.19 10.47
C GLY A 54 5.65 0.30 10.65
N SER A 55 6.40 1.12 9.93
CA SER A 55 6.21 2.56 9.98
C SER A 55 5.37 3.01 8.79
N PRO A 56 4.18 3.59 9.06
CA PRO A 56 3.30 4.12 8.00
C PRO A 56 3.99 5.21 7.19
N GLU A 57 4.85 5.97 7.84
CA GLU A 57 5.64 7.01 7.18
C GLU A 57 6.42 6.45 6.01
N GLU A 58 7.08 5.31 6.23
CA GLU A 58 7.95 4.72 5.23
C GLU A 58 7.16 4.11 4.08
N ALA A 59 5.92 3.71 4.34
CA ALA A 59 5.09 3.05 3.35
C ALA A 59 4.76 3.99 2.19
N ILE A 60 4.23 5.16 2.50
CA ILE A 60 3.81 6.10 1.47
C ILE A 60 5.02 6.66 0.72
N ARG A 61 6.15 6.78 1.41
CA ARG A 61 7.36 7.30 0.79
C ARG A 61 7.89 6.32 -0.26
N LEU A 62 7.58 5.04 -0.09
CA LEU A 62 8.00 4.03 -1.05
C LEU A 62 7.04 4.08 -2.24
N ALA A 63 5.77 4.34 -1.93
CA ALA A 63 4.74 4.51 -2.95
C ALA A 63 5.06 5.70 -3.83
N GLN A 64 5.47 6.79 -3.20
CA GLN A 64 5.84 8.01 -3.89
C GLN A 64 6.94 7.74 -4.91
N GLU A 65 7.90 6.91 -4.53
CA GLU A 65 8.98 6.54 -5.42
C GLU A 65 8.45 5.86 -6.68
N ILE A 66 7.66 4.81 -6.50
CA ILE A 66 7.14 4.06 -7.63
C ILE A 66 6.17 4.91 -8.45
N ALA A 67 5.38 5.73 -7.77
CA ALA A 67 4.40 6.59 -8.43
C ALA A 67 5.10 7.62 -9.32
N GLU A 68 6.22 8.15 -8.84
CA GLU A 68 6.99 9.12 -9.60
C GLU A 68 7.70 8.45 -10.78
N LYS A 69 8.27 7.29 -10.51
CA LYS A 69 9.09 6.60 -11.50
C LYS A 69 8.26 5.62 -12.33
N ALA A 70 6.95 5.81 -12.33
CA ALA A 70 6.05 4.97 -13.11
C ALA A 70 5.88 5.51 -14.50
N PRO A 71 6.01 4.66 -15.52
CA PRO A 71 5.79 5.04 -16.91
C PRO A 71 4.31 5.00 -17.27
N GLY A 72 3.73 6.17 -17.44
CA GLY A 72 2.34 6.26 -17.84
C GLY A 72 1.39 6.31 -16.66
N PRO A 73 0.14 5.88 -16.83
CA PRO A 73 -0.85 5.87 -15.75
C PRO A 73 -0.51 4.84 -14.68
N VAL A 74 -0.52 5.28 -13.43
CA VAL A 74 -0.20 4.39 -12.33
C VAL A 74 -1.21 4.55 -11.19
N LYS A 75 -1.76 3.43 -10.75
CA LYS A 75 -2.68 3.42 -9.63
C LYS A 75 -2.00 2.77 -8.43
N VAL A 76 -1.76 3.55 -7.40
CA VAL A 76 -1.02 3.06 -6.25
C VAL A 76 -1.92 2.96 -5.01
N LEU A 77 -1.80 1.85 -4.30
CA LEU A 77 -2.53 1.63 -3.07
C LEU A 77 -1.55 1.27 -1.95
N VAL A 78 -1.69 1.94 -0.82
CA VAL A 78 -0.86 1.65 0.35
C VAL A 78 -1.70 1.08 1.48
N LEU A 79 -1.28 -0.08 1.99
CA LEU A 79 -1.99 -0.71 3.09
C LEU A 79 -1.23 -0.52 4.39
N ILE A 80 -1.65 0.45 5.18
CA ILE A 80 -1.04 0.68 6.48
C ILE A 80 -1.72 -0.19 7.51
N THR A 81 -0.94 -0.89 8.33
CA THR A 81 -1.51 -1.83 9.27
C THR A 81 -0.92 -1.64 10.65
N GLY A 82 -1.69 -2.01 11.66
CA GLY A 82 -1.22 -1.94 13.02
C GLY A 82 -1.65 -0.68 13.73
N SER A 83 -1.16 -0.48 14.93
CA SER A 83 -1.47 0.70 15.71
C SER A 83 -0.50 1.82 15.39
N ALA A 84 -0.91 2.74 14.52
CA ALA A 84 -0.06 3.85 14.13
C ALA A 84 0.06 4.84 15.27
N ASP A 85 1.28 5.10 15.70
CA ASP A 85 1.56 6.04 16.78
C ASP A 85 1.12 7.45 16.39
N PRO A 86 0.82 8.31 17.37
CA PRO A 86 0.45 9.72 17.11
C PRO A 86 1.34 10.36 16.04
N ASP A 87 2.65 10.14 16.17
CA ASP A 87 3.61 10.61 15.18
C ASP A 87 3.23 10.14 13.79
N GLU A 88 3.02 8.85 13.66
CA GLU A 88 2.73 8.23 12.37
C GLU A 88 1.35 8.62 11.87
N LYS A 89 0.42 8.86 12.80
CA LYS A 89 -0.91 9.35 12.44
C LYS A 89 -0.81 10.67 11.69
N THR A 90 0.06 11.54 12.19
CA THR A 90 0.32 12.81 11.57
C THR A 90 1.01 12.61 10.22
N LYS A 91 1.95 11.68 10.19
CA LYS A 91 2.73 11.40 8.99
C LYS A 91 1.85 10.83 7.88
N ALA A 92 0.96 9.91 8.22
CA ALA A 92 0.17 9.21 7.23
C ALA A 92 -0.83 10.15 6.58
N LYS A 93 -1.44 11.00 7.39
CA LYS A 93 -2.44 11.93 6.88
C LYS A 93 -1.78 12.99 6.00
N LYS A 94 -0.54 13.34 6.33
CA LYS A 94 0.22 14.31 5.55
C LYS A 94 0.74 13.66 4.28
N ALA A 95 1.30 12.47 4.42
CA ALA A 95 1.86 11.74 3.30
C ALA A 95 0.77 11.40 2.28
N ALA A 96 -0.37 10.92 2.77
CA ALA A 96 -1.50 10.57 1.91
C ALA A 96 -2.02 11.80 1.18
N GLU A 97 -1.88 12.96 1.81
CA GLU A 97 -2.32 14.22 1.23
C GLU A 97 -1.48 14.55 0.00
N GLU A 98 -0.17 14.43 0.15
CA GLU A 98 0.76 14.70 -0.94
C GLU A 98 0.69 13.58 -1.98
N ALA A 99 0.62 12.34 -1.49
CA ALA A 99 0.55 11.17 -2.35
C ALA A 99 -0.72 11.14 -3.18
N ARG A 100 -1.75 11.82 -2.69
CA ARG A 100 -3.01 11.93 -3.42
C ARG A 100 -2.79 12.63 -4.76
N LYS A 101 -1.80 13.51 -4.81
CA LYS A 101 -1.48 14.23 -6.02
C LYS A 101 -0.59 13.38 -6.93
N TRP A 102 -0.16 12.23 -6.41
CA TRP A 102 0.61 11.27 -7.19
C TRP A 102 -0.29 10.10 -7.61
N ASN A 103 -1.59 10.26 -7.34
CA ASN A 103 -2.61 9.24 -7.64
C ASN A 103 -2.39 8.00 -6.77
N VAL A 104 -2.04 8.24 -5.51
CA VAL A 104 -1.84 7.19 -4.53
C VAL A 104 -2.96 7.22 -3.49
N ARG A 105 -3.46 6.05 -3.12
CA ARG A 105 -4.51 5.96 -2.10
C ARG A 105 -4.04 5.09 -0.94
N VAL A 106 -4.54 5.38 0.26
CA VAL A 106 -4.12 4.69 1.47
C VAL A 106 -5.32 4.04 2.17
N ARG A 107 -5.11 2.84 2.72
CA ARG A 107 -6.13 2.14 3.47
C ARG A 107 -5.53 1.43 4.67
N THR A 108 -6.29 1.33 5.75
CA THR A 108 -5.80 0.72 6.97
C THR A 108 -6.23 -0.74 7.08
N VAL A 109 -5.27 -1.60 7.36
CA VAL A 109 -5.52 -3.02 7.54
C VAL A 109 -5.44 -3.38 9.01
N THR A 110 -6.48 -4.00 9.53
CA THR A 110 -6.51 -4.42 10.91
C THR A 110 -6.24 -5.92 11.02
N SER A 111 -6.58 -6.64 9.96
CA SER A 111 -6.45 -8.09 9.95
C SER A 111 -6.14 -8.58 8.54
N PRO A 112 -5.36 -9.68 8.39
CA PRO A 112 -4.96 -10.23 7.09
C PRO A 112 -6.07 -10.21 6.03
N ASP A 113 -7.24 -10.74 6.39
CA ASP A 113 -8.34 -10.89 5.44
C ASP A 113 -8.79 -9.55 4.88
N GLU A 114 -8.63 -8.49 5.67
CA GLU A 114 -9.02 -7.15 5.25
C GLU A 114 -8.11 -6.68 4.11
N ALA A 115 -6.83 -7.02 4.22
CA ALA A 115 -5.83 -6.60 3.25
C ALA A 115 -6.06 -7.25 1.90
N LYS A 116 -6.24 -8.57 1.90
CA LYS A 116 -6.46 -9.31 0.66
C LYS A 116 -7.74 -8.83 -0.03
N ARG A 117 -8.69 -8.42 0.79
CA ARG A 117 -9.93 -7.83 0.27
C ARG A 117 -9.61 -6.58 -0.54
N TRP A 118 -8.79 -5.70 0.04
CA TRP A 118 -8.41 -4.46 -0.63
C TRP A 118 -7.60 -4.74 -1.88
N ILE A 119 -6.82 -5.82 -1.86
CA ILE A 119 -6.07 -6.24 -3.05
C ILE A 119 -7.03 -6.57 -4.18
N LYS A 120 -8.02 -7.39 -3.88
CA LYS A 120 -9.00 -7.82 -4.85
C LYS A 120 -9.87 -6.65 -5.29
N GLU A 121 -10.25 -5.82 -4.32
CA GLU A 121 -11.08 -4.64 -4.54
C GLU A 121 -10.37 -3.65 -5.48
N PHE A 122 -9.06 -3.55 -5.32
CA PHE A 122 -8.26 -2.59 -6.09
C PHE A 122 -7.83 -3.18 -7.43
N SER A 123 -7.53 -4.47 -7.44
CA SER A 123 -7.06 -5.14 -8.65
C SER A 123 -8.14 -5.15 -9.74
N GLU A 124 -9.33 -5.56 -9.37
CA GLU A 124 -10.38 -5.77 -10.36
C GLU A 124 -11.32 -4.56 -10.45
N GLU A 125 -12.17 -4.60 -11.46
CA GLU A 125 -13.11 -3.52 -11.71
C GLU A 125 -14.53 -3.95 -11.34
N MET A 21 -0.85 0.91 -17.72
CA MET A 21 -0.90 1.53 -16.37
C MET A 21 -0.34 0.56 -15.33
N ARG A 22 0.19 1.09 -14.24
CA ARG A 22 0.77 0.25 -13.21
C ARG A 22 0.04 0.43 -11.89
N LEU A 23 -0.22 -0.68 -11.22
CA LEU A 23 -0.88 -0.66 -9.92
C LEU A 23 0.08 -1.17 -8.86
N VAL A 24 0.29 -0.36 -7.84
CA VAL A 24 1.27 -0.64 -6.81
C VAL A 24 0.61 -0.90 -5.46
N VAL A 25 0.97 -2.01 -4.85
CA VAL A 25 0.47 -2.36 -3.52
C VAL A 25 1.61 -2.30 -2.52
N LEU A 26 1.55 -1.35 -1.61
CA LEU A 26 2.58 -1.19 -0.60
C LEU A 26 2.03 -1.55 0.76
N ILE A 27 2.51 -2.64 1.32
CA ILE A 27 1.96 -3.16 2.57
C ILE A 27 2.89 -2.84 3.73
N VAL A 28 2.32 -2.30 4.81
CA VAL A 28 3.11 -1.90 5.97
C VAL A 28 2.87 -2.85 7.14
N SER A 29 3.75 -3.83 7.28
CA SER A 29 3.74 -4.76 8.40
C SER A 29 4.95 -5.67 8.31
N ASN A 30 5.13 -6.53 9.31
CA ASN A 30 6.09 -7.62 9.18
C ASN A 30 5.51 -8.87 9.82
N ASP A 31 4.71 -9.58 9.05
CA ASP A 31 4.19 -10.88 9.44
C ASP A 31 4.52 -11.90 8.35
N LYS A 32 4.29 -13.18 8.59
CA LYS A 32 4.51 -14.16 7.55
C LYS A 32 3.25 -14.34 6.70
N LYS A 33 2.22 -14.93 7.29
CA LYS A 33 1.00 -15.29 6.57
C LYS A 33 0.34 -14.07 5.93
N LEU A 34 0.34 -12.94 6.65
CA LEU A 34 -0.27 -11.70 6.15
C LEU A 34 0.41 -11.28 4.85
N ILE A 35 1.72 -11.35 4.85
CA ILE A 35 2.51 -10.91 3.70
C ILE A 35 2.51 -11.94 2.59
N GLU A 36 2.74 -13.21 2.94
CA GLU A 36 2.81 -14.29 1.95
C GLU A 36 1.58 -14.30 1.05
N GLU A 37 0.40 -14.41 1.66
CA GLU A 37 -0.84 -14.49 0.91
C GLU A 37 -1.07 -13.23 0.08
N ALA A 38 -0.91 -12.07 0.72
CA ALA A 38 -1.13 -10.80 0.04
C ALA A 38 -0.17 -10.62 -1.14
N ARG A 39 1.08 -10.98 -0.92
CA ARG A 39 2.11 -10.87 -1.96
C ARG A 39 1.76 -11.77 -3.14
N LYS A 40 1.36 -13.00 -2.82
CA LYS A 40 0.98 -13.97 -3.85
C LYS A 40 -0.23 -13.50 -4.64
N MET A 41 -1.23 -12.98 -3.93
CA MET A 41 -2.46 -12.51 -4.57
C MET A 41 -2.16 -11.35 -5.51
N ALA A 42 -1.26 -10.48 -5.09
CA ALA A 42 -0.87 -9.33 -5.88
C ALA A 42 -0.06 -9.76 -7.10
N GLU A 43 0.98 -10.55 -6.88
CA GLU A 43 1.86 -11.00 -7.95
C GLU A 43 1.08 -11.79 -8.99
N LYS A 44 0.15 -12.61 -8.50
CA LYS A 44 -0.68 -13.46 -9.36
C LYS A 44 -1.50 -12.61 -10.33
N ALA A 45 -1.97 -11.47 -9.84
CA ALA A 45 -2.83 -10.61 -10.63
C ALA A 45 -2.07 -9.45 -11.25
N ASN A 46 -0.74 -9.57 -11.28
CA ASN A 46 0.14 -8.59 -11.91
C ASN A 46 0.12 -7.24 -11.19
N LEU A 47 0.17 -7.27 -9.87
CA LEU A 47 0.29 -6.05 -9.08
C LEU A 47 1.71 -5.89 -8.59
N GLU A 48 2.20 -4.66 -8.56
CA GLU A 48 3.51 -4.37 -8.02
C GLU A 48 3.41 -4.24 -6.50
N LEU A 49 3.74 -5.31 -5.79
CA LEU A 49 3.65 -5.28 -4.34
C LEU A 49 5.02 -5.28 -3.72
N ILE A 50 5.27 -4.31 -2.85
CA ILE A 50 6.52 -4.21 -2.14
C ILE A 50 6.25 -4.23 -0.63
N THR A 51 7.00 -5.04 0.09
CA THR A 51 6.85 -5.12 1.53
C THR A 51 7.58 -3.97 2.20
N VAL A 52 6.83 -3.11 2.87
CA VAL A 52 7.40 -1.95 3.53
C VAL A 52 7.67 -2.26 5.00
N PRO A 53 8.73 -1.65 5.57
CA PRO A 53 8.94 -1.61 7.01
C PRO A 53 7.68 -1.20 7.75
N GLY A 54 7.64 -1.49 9.03
CA GLY A 54 6.42 -1.35 9.83
C GLY A 54 5.99 0.09 10.08
N SER A 55 6.59 1.04 9.38
CA SER A 55 6.19 2.44 9.49
C SER A 55 5.50 2.91 8.21
N PRO A 56 4.38 3.61 8.37
CA PRO A 56 3.52 4.01 7.25
C PRO A 56 4.12 5.11 6.38
N GLU A 57 5.00 5.92 6.98
CA GLU A 57 5.60 7.05 6.29
C GLU A 57 6.53 6.58 5.18
N GLU A 58 7.34 5.57 5.48
CA GLU A 58 8.28 5.01 4.51
C GLU A 58 7.54 4.48 3.28
N ALA A 59 6.36 3.91 3.51
CA ALA A 59 5.56 3.35 2.42
C ALA A 59 5.14 4.42 1.43
N ILE A 60 4.54 5.49 1.95
CA ILE A 60 3.98 6.52 1.11
C ILE A 60 5.09 7.32 0.40
N ARG A 61 6.23 7.45 1.06
CA ARG A 61 7.37 8.10 0.44
C ARG A 61 7.98 7.21 -0.64
N LEU A 62 7.87 5.90 -0.46
CA LEU A 62 8.28 4.95 -1.49
C LEU A 62 7.29 4.99 -2.64
N ALA A 63 6.03 5.26 -2.31
CA ALA A 63 4.99 5.44 -3.31
C ALA A 63 5.34 6.60 -4.23
N GLN A 64 5.86 7.67 -3.64
CA GLN A 64 6.29 8.85 -4.41
C GLN A 64 7.44 8.49 -5.34
N GLU A 65 8.27 7.55 -4.90
CA GLU A 65 9.37 7.06 -5.72
C GLU A 65 8.84 6.22 -6.87
N ILE A 66 8.08 5.18 -6.52
CA ILE A 66 7.59 4.22 -7.51
C ILE A 66 6.70 4.90 -8.55
N ALA A 67 5.82 5.81 -8.10
CA ALA A 67 4.87 6.46 -9.00
C ALA A 67 5.58 7.44 -9.93
N GLU A 68 6.71 7.98 -9.49
CA GLU A 68 7.49 8.91 -10.31
C GLU A 68 8.35 8.12 -11.29
N LYS A 69 8.63 6.88 -10.95
CA LYS A 69 9.47 6.02 -11.77
C LYS A 69 8.63 5.04 -12.58
N ALA A 70 7.31 5.26 -12.57
CA ALA A 70 6.40 4.40 -13.32
C ALA A 70 5.99 5.06 -14.63
N PRO A 71 5.96 4.30 -15.72
CA PRO A 71 5.54 4.81 -17.02
C PRO A 71 4.03 4.75 -17.22
N GLY A 72 3.39 5.90 -17.20
CA GLY A 72 1.98 5.98 -17.49
C GLY A 72 1.13 6.19 -16.25
N PRO A 73 -0.18 5.93 -16.34
CA PRO A 73 -1.10 6.07 -15.20
C PRO A 73 -0.75 5.10 -14.08
N VAL A 74 -0.73 5.61 -12.86
CA VAL A 74 -0.34 4.80 -11.71
C VAL A 74 -1.42 4.81 -10.64
N LYS A 75 -1.63 3.67 -10.00
CA LYS A 75 -2.47 3.58 -8.83
C LYS A 75 -1.65 2.97 -7.70
N VAL A 76 -1.62 3.61 -6.55
CA VAL A 76 -0.87 3.08 -5.42
C VAL A 76 -1.78 2.91 -4.20
N LEU A 77 -1.75 1.72 -3.63
CA LEU A 77 -2.52 1.45 -2.42
C LEU A 77 -1.60 1.04 -1.28
N VAL A 78 -1.65 1.81 -0.21
CA VAL A 78 -0.85 1.52 0.98
C VAL A 78 -1.70 0.84 2.03
N LEU A 79 -1.34 -0.39 2.37
CA LEU A 79 -2.07 -1.17 3.35
C LEU A 79 -1.38 -1.10 4.71
N ILE A 80 -1.90 -0.25 5.58
CA ILE A 80 -1.37 -0.12 6.91
C ILE A 80 -1.98 -1.18 7.82
N THR A 81 -1.17 -2.15 8.23
CA THR A 81 -1.65 -3.22 9.07
C THR A 81 -1.55 -2.84 10.54
N GLY A 82 -2.67 -2.91 11.23
CA GLY A 82 -2.70 -2.55 12.63
C GLY A 82 -3.14 -1.11 12.82
N SER A 83 -3.58 -0.77 14.01
CA SER A 83 -4.02 0.58 14.30
C SER A 83 -2.82 1.52 14.33
N ALA A 84 -2.87 2.55 13.50
CA ALA A 84 -1.78 3.51 13.41
C ALA A 84 -1.82 4.49 14.57
N ASP A 85 -0.73 4.55 15.31
CA ASP A 85 -0.60 5.49 16.43
C ASP A 85 -0.70 6.92 15.93
N PRO A 86 -1.37 7.80 16.69
CA PRO A 86 -1.61 9.19 16.29
C PRO A 86 -0.42 9.87 15.61
N ASP A 87 0.77 9.76 16.21
CA ASP A 87 1.95 10.44 15.68
C ASP A 87 2.33 9.88 14.31
N GLU A 88 2.25 8.57 14.15
CA GLU A 88 2.58 7.94 12.89
C GLU A 88 1.48 8.15 11.86
N LYS A 89 0.24 8.16 12.34
CA LYS A 89 -0.91 8.37 11.49
C LYS A 89 -0.88 9.79 10.92
N THR A 90 -0.42 10.73 11.73
CA THR A 90 -0.31 12.12 11.29
C THR A 90 0.77 12.25 10.21
N LYS A 91 1.90 11.58 10.40
CA LYS A 91 2.97 11.60 9.40
C LYS A 91 2.49 10.94 8.12
N ALA A 92 1.71 9.88 8.27
CA ALA A 92 1.17 9.16 7.12
C ALA A 92 0.13 10.02 6.43
N LYS A 93 -0.66 10.72 7.22
CA LYS A 93 -1.68 11.62 6.72
C LYS A 93 -1.04 12.71 5.86
N LYS A 94 0.04 13.28 6.36
CA LYS A 94 0.79 14.30 5.65
C LYS A 94 1.33 13.77 4.33
N ALA A 95 1.99 12.63 4.39
CA ALA A 95 2.59 12.02 3.21
C ALA A 95 1.52 11.62 2.19
N ALA A 96 0.42 11.03 2.68
CA ALA A 96 -0.66 10.58 1.82
C ALA A 96 -1.30 11.75 1.08
N GLU A 97 -1.43 12.88 1.78
CA GLU A 97 -2.03 14.07 1.18
C GLU A 97 -1.18 14.57 0.02
N GLU A 98 0.13 14.49 0.17
CA GLU A 98 1.05 14.90 -0.88
C GLU A 98 1.13 13.84 -1.98
N ALA A 99 0.74 12.62 -1.63
CA ALA A 99 0.83 11.49 -2.53
C ALA A 99 -0.43 11.34 -3.37
N ARG A 100 -1.51 11.99 -2.94
CA ARG A 100 -2.80 11.89 -3.59
C ARG A 100 -2.74 12.30 -5.06
N LYS A 101 -1.77 13.16 -5.38
CA LYS A 101 -1.58 13.64 -6.75
C LYS A 101 -1.26 12.50 -7.72
N TRP A 102 -0.70 11.40 -7.20
CA TRP A 102 -0.34 10.27 -8.03
C TRP A 102 -1.19 9.05 -7.70
N ASN A 103 -2.42 9.31 -7.27
CA ASN A 103 -3.40 8.24 -7.00
C ASN A 103 -2.90 7.29 -5.91
N VAL A 104 -2.28 7.84 -4.88
CA VAL A 104 -1.83 7.03 -3.76
C VAL A 104 -2.87 7.08 -2.63
N ARG A 105 -3.47 5.93 -2.35
CA ARG A 105 -4.49 5.84 -1.32
C ARG A 105 -3.99 5.03 -0.14
N VAL A 106 -4.40 5.40 1.05
CA VAL A 106 -4.01 4.68 2.26
C VAL A 106 -5.22 4.02 2.90
N ARG A 107 -5.06 2.76 3.29
CA ARG A 107 -6.12 2.02 3.97
C ARG A 107 -5.55 1.24 5.13
N THR A 108 -6.37 0.98 6.13
CA THR A 108 -5.92 0.32 7.34
C THR A 108 -6.58 -1.05 7.48
N VAL A 109 -5.77 -2.06 7.70
CA VAL A 109 -6.26 -3.42 7.86
C VAL A 109 -5.85 -3.98 9.21
N THR A 110 -6.70 -4.79 9.80
CA THR A 110 -6.42 -5.38 11.09
C THR A 110 -6.23 -6.89 10.96
N SER A 111 -6.62 -7.42 9.81
CA SER A 111 -6.48 -8.83 9.52
C SER A 111 -6.30 -9.02 8.00
N PRO A 112 -5.73 -10.16 7.58
CA PRO A 112 -5.50 -10.45 6.15
C PRO A 112 -6.77 -10.40 5.31
N ASP A 113 -7.92 -10.59 5.95
CA ASP A 113 -9.19 -10.59 5.25
C ASP A 113 -9.48 -9.25 4.58
N GLU A 114 -9.38 -8.17 5.35
CA GLU A 114 -9.61 -6.83 4.80
C GLU A 114 -8.62 -6.54 3.69
N ALA A 115 -7.35 -6.86 3.94
CA ALA A 115 -6.29 -6.63 2.96
C ALA A 115 -6.60 -7.34 1.66
N LYS A 116 -7.00 -8.61 1.76
CA LYS A 116 -7.33 -9.42 0.60
C LYS A 116 -8.48 -8.79 -0.20
N ARG A 117 -9.44 -8.20 0.50
CA ARG A 117 -10.56 -7.53 -0.15
C ARG A 117 -10.10 -6.25 -0.83
N TRP A 118 -9.31 -5.45 -0.13
CA TRP A 118 -8.85 -4.17 -0.67
C TRP A 118 -7.97 -4.39 -1.90
N ILE A 119 -7.12 -5.41 -1.86
CA ILE A 119 -6.26 -5.72 -3.00
C ILE A 119 -7.10 -6.15 -4.19
N LYS A 120 -8.14 -6.94 -3.93
CA LYS A 120 -9.03 -7.41 -5.00
C LYS A 120 -9.78 -6.25 -5.64
N GLU A 121 -10.25 -5.32 -4.81
CA GLU A 121 -10.92 -4.12 -5.30
C GLU A 121 -9.94 -3.27 -6.09
N PHE A 122 -8.72 -3.17 -5.57
CA PHE A 122 -7.67 -2.35 -6.16
C PHE A 122 -7.29 -2.87 -7.55
N SER A 123 -7.07 -4.17 -7.65
CA SER A 123 -6.65 -4.80 -8.90
C SER A 123 -7.74 -4.66 -9.97
N GLU A 124 -9.01 -4.66 -9.54
CA GLU A 124 -10.14 -4.54 -10.45
C GLU A 124 -10.12 -5.71 -11.43
N GLU A 125 -10.68 -6.82 -10.99
CA GLU A 125 -10.66 -8.06 -11.75
C GLU A 125 -12.07 -8.58 -11.94
N MET A 21 0.99 1.26 -17.59
CA MET A 21 0.01 1.20 -16.48
C MET A 21 0.61 0.44 -15.30
N ARG A 22 1.06 1.17 -14.30
CA ARG A 22 1.72 0.57 -13.15
C ARG A 22 0.77 0.47 -11.95
N LEU A 23 0.43 -0.75 -11.58
CA LEU A 23 -0.37 -1.00 -10.39
C LEU A 23 0.51 -1.57 -9.29
N VAL A 24 0.84 -0.72 -8.33
CA VAL A 24 1.82 -1.06 -7.31
C VAL A 24 1.18 -1.11 -5.93
N VAL A 25 1.71 -1.95 -5.05
CA VAL A 25 1.24 -2.05 -3.68
C VAL A 25 2.41 -2.09 -2.71
N LEU A 26 2.53 -1.09 -1.85
CA LEU A 26 3.52 -1.14 -0.77
C LEU A 26 2.80 -1.38 0.55
N ILE A 27 3.13 -2.48 1.19
CA ILE A 27 2.41 -2.91 2.37
C ILE A 27 3.29 -2.84 3.62
N VAL A 28 2.83 -2.09 4.61
CA VAL A 28 3.48 -2.03 5.91
C VAL A 28 2.91 -3.14 6.76
N SER A 29 3.64 -4.24 6.83
CA SER A 29 3.07 -5.50 7.29
C SER A 29 3.52 -5.87 8.70
N ASN A 30 2.57 -6.44 9.43
CA ASN A 30 2.85 -7.14 10.68
C ASN A 30 3.37 -8.54 10.35
N ASP A 31 3.48 -9.40 11.37
CA ASP A 31 3.91 -10.81 11.22
C ASP A 31 3.69 -11.37 9.81
N LYS A 32 4.72 -12.06 9.32
CA LYS A 32 4.83 -12.44 7.91
C LYS A 32 3.68 -13.31 7.40
N LYS A 33 2.91 -13.92 8.29
CA LYS A 33 1.79 -14.77 7.88
C LYS A 33 0.77 -13.96 7.07
N LEU A 34 0.59 -12.71 7.44
CA LEU A 34 -0.28 -11.81 6.70
C LEU A 34 0.32 -11.49 5.34
N ILE A 35 1.63 -11.23 5.35
CA ILE A 35 2.35 -10.87 4.13
C ILE A 35 2.18 -11.94 3.07
N GLU A 36 2.31 -13.20 3.50
CA GLU A 36 2.22 -14.33 2.59
C GLU A 36 0.93 -14.32 1.80
N GLU A 37 -0.19 -14.46 2.50
CA GLU A 37 -1.49 -14.57 1.84
C GLU A 37 -1.85 -13.28 1.10
N ALA A 38 -1.43 -12.13 1.62
CA ALA A 38 -1.69 -10.87 0.95
C ALA A 38 -0.90 -10.78 -0.36
N ARG A 39 0.39 -11.08 -0.30
CA ARG A 39 1.25 -10.97 -1.46
C ARG A 39 0.88 -11.97 -2.54
N LYS A 40 0.44 -13.16 -2.11
CA LYS A 40 -0.02 -14.18 -3.04
C LYS A 40 -1.21 -13.67 -3.86
N MET A 41 -2.08 -12.91 -3.20
CA MET A 41 -3.25 -12.37 -3.87
C MET A 41 -2.87 -11.23 -4.81
N ALA A 42 -1.88 -10.45 -4.41
CA ALA A 42 -1.37 -9.38 -5.26
C ALA A 42 -0.68 -9.96 -6.49
N GLU A 43 0.03 -11.05 -6.28
CA GLU A 43 0.66 -11.78 -7.36
C GLU A 43 -0.40 -12.36 -8.28
N LYS A 44 -1.49 -12.83 -7.69
CA LYS A 44 -2.60 -13.40 -8.44
C LYS A 44 -3.36 -12.31 -9.20
N ALA A 45 -3.23 -11.07 -8.73
CA ALA A 45 -3.91 -9.94 -9.33
C ALA A 45 -3.00 -9.22 -10.33
N ASN A 46 -1.84 -9.83 -10.61
CA ASN A 46 -0.88 -9.29 -11.56
C ASN A 46 -0.42 -7.89 -11.13
N LEU A 47 -0.23 -7.72 -9.83
CA LEU A 47 0.21 -6.46 -9.28
C LEU A 47 1.69 -6.53 -8.93
N GLU A 48 2.27 -5.37 -8.65
CA GLU A 48 3.65 -5.30 -8.17
C GLU A 48 3.64 -4.89 -6.71
N LEU A 49 3.80 -5.86 -5.82
CA LEU A 49 3.73 -5.59 -4.40
C LEU A 49 5.12 -5.57 -3.78
N ILE A 50 5.39 -4.51 -3.05
CA ILE A 50 6.68 -4.32 -2.41
C ILE A 50 6.49 -4.27 -0.89
N THR A 51 7.29 -5.05 -0.18
CA THR A 51 7.17 -5.14 1.26
C THR A 51 8.26 -4.32 1.97
N VAL A 52 7.91 -3.13 2.40
CA VAL A 52 8.84 -2.31 3.18
C VAL A 52 8.14 -1.71 4.39
N PRO A 53 8.00 -2.47 5.49
CA PRO A 53 7.54 -1.93 6.76
C PRO A 53 8.67 -1.45 7.66
N GLY A 54 8.89 -0.15 7.74
CA GLY A 54 9.60 0.37 8.89
C GLY A 54 8.84 1.50 9.54
N SER A 55 8.46 2.46 8.72
CA SER A 55 7.52 3.51 9.10
C SER A 55 6.30 3.46 8.19
N PRO A 56 5.18 4.08 8.58
CA PRO A 56 4.06 4.27 7.66
C PRO A 56 4.45 5.20 6.52
N GLU A 57 5.06 6.32 6.88
CA GLU A 57 5.51 7.33 5.92
C GLU A 57 6.51 6.73 4.93
N GLU A 58 7.35 5.83 5.42
CA GLU A 58 8.42 5.24 4.65
C GLU A 58 7.90 4.58 3.37
N ALA A 59 6.97 3.64 3.52
CA ALA A 59 6.38 2.95 2.39
C ALA A 59 5.67 3.93 1.45
N ILE A 60 5.00 4.93 2.02
CA ILE A 60 4.27 5.91 1.23
C ILE A 60 5.23 6.79 0.42
N ARG A 61 6.38 7.08 1.01
CA ARG A 61 7.40 7.85 0.33
C ARG A 61 7.88 7.14 -0.92
N LEU A 62 8.20 5.86 -0.79
CA LEU A 62 8.62 5.07 -1.93
C LEU A 62 7.47 4.89 -2.90
N ALA A 63 6.25 4.82 -2.37
CA ALA A 63 5.05 4.77 -3.19
C ALA A 63 4.96 6.00 -4.09
N GLN A 64 5.23 7.16 -3.50
CA GLN A 64 5.24 8.41 -4.25
C GLN A 64 6.34 8.40 -5.29
N GLU A 65 7.51 7.89 -4.91
CA GLU A 65 8.64 7.77 -5.83
C GLU A 65 8.29 6.88 -7.02
N ILE A 66 7.73 5.71 -6.75
CA ILE A 66 7.36 4.79 -7.82
C ILE A 66 6.35 5.44 -8.78
N ALA A 67 5.46 6.24 -8.22
CA ALA A 67 4.46 6.95 -9.03
C ALA A 67 5.09 8.11 -9.79
N GLU A 68 6.00 8.83 -9.14
CA GLU A 68 6.72 9.93 -9.75
C GLU A 68 7.58 9.43 -10.92
N LYS A 69 8.12 8.23 -10.77
CA LYS A 69 8.99 7.66 -11.80
C LYS A 69 8.17 6.85 -12.81
N ALA A 70 6.87 6.80 -12.62
CA ALA A 70 5.99 6.06 -13.52
C ALA A 70 5.48 6.97 -14.63
N PRO A 71 5.76 6.61 -15.88
CA PRO A 71 5.26 7.35 -17.03
C PRO A 71 3.84 6.92 -17.42
N GLY A 72 2.88 7.77 -17.15
CA GLY A 72 1.51 7.52 -17.57
C GLY A 72 0.64 7.04 -16.42
N PRO A 73 -0.29 6.12 -16.69
CA PRO A 73 -1.23 5.60 -15.69
C PRO A 73 -0.53 4.82 -14.57
N VAL A 74 -0.68 5.29 -13.35
CA VAL A 74 -0.12 4.62 -12.19
C VAL A 74 -1.10 4.67 -11.02
N LYS A 75 -1.19 3.58 -10.29
CA LYS A 75 -2.05 3.49 -9.12
C LYS A 75 -1.42 2.59 -8.08
N VAL A 76 -0.96 3.20 -7.00
CA VAL A 76 -0.30 2.47 -5.93
C VAL A 76 -1.08 2.57 -4.62
N LEU A 77 -1.28 1.42 -4.00
CA LEU A 77 -1.99 1.35 -2.72
C LEU A 77 -1.01 1.00 -1.61
N VAL A 78 -1.06 1.77 -0.53
CA VAL A 78 -0.23 1.51 0.64
C VAL A 78 -1.09 0.96 1.77
N LEU A 79 -0.68 -0.16 2.34
CA LEU A 79 -1.44 -0.80 3.39
C LEU A 79 -0.75 -0.65 4.74
N ILE A 80 -1.50 -0.17 5.72
CA ILE A 80 -1.01 -0.15 7.10
C ILE A 80 -1.72 -1.23 7.88
N THR A 81 -1.00 -2.27 8.27
CA THR A 81 -1.59 -3.40 8.93
C THR A 81 -1.72 -3.17 10.43
N GLY A 82 -2.93 -3.41 10.95
CA GLY A 82 -3.19 -3.22 12.35
C GLY A 82 -3.86 -1.90 12.62
N SER A 83 -3.58 -1.33 13.79
CA SER A 83 -4.12 -0.03 14.15
C SER A 83 -2.99 1.00 14.20
N ALA A 84 -3.14 2.08 13.46
CA ALA A 84 -2.10 3.10 13.38
C ALA A 84 -2.16 4.02 14.59
N ASP A 85 -1.14 3.93 15.43
CA ASP A 85 -1.01 4.79 16.61
C ASP A 85 -1.00 6.25 16.17
N PRO A 86 -1.59 7.17 16.98
CA PRO A 86 -1.69 8.61 16.69
C PRO A 86 -0.52 9.19 15.89
N ASP A 87 0.71 8.89 16.29
CA ASP A 87 1.89 9.40 15.59
C ASP A 87 1.97 8.85 14.17
N GLU A 88 1.83 7.54 14.04
CA GLU A 88 1.79 6.87 12.74
C GLU A 88 0.61 7.37 11.92
N LYS A 89 -0.50 7.63 12.61
CA LYS A 89 -1.71 8.15 11.98
C LYS A 89 -1.44 9.52 11.37
N THR A 90 -0.61 10.31 12.04
CA THR A 90 -0.23 11.63 11.55
C THR A 90 0.42 11.52 10.18
N LYS A 91 1.39 10.63 10.05
CA LYS A 91 2.09 10.44 8.79
C LYS A 91 1.23 9.69 7.78
N ALA A 92 0.28 8.92 8.28
CA ALA A 92 -0.64 8.20 7.41
C ALA A 92 -1.52 9.18 6.67
N LYS A 93 -1.86 10.27 7.35
CA LYS A 93 -2.63 11.34 6.74
C LYS A 93 -1.72 12.24 5.90
N LYS A 94 -0.65 12.73 6.51
CA LYS A 94 0.24 13.69 5.87
C LYS A 94 0.76 13.17 4.54
N ALA A 95 1.33 11.98 4.55
CA ALA A 95 1.95 11.42 3.37
C ALA A 95 0.89 11.02 2.33
N ALA A 96 -0.26 10.55 2.79
CA ALA A 96 -1.32 10.12 1.88
C ALA A 96 -1.89 11.30 1.11
N GLU A 97 -2.24 12.37 1.82
CA GLU A 97 -2.84 13.54 1.18
C GLU A 97 -1.83 14.26 0.30
N GLU A 98 -0.56 14.02 0.55
CA GLU A 98 0.50 14.61 -0.26
C GLU A 98 0.71 13.78 -1.53
N ALA A 99 0.87 12.47 -1.36
CA ALA A 99 1.19 11.59 -2.47
C ALA A 99 -0.04 11.29 -3.33
N ARG A 100 -1.23 11.61 -2.82
CA ARG A 100 -2.49 11.32 -3.53
C ARG A 100 -2.52 12.01 -4.90
N LYS A 101 -1.69 13.04 -5.06
CA LYS A 101 -1.60 13.77 -6.32
C LYS A 101 -1.06 12.85 -7.43
N TRP A 102 -0.33 11.81 -7.01
CA TRP A 102 0.24 10.86 -7.95
C TRP A 102 -0.60 9.59 -7.96
N ASN A 103 -1.83 9.73 -7.48
CA ASN A 103 -2.80 8.63 -7.40
C ASN A 103 -2.33 7.59 -6.37
N VAL A 104 -1.59 8.05 -5.38
CA VAL A 104 -1.19 7.20 -4.27
C VAL A 104 -2.28 7.20 -3.22
N ARG A 105 -2.62 6.02 -2.72
CA ARG A 105 -3.69 5.88 -1.73
C ARG A 105 -3.27 4.97 -0.60
N VAL A 106 -3.57 5.38 0.62
CA VAL A 106 -3.15 4.65 1.81
C VAL A 106 -4.35 4.17 2.60
N ARG A 107 -4.39 2.88 2.87
CA ARG A 107 -5.52 2.27 3.57
C ARG A 107 -5.05 1.47 4.78
N THR A 108 -5.76 1.61 5.89
CA THR A 108 -5.40 0.89 7.10
C THR A 108 -6.18 -0.41 7.19
N VAL A 109 -5.47 -1.52 7.18
CA VAL A 109 -6.10 -2.82 7.25
C VAL A 109 -5.79 -3.50 8.57
N THR A 110 -6.81 -3.60 9.41
CA THR A 110 -6.64 -4.14 10.75
C THR A 110 -6.57 -5.68 10.71
N SER A 111 -6.96 -6.26 9.59
CA SER A 111 -6.95 -7.71 9.43
C SER A 111 -6.40 -8.10 8.06
N PRO A 112 -5.87 -9.34 7.94
CA PRO A 112 -5.36 -9.85 6.67
C PRO A 112 -6.44 -9.93 5.59
N ASP A 113 -7.67 -10.23 6.02
CA ASP A 113 -8.78 -10.39 5.09
C ASP A 113 -9.08 -9.08 4.37
N GLU A 114 -9.04 -7.97 5.10
CA GLU A 114 -9.26 -6.66 4.50
C GLU A 114 -8.16 -6.32 3.52
N ALA A 115 -6.92 -6.69 3.86
CA ALA A 115 -5.79 -6.46 2.97
C ALA A 115 -6.01 -7.15 1.63
N LYS A 116 -6.34 -8.43 1.68
CA LYS A 116 -6.60 -9.22 0.49
C LYS A 116 -7.82 -8.68 -0.25
N ARG A 117 -8.78 -8.17 0.52
CA ARG A 117 -9.99 -7.55 -0.02
C ARG A 117 -9.63 -6.40 -0.94
N TRP A 118 -8.90 -5.43 -0.41
CA TRP A 118 -8.58 -4.22 -1.14
C TRP A 118 -7.68 -4.52 -2.34
N ILE A 119 -6.77 -5.47 -2.15
CA ILE A 119 -5.89 -5.90 -3.24
C ILE A 119 -6.72 -6.36 -4.45
N LYS A 120 -7.82 -7.04 -4.18
CA LYS A 120 -8.71 -7.49 -5.23
C LYS A 120 -9.55 -6.32 -5.77
N GLU A 121 -10.07 -5.51 -4.86
CA GLU A 121 -10.93 -4.38 -5.22
C GLU A 121 -10.20 -3.37 -6.11
N PHE A 122 -8.94 -3.09 -5.78
CA PHE A 122 -8.17 -2.08 -6.48
C PHE A 122 -7.55 -2.62 -7.77
N SER A 123 -7.49 -3.94 -7.90
CA SER A 123 -6.98 -4.54 -9.14
C SER A 123 -8.11 -4.76 -10.13
N GLU A 124 -9.30 -5.09 -9.61
CA GLU A 124 -10.48 -5.28 -10.44
C GLU A 124 -11.02 -3.92 -10.90
N GLU A 125 -10.94 -2.94 -10.00
CA GLU A 125 -11.30 -1.55 -10.29
C GLU A 125 -12.78 -1.43 -10.63
N MET A 21 -0.85 1.53 -17.10
CA MET A 21 -1.62 1.30 -15.85
C MET A 21 -0.81 0.43 -14.89
N ARG A 22 -0.04 1.06 -14.02
CA ARG A 22 0.75 0.34 -13.05
C ARG A 22 0.02 0.21 -11.73
N LEU A 23 -0.11 -1.01 -11.24
CA LEU A 23 -0.75 -1.27 -9.96
C LEU A 23 0.28 -1.72 -8.95
N VAL A 24 0.63 -0.84 -8.03
CA VAL A 24 1.67 -1.10 -7.06
C VAL A 24 1.07 -1.14 -5.66
N VAL A 25 1.57 -2.01 -4.80
CA VAL A 25 1.10 -2.10 -3.43
C VAL A 25 2.29 -2.14 -2.47
N LEU A 26 2.36 -1.14 -1.59
CA LEU A 26 3.36 -1.14 -0.53
C LEU A 26 2.69 -1.45 0.79
N ILE A 27 3.13 -2.52 1.44
CA ILE A 27 2.52 -2.95 2.70
C ILE A 27 3.45 -2.64 3.88
N VAL A 28 2.93 -1.85 4.81
CA VAL A 28 3.66 -1.55 6.03
C VAL A 28 3.13 -2.43 7.15
N SER A 29 3.81 -3.54 7.39
CA SER A 29 3.47 -4.43 8.49
C SER A 29 4.51 -5.53 8.57
N ASN A 30 4.73 -6.06 9.76
CA ASN A 30 5.54 -7.25 9.91
C ASN A 30 4.66 -8.41 10.37
N ASP A 31 4.00 -9.02 9.42
CA ASP A 31 3.17 -10.19 9.67
C ASP A 31 3.62 -11.32 8.75
N LYS A 32 3.31 -12.56 9.09
CA LYS A 32 3.60 -13.66 8.20
C LYS A 32 2.43 -13.92 7.27
N LYS A 33 1.31 -14.34 7.86
CA LYS A 33 0.15 -14.80 7.10
C LYS A 33 -0.44 -13.70 6.23
N LEU A 34 -0.41 -12.48 6.73
CA LEU A 34 -0.97 -11.34 6.00
C LEU A 34 -0.11 -11.06 4.76
N ILE A 35 1.20 -10.96 4.98
CA ILE A 35 2.12 -10.63 3.90
C ILE A 35 2.17 -11.74 2.86
N GLU A 36 2.15 -12.99 3.31
CA GLU A 36 2.19 -14.13 2.40
C GLU A 36 1.04 -14.06 1.39
N GLU A 37 -0.19 -13.95 1.90
CA GLU A 37 -1.37 -13.97 1.05
C GLU A 37 -1.44 -12.74 0.16
N ALA A 38 -1.12 -11.57 0.73
CA ALA A 38 -1.11 -10.33 -0.04
C ALA A 38 -0.10 -10.40 -1.18
N ARG A 39 1.04 -11.03 -0.90
CA ARG A 39 2.08 -11.21 -1.89
C ARG A 39 1.62 -12.16 -2.99
N LYS A 40 0.95 -13.23 -2.58
CA LYS A 40 0.43 -14.22 -3.53
C LYS A 40 -0.63 -13.60 -4.42
N MET A 41 -1.47 -12.74 -3.83
CA MET A 41 -2.48 -12.03 -4.61
C MET A 41 -1.83 -11.21 -5.71
N ALA A 42 -0.82 -10.43 -5.32
CA ALA A 42 -0.10 -9.60 -6.27
C ALA A 42 0.59 -10.46 -7.32
N GLU A 43 1.10 -11.61 -6.90
CA GLU A 43 1.75 -12.54 -7.80
C GLU A 43 0.75 -13.09 -8.83
N LYS A 44 -0.44 -13.45 -8.37
CA LYS A 44 -1.48 -13.97 -9.24
C LYS A 44 -2.00 -12.90 -10.18
N ALA A 45 -2.26 -11.71 -9.65
CA ALA A 45 -2.82 -10.63 -10.43
C ALA A 45 -1.75 -9.85 -11.19
N ASN A 46 -0.50 -10.27 -11.00
CA ASN A 46 0.66 -9.67 -11.67
C ASN A 46 0.84 -8.21 -11.27
N LEU A 47 0.55 -7.92 -10.00
CA LEU A 47 0.73 -6.59 -9.45
C LEU A 47 2.11 -6.49 -8.81
N GLU A 48 2.56 -5.28 -8.54
CA GLU A 48 3.87 -5.09 -7.95
C GLU A 48 3.75 -4.90 -6.44
N LEU A 49 4.01 -5.97 -5.70
CA LEU A 49 3.97 -5.94 -4.24
C LEU A 49 5.35 -5.58 -3.70
N ILE A 50 5.40 -4.49 -2.94
CA ILE A 50 6.65 -4.04 -2.35
C ILE A 50 6.53 -4.00 -0.83
N THR A 51 7.35 -4.80 -0.16
CA THR A 51 7.34 -4.85 1.29
C THR A 51 8.40 -3.94 1.89
N VAL A 52 8.00 -2.75 2.33
CA VAL A 52 8.91 -1.85 3.03
C VAL A 52 8.21 -1.23 4.24
N PRO A 53 8.16 -1.95 5.37
CA PRO A 53 7.74 -1.38 6.63
C PRO A 53 8.92 -0.82 7.46
N GLY A 54 9.11 0.48 7.46
CA GLY A 54 9.91 1.08 8.51
C GLY A 54 9.17 2.20 9.20
N SER A 55 8.65 3.11 8.39
CA SER A 55 7.69 4.10 8.83
C SER A 55 6.40 3.92 8.03
N PRO A 56 5.26 4.42 8.51
CA PRO A 56 4.04 4.46 7.69
C PRO A 56 4.22 5.36 6.47
N GLU A 57 4.84 6.52 6.69
CA GLU A 57 5.08 7.50 5.64
C GLU A 57 6.21 7.04 4.71
N GLU A 58 7.03 6.11 5.18
CA GLU A 58 8.15 5.62 4.39
C GLU A 58 7.66 4.97 3.11
N ALA A 59 6.74 4.03 3.25
CA ALA A 59 6.10 3.40 2.10
C ALA A 59 5.38 4.42 1.24
N ILE A 60 4.83 5.45 1.89
CA ILE A 60 4.18 6.54 1.17
C ILE A 60 5.17 7.26 0.26
N ARG A 61 6.34 7.56 0.80
CA ARG A 61 7.38 8.25 0.08
C ARG A 61 7.92 7.40 -1.05
N LEU A 62 8.09 6.10 -0.80
CA LEU A 62 8.55 5.17 -1.82
C LEU A 62 7.46 4.98 -2.88
N ALA A 63 6.21 5.06 -2.46
CA ALA A 63 5.09 5.01 -3.38
C ALA A 63 5.16 6.19 -4.34
N GLN A 64 5.49 7.36 -3.80
CA GLN A 64 5.70 8.56 -4.60
C GLN A 64 6.82 8.33 -5.62
N GLU A 65 7.88 7.66 -5.15
CA GLU A 65 9.00 7.32 -6.01
C GLU A 65 8.55 6.46 -7.19
N ILE A 66 7.91 5.35 -6.87
CA ILE A 66 7.48 4.41 -7.90
C ILE A 66 6.50 5.07 -8.87
N ALA A 67 5.60 5.88 -8.34
CA ALA A 67 4.56 6.51 -9.14
C ALA A 67 5.15 7.49 -10.16
N GLU A 68 6.16 8.24 -9.76
CA GLU A 68 6.75 9.25 -10.65
C GLU A 68 7.74 8.61 -11.64
N LYS A 69 8.35 7.51 -11.23
CA LYS A 69 9.38 6.87 -12.05
C LYS A 69 8.76 5.92 -13.08
N ALA A 70 7.58 5.40 -12.77
CA ALA A 70 6.89 4.50 -13.68
C ALA A 70 6.30 5.27 -14.86
N PRO A 71 6.68 4.90 -16.10
CA PRO A 71 6.09 5.48 -17.31
C PRO A 71 4.62 5.10 -17.46
N GLY A 72 3.75 6.06 -17.25
CA GLY A 72 2.33 5.86 -17.49
C GLY A 72 1.51 6.09 -16.24
N PRO A 73 0.19 5.92 -16.30
CA PRO A 73 -0.70 6.08 -15.15
C PRO A 73 -0.43 5.04 -14.07
N VAL A 74 -0.16 5.53 -12.86
CA VAL A 74 0.16 4.65 -11.75
C VAL A 74 -0.88 4.78 -10.64
N LYS A 75 -1.34 3.66 -10.15
CA LYS A 75 -2.23 3.64 -9.01
C LYS A 75 -1.65 2.72 -7.94
N VAL A 76 -1.07 3.32 -6.92
CA VAL A 76 -0.39 2.57 -5.89
C VAL A 76 -1.19 2.60 -4.58
N LEU A 77 -1.40 1.42 -4.02
CA LEU A 77 -2.13 1.27 -2.78
C LEU A 77 -1.15 1.04 -1.65
N VAL A 78 -1.22 1.85 -0.61
CA VAL A 78 -0.39 1.67 0.56
C VAL A 78 -1.19 1.00 1.66
N LEU A 79 -0.78 -0.20 2.00
CA LEU A 79 -1.50 -1.04 2.92
C LEU A 79 -0.82 -0.99 4.29
N ILE A 80 -1.52 -0.51 5.30
CA ILE A 80 -0.96 -0.40 6.64
C ILE A 80 -1.71 -1.30 7.60
N THR A 81 -1.07 -2.36 8.06
CA THR A 81 -1.73 -3.34 8.92
C THR A 81 -1.22 -3.23 10.36
N GLY A 82 -2.15 -3.18 11.31
CA GLY A 82 -1.79 -3.16 12.71
C GLY A 82 -2.30 -1.95 13.44
N SER A 83 -1.96 -1.86 14.72
CA SER A 83 -2.39 -0.74 15.56
C SER A 83 -1.47 0.45 15.32
N ALA A 84 -1.93 1.40 14.51
CA ALA A 84 -1.16 2.59 14.21
C ALA A 84 -1.01 3.47 15.44
N ASP A 85 0.22 3.88 15.71
CA ASP A 85 0.50 4.76 16.84
C ASP A 85 0.05 6.18 16.51
N PRO A 86 -0.16 7.04 17.53
CA PRO A 86 -0.62 8.43 17.33
C PRO A 86 0.13 9.16 16.21
N ASP A 87 1.46 9.10 16.27
CA ASP A 87 2.28 9.80 15.29
C ASP A 87 2.15 9.15 13.92
N GLU A 88 2.02 7.83 13.89
CA GLU A 88 1.89 7.09 12.64
C GLU A 88 0.63 7.53 11.91
N LYS A 89 -0.45 7.72 12.67
CA LYS A 89 -1.71 8.18 12.10
C LYS A 89 -1.55 9.55 11.48
N THR A 90 -0.89 10.45 12.20
CA THR A 90 -0.65 11.81 11.71
C THR A 90 0.22 11.78 10.46
N LYS A 91 1.28 10.98 10.50
CA LYS A 91 2.19 10.84 9.36
C LYS A 91 1.45 10.30 8.14
N ALA A 92 0.65 9.27 8.35
CA ALA A 92 -0.05 8.61 7.26
C ALA A 92 -1.14 9.51 6.72
N LYS A 93 -1.86 10.18 7.62
CA LYS A 93 -2.92 11.09 7.24
C LYS A 93 -2.39 12.21 6.37
N LYS A 94 -1.29 12.81 6.82
CA LYS A 94 -0.65 13.91 6.10
C LYS A 94 -0.11 13.43 4.76
N ALA A 95 0.73 12.40 4.81
CA ALA A 95 1.43 11.91 3.63
C ALA A 95 0.45 11.39 2.58
N ALA A 96 -0.68 10.85 3.03
CA ALA A 96 -1.69 10.32 2.13
C ALA A 96 -2.16 11.40 1.15
N GLU A 97 -2.55 12.55 1.69
CA GLU A 97 -3.04 13.64 0.86
C GLU A 97 -1.95 14.16 -0.06
N GLU A 98 -0.75 14.28 0.49
CA GLU A 98 0.39 14.80 -0.26
C GLU A 98 0.74 13.90 -1.43
N ALA A 99 0.67 12.60 -1.21
CA ALA A 99 1.04 11.62 -2.23
C ALA A 99 -0.14 11.22 -3.10
N ARG A 100 -1.35 11.57 -2.66
CA ARG A 100 -2.58 11.18 -3.34
C ARG A 100 -2.64 11.79 -4.74
N LYS A 101 -1.75 12.75 -5.00
CA LYS A 101 -1.66 13.38 -6.30
C LYS A 101 -1.18 12.36 -7.35
N TRP A 102 -0.54 11.31 -6.86
CA TRP A 102 -0.03 10.24 -7.72
C TRP A 102 -0.90 8.99 -7.58
N ASN A 103 -2.14 9.20 -7.14
CA ASN A 103 -3.09 8.11 -6.87
C ASN A 103 -2.58 7.18 -5.77
N VAL A 104 -1.80 7.73 -4.85
CA VAL A 104 -1.37 6.98 -3.68
C VAL A 104 -2.49 6.93 -2.65
N ARG A 105 -3.09 5.76 -2.51
CA ARG A 105 -4.23 5.60 -1.63
C ARG A 105 -3.86 4.73 -0.44
N VAL A 106 -4.24 5.15 0.75
CA VAL A 106 -3.89 4.44 1.97
C VAL A 106 -5.07 3.65 2.50
N ARG A 107 -4.80 2.44 2.96
CA ARG A 107 -5.83 1.58 3.55
C ARG A 107 -5.28 0.88 4.78
N THR A 108 -5.94 1.07 5.91
CA THR A 108 -5.55 0.43 7.14
C THR A 108 -6.19 -0.94 7.25
N VAL A 109 -5.41 -1.91 7.72
CA VAL A 109 -5.88 -3.28 7.85
C VAL A 109 -5.83 -3.71 9.32
N THR A 110 -6.96 -4.19 9.81
CA THR A 110 -7.04 -4.71 11.17
C THR A 110 -7.32 -6.21 11.16
N SER A 111 -7.99 -6.66 10.09
CA SER A 111 -8.27 -8.07 9.90
C SER A 111 -7.80 -8.49 8.50
N PRO A 112 -7.21 -9.70 8.39
CA PRO A 112 -6.57 -10.19 7.15
C PRO A 112 -7.48 -10.16 5.92
N ASP A 113 -8.79 -10.22 6.14
CA ASP A 113 -9.75 -10.23 5.04
C ASP A 113 -9.82 -8.85 4.39
N GLU A 114 -9.51 -7.81 5.16
CA GLU A 114 -9.56 -6.45 4.66
C GLU A 114 -8.47 -6.23 3.63
N ALA A 115 -7.26 -6.69 3.93
CA ALA A 115 -6.12 -6.55 3.02
C ALA A 115 -6.43 -7.17 1.68
N LYS A 116 -6.91 -8.41 1.71
CA LYS A 116 -7.27 -9.14 0.51
C LYS A 116 -8.42 -8.45 -0.23
N ARG A 117 -9.27 -7.79 0.53
CA ARG A 117 -10.40 -7.07 -0.02
C ARG A 117 -9.95 -5.79 -0.71
N TRP A 118 -9.12 -5.00 -0.02
CA TRP A 118 -8.66 -3.72 -0.54
C TRP A 118 -7.98 -3.90 -1.89
N ILE A 119 -7.02 -4.81 -1.94
CA ILE A 119 -6.24 -5.04 -3.15
C ILE A 119 -7.14 -5.34 -4.34
N LYS A 120 -8.11 -6.23 -4.14
CA LYS A 120 -9.00 -6.64 -5.23
C LYS A 120 -9.94 -5.51 -5.62
N GLU A 121 -10.48 -4.82 -4.63
CA GLU A 121 -11.47 -3.76 -4.89
C GLU A 121 -10.84 -2.58 -5.62
N PHE A 122 -9.62 -2.23 -5.26
CA PHE A 122 -8.93 -1.11 -5.89
C PHE A 122 -8.39 -1.50 -7.26
N SER A 123 -8.07 -2.77 -7.45
CA SER A 123 -7.67 -3.27 -8.76
C SER A 123 -8.88 -3.27 -9.69
N GLU A 124 -10.00 -3.80 -9.20
CA GLU A 124 -11.27 -3.75 -9.91
C GLU A 124 -11.19 -4.46 -11.26
N GLU A 125 -11.27 -5.78 -11.20
CA GLU A 125 -11.24 -6.60 -12.40
C GLU A 125 -12.25 -7.73 -12.28
N MET A 21 1.03 -0.80 -17.66
CA MET A 21 0.13 -0.84 -16.49
C MET A 21 0.94 -0.79 -15.21
N ARG A 22 0.81 0.28 -14.45
CA ARG A 22 1.53 0.41 -13.20
C ARG A 22 0.58 0.47 -12.02
N LEU A 23 0.26 -0.69 -11.49
CA LEU A 23 -0.55 -0.79 -10.28
C LEU A 23 0.30 -1.36 -9.17
N VAL A 24 0.55 -0.55 -8.15
CA VAL A 24 1.54 -0.86 -7.14
C VAL A 24 0.89 -0.98 -5.76
N VAL A 25 1.43 -1.87 -4.94
CA VAL A 25 0.94 -2.04 -3.57
C VAL A 25 2.10 -1.94 -2.59
N LEU A 26 2.00 -1.01 -1.66
CA LEU A 26 2.98 -0.83 -0.61
C LEU A 26 2.45 -1.35 0.71
N ILE A 27 3.01 -2.45 1.18
CA ILE A 27 2.54 -3.07 2.41
C ILE A 27 3.62 -3.00 3.50
N VAL A 28 3.21 -2.66 4.70
CA VAL A 28 4.11 -2.56 5.83
C VAL A 28 4.24 -3.91 6.52
N SER A 29 5.39 -4.14 7.16
CA SER A 29 5.70 -5.42 7.74
C SER A 29 4.84 -5.76 8.96
N ASN A 30 4.56 -7.05 9.10
CA ASN A 30 3.76 -7.59 10.19
C ASN A 30 3.77 -9.11 10.05
N ASP A 31 2.95 -9.80 10.83
CA ASP A 31 2.79 -11.26 10.70
C ASP A 31 2.88 -11.69 9.24
N LYS A 32 3.89 -12.52 8.95
CA LYS A 32 4.28 -12.84 7.58
C LYS A 32 3.16 -13.50 6.79
N LYS A 33 2.24 -14.15 7.50
CA LYS A 33 1.10 -14.79 6.87
C LYS A 33 0.31 -13.78 6.03
N LEU A 34 0.02 -12.64 6.64
CA LEU A 34 -0.71 -11.58 5.96
C LEU A 34 0.08 -11.05 4.77
N ILE A 35 1.38 -10.86 4.97
CA ILE A 35 2.26 -10.38 3.91
C ILE A 35 2.16 -11.29 2.69
N GLU A 36 2.22 -12.60 2.93
CA GLU A 36 2.13 -13.59 1.86
C GLU A 36 0.77 -13.57 1.19
N GLU A 37 -0.30 -13.63 1.99
CA GLU A 37 -1.65 -13.71 1.45
C GLU A 37 -2.01 -12.47 0.65
N ALA A 38 -1.58 -11.31 1.15
CA ALA A 38 -1.75 -10.06 0.42
C ALA A 38 -0.95 -10.10 -0.88
N ARG A 39 0.27 -10.59 -0.79
CA ARG A 39 1.17 -10.67 -1.94
C ARG A 39 0.61 -11.63 -3.00
N LYS A 40 -0.01 -12.72 -2.54
CA LYS A 40 -0.60 -13.70 -3.45
C LYS A 40 -1.65 -13.04 -4.34
N MET A 41 -2.53 -12.27 -3.75
CA MET A 41 -3.62 -11.63 -4.49
C MET A 41 -3.10 -10.50 -5.36
N ALA A 42 -2.03 -9.87 -4.92
CA ALA A 42 -1.38 -8.82 -5.70
C ALA A 42 -0.76 -9.40 -6.96
N GLU A 43 0.03 -10.45 -6.78
CA GLU A 43 0.68 -11.11 -7.91
C GLU A 43 -0.36 -11.76 -8.82
N LYS A 44 -1.48 -12.15 -8.22
CA LYS A 44 -2.58 -12.79 -8.93
C LYS A 44 -3.18 -11.85 -9.99
N ALA A 45 -3.05 -10.56 -9.77
CA ALA A 45 -3.56 -9.57 -10.70
C ALA A 45 -2.42 -8.77 -11.33
N ASN A 46 -1.22 -9.32 -11.20
CA ASN A 46 0.01 -8.71 -11.72
C ASN A 46 0.19 -7.30 -11.16
N LEU A 47 0.10 -7.17 -9.85
CA LEU A 47 0.34 -5.91 -9.18
C LEU A 47 1.75 -5.89 -8.62
N GLU A 48 2.36 -4.72 -8.56
CA GLU A 48 3.71 -4.59 -8.04
C GLU A 48 3.67 -4.57 -6.52
N LEU A 49 3.94 -5.72 -5.91
CA LEU A 49 3.91 -5.83 -4.46
C LEU A 49 5.28 -5.48 -3.88
N ILE A 50 5.31 -4.47 -3.03
CA ILE A 50 6.55 -4.07 -2.37
C ILE A 50 6.34 -4.02 -0.86
N THR A 51 7.15 -4.78 -0.14
CA THR A 51 7.05 -4.84 1.31
C THR A 51 8.09 -3.92 1.95
N VAL A 52 7.65 -3.07 2.85
CA VAL A 52 8.54 -2.15 3.54
C VAL A 52 8.55 -2.45 5.04
N PRO A 53 9.43 -1.81 5.82
CA PRO A 53 9.33 -1.78 7.27
C PRO A 53 7.91 -1.47 7.75
N GLY A 54 7.63 -1.83 8.99
CA GLY A 54 6.27 -1.76 9.51
C GLY A 54 5.77 -0.36 9.77
N SER A 55 6.54 0.65 9.37
CA SER A 55 6.14 2.03 9.55
C SER A 55 5.49 2.59 8.29
N PRO A 56 4.40 3.36 8.47
CA PRO A 56 3.60 3.89 7.37
C PRO A 56 4.32 4.97 6.58
N GLU A 57 5.29 5.61 7.22
CA GLU A 57 6.06 6.67 6.58
C GLU A 57 6.87 6.12 5.42
N GLU A 58 7.60 5.05 5.67
CA GLU A 58 8.45 4.45 4.67
C GLU A 58 7.63 3.92 3.49
N ALA A 59 6.44 3.43 3.79
CA ALA A 59 5.55 2.89 2.77
C ALA A 59 5.17 3.97 1.75
N ILE A 60 4.64 5.08 2.24
CA ILE A 60 4.18 6.14 1.36
C ILE A 60 5.34 6.89 0.73
N ARG A 61 6.41 7.07 1.49
CA ARG A 61 7.60 7.75 0.97
C ARG A 61 8.22 6.95 -0.17
N LEU A 62 8.10 5.63 -0.10
CA LEU A 62 8.56 4.77 -1.19
C LEU A 62 7.57 4.82 -2.34
N ALA A 63 6.29 4.97 -2.02
CA ALA A 63 5.25 5.11 -3.03
C ALA A 63 5.43 6.41 -3.81
N GLN A 64 5.99 7.42 -3.16
CA GLN A 64 6.36 8.65 -3.82
C GLN A 64 7.38 8.38 -4.91
N GLU A 65 8.35 7.52 -4.59
CA GLU A 65 9.36 7.08 -5.54
C GLU A 65 8.70 6.26 -6.64
N ILE A 66 7.73 5.44 -6.25
CA ILE A 66 6.97 4.65 -7.21
C ILE A 66 6.38 5.54 -8.30
N ALA A 67 5.57 6.51 -7.88
CA ALA A 67 4.91 7.41 -8.82
C ALA A 67 5.91 8.25 -9.59
N GLU A 68 7.04 8.52 -8.95
CA GLU A 68 8.11 9.29 -9.56
C GLU A 68 8.80 8.49 -10.66
N LYS A 69 8.83 7.18 -10.47
CA LYS A 69 9.53 6.29 -11.39
C LYS A 69 8.52 5.44 -12.18
N ALA A 70 7.29 5.91 -12.25
CA ALA A 70 6.23 5.16 -12.90
C ALA A 70 5.95 5.69 -14.30
N PRO A 71 6.25 4.87 -15.32
CA PRO A 71 5.93 5.20 -16.71
C PRO A 71 4.45 5.00 -17.01
N GLY A 72 3.75 6.10 -17.19
CA GLY A 72 2.36 6.05 -17.61
C GLY A 72 1.40 6.10 -16.44
N PRO A 73 0.18 5.55 -16.62
CA PRO A 73 -0.85 5.55 -15.57
C PRO A 73 -0.45 4.65 -14.40
N VAL A 74 -0.35 5.26 -13.22
CA VAL A 74 0.07 4.54 -12.04
C VAL A 74 -0.87 4.81 -10.87
N LYS A 75 -1.18 3.76 -10.13
CA LYS A 75 -1.92 3.88 -8.88
C LYS A 75 -1.22 3.04 -7.81
N VAL A 76 -1.09 3.58 -6.60
CA VAL A 76 -0.41 2.87 -5.53
C VAL A 76 -1.35 2.68 -4.34
N LEU A 77 -1.50 1.44 -3.91
CA LEU A 77 -2.29 1.13 -2.73
C LEU A 77 -1.36 0.88 -1.55
N VAL A 78 -1.52 1.65 -0.49
CA VAL A 78 -0.70 1.50 0.69
C VAL A 78 -1.46 0.79 1.80
N LEU A 79 -0.96 -0.38 2.19
CA LEU A 79 -1.58 -1.16 3.25
C LEU A 79 -0.86 -0.92 4.57
N ILE A 80 -1.56 -0.32 5.52
CA ILE A 80 -1.00 -0.11 6.83
C ILE A 80 -1.76 -0.95 7.86
N THR A 81 -1.04 -1.73 8.63
CA THR A 81 -1.67 -2.70 9.51
C THR A 81 -1.70 -2.21 10.95
N GLY A 82 -2.79 -2.53 11.65
CA GLY A 82 -2.93 -2.12 13.03
C GLY A 82 -3.30 -0.65 13.16
N SER A 83 -3.20 -0.12 14.36
CA SER A 83 -3.49 1.28 14.59
C SER A 83 -2.20 2.07 14.73
N ALA A 84 -1.92 2.92 13.74
CA ALA A 84 -0.73 3.75 13.74
C ALA A 84 -0.81 4.80 14.84
N ASP A 85 0.30 4.98 15.54
CA ASP A 85 0.39 5.98 16.60
C ASP A 85 0.13 7.37 16.05
N PRO A 86 -0.54 8.23 16.85
CA PRO A 86 -0.96 9.59 16.44
C PRO A 86 0.03 10.33 15.53
N ASP A 87 1.30 10.35 15.93
CA ASP A 87 2.33 11.05 15.15
C ASP A 87 2.49 10.44 13.77
N GLU A 88 2.65 9.12 13.72
CA GLU A 88 2.82 8.42 12.46
C GLU A 88 1.53 8.43 11.65
N LYS A 89 0.40 8.43 12.37
CA LYS A 89 -0.92 8.59 11.76
C LYS A 89 -0.98 9.91 11.00
N THR A 90 -0.49 10.97 11.64
CA THR A 90 -0.47 12.30 11.03
C THR A 90 0.58 12.37 9.92
N LYS A 91 1.73 11.76 10.17
CA LYS A 91 2.80 11.71 9.18
C LYS A 91 2.32 11.07 7.88
N ALA A 92 1.63 9.93 8.02
CA ALA A 92 1.10 9.22 6.87
C ALA A 92 -0.07 9.98 6.27
N LYS A 93 -0.84 10.65 7.13
CA LYS A 93 -1.99 11.42 6.69
C LYS A 93 -1.57 12.51 5.71
N LYS A 94 -0.57 13.29 6.08
CA LYS A 94 -0.08 14.36 5.23
C LYS A 94 0.48 13.78 3.93
N ALA A 95 1.21 12.68 4.06
CA ALA A 95 1.81 12.02 2.90
C ALA A 95 0.75 11.54 1.93
N ALA A 96 -0.24 10.81 2.45
CA ALA A 96 -1.29 10.22 1.63
C ALA A 96 -2.13 11.28 0.92
N GLU A 97 -2.35 12.42 1.58
CA GLU A 97 -3.16 13.47 1.00
C GLU A 97 -2.47 14.08 -0.22
N GLU A 98 -1.16 14.25 -0.14
CA GLU A 98 -0.39 14.78 -1.26
C GLU A 98 -0.20 13.70 -2.33
N ALA A 99 0.05 12.49 -1.88
CA ALA A 99 0.31 11.36 -2.77
C ALA A 99 -0.96 10.93 -3.50
N ARG A 100 -2.11 11.38 -3.00
CA ARG A 100 -3.40 11.02 -3.58
C ARG A 100 -3.52 11.53 -5.01
N LYS A 101 -2.67 12.48 -5.38
CA LYS A 101 -2.61 12.99 -6.74
C LYS A 101 -2.31 11.86 -7.72
N TRP A 102 -1.47 10.94 -7.30
CA TRP A 102 -1.11 9.79 -8.12
C TRP A 102 -1.89 8.57 -7.66
N ASN A 103 -2.97 8.84 -6.93
CA ASN A 103 -3.89 7.81 -6.44
C ASN A 103 -3.21 6.90 -5.43
N VAL A 104 -2.23 7.43 -4.72
CA VAL A 104 -1.60 6.70 -3.63
C VAL A 104 -2.50 6.79 -2.40
N ARG A 105 -3.27 5.74 -2.17
CA ARG A 105 -4.27 5.76 -1.11
C ARG A 105 -3.93 4.73 -0.04
N VAL A 106 -4.13 5.11 1.22
CA VAL A 106 -3.84 4.23 2.34
C VAL A 106 -5.10 3.50 2.81
N ARG A 107 -4.92 2.26 3.24
CA ARG A 107 -6.01 1.48 3.81
C ARG A 107 -5.50 0.69 5.01
N THR A 108 -6.26 0.71 6.09
CA THR A 108 -5.85 0.06 7.32
C THR A 108 -6.32 -1.39 7.35
N VAL A 109 -5.39 -2.30 7.55
CA VAL A 109 -5.70 -3.72 7.60
C VAL A 109 -5.33 -4.30 8.97
N THR A 110 -6.26 -5.04 9.56
CA THR A 110 -6.01 -5.69 10.83
C THR A 110 -6.01 -7.21 10.68
N SER A 111 -6.58 -7.68 9.58
CA SER A 111 -6.64 -9.10 9.30
C SER A 111 -6.30 -9.37 7.84
N PRO A 112 -5.76 -10.56 7.52
CA PRO A 112 -5.38 -10.93 6.15
C PRO A 112 -6.50 -10.68 5.14
N ASP A 113 -7.73 -11.03 5.52
CA ASP A 113 -8.90 -10.90 4.66
C ASP A 113 -9.04 -9.49 4.09
N GLU A 114 -8.86 -8.51 4.96
CA GLU A 114 -8.98 -7.11 4.58
C GLU A 114 -7.97 -6.75 3.50
N ALA A 115 -6.73 -7.14 3.73
CA ALA A 115 -5.65 -6.87 2.77
C ALA A 115 -5.96 -7.49 1.42
N LYS A 116 -6.38 -8.76 1.45
CA LYS A 116 -6.75 -9.48 0.24
C LYS A 116 -7.92 -8.79 -0.46
N ARG A 117 -8.90 -8.39 0.33
CA ARG A 117 -10.09 -7.71 -0.18
C ARG A 117 -9.71 -6.39 -0.84
N TRP A 118 -8.93 -5.58 -0.15
CA TRP A 118 -8.54 -4.27 -0.64
C TRP A 118 -7.70 -4.37 -1.91
N ILE A 119 -6.75 -5.30 -1.92
CA ILE A 119 -5.88 -5.49 -3.07
C ILE A 119 -6.68 -5.96 -4.28
N LYS A 120 -7.58 -6.90 -4.06
CA LYS A 120 -8.39 -7.44 -5.15
C LYS A 120 -9.35 -6.37 -5.66
N GLU A 121 -9.75 -5.47 -4.78
CA GLU A 121 -10.58 -4.32 -5.16
C GLU A 121 -9.76 -3.38 -6.04
N PHE A 122 -8.51 -3.16 -5.62
CA PHE A 122 -7.59 -2.31 -6.34
C PHE A 122 -7.25 -2.92 -7.70
N SER A 123 -7.42 -4.23 -7.80
CA SER A 123 -7.15 -4.96 -9.02
C SER A 123 -8.29 -4.76 -10.03
N GLU A 124 -9.37 -4.13 -9.59
CA GLU A 124 -10.52 -3.91 -10.45
C GLU A 124 -10.64 -2.43 -10.81
N GLU A 125 -10.77 -2.17 -12.11
CA GLU A 125 -10.89 -0.80 -12.61
C GLU A 125 -12.34 -0.35 -12.56
N MET A 21 -3.13 0.15 -16.62
CA MET A 21 -2.99 0.79 -15.29
C MET A 21 -2.10 -0.07 -14.41
N ARG A 22 -1.10 0.56 -13.81
CA ARG A 22 -0.20 -0.14 -12.92
C ARG A 22 -0.71 -0.07 -11.48
N LEU A 23 -1.08 -1.21 -10.93
CA LEU A 23 -1.52 -1.25 -9.54
C LEU A 23 -0.34 -1.62 -8.65
N VAL A 24 0.00 -0.71 -7.75
CA VAL A 24 1.12 -0.92 -6.85
C VAL A 24 0.61 -1.00 -5.41
N VAL A 25 1.11 -1.97 -4.67
CA VAL A 25 0.65 -2.18 -3.30
C VAL A 25 1.82 -2.10 -2.32
N LEU A 26 1.69 -1.22 -1.33
CA LEU A 26 2.67 -1.08 -0.27
C LEU A 26 2.10 -1.57 1.05
N ILE A 27 2.73 -2.56 1.66
CA ILE A 27 2.26 -3.11 2.92
C ILE A 27 3.25 -2.80 4.05
N VAL A 28 2.81 -2.11 5.10
CA VAL A 28 3.67 -1.90 6.26
C VAL A 28 3.29 -2.84 7.39
N SER A 29 3.97 -3.97 7.44
CA SER A 29 3.73 -4.98 8.45
C SER A 29 4.76 -6.08 8.32
N ASN A 30 5.16 -6.67 9.44
CA ASN A 30 5.91 -7.91 9.36
C ASN A 30 5.05 -9.03 9.89
N ASP A 31 4.17 -9.54 9.04
CA ASP A 31 3.32 -10.66 9.38
C ASP A 31 3.48 -11.75 8.34
N LYS A 32 3.67 -12.98 8.80
CA LYS A 32 3.90 -14.10 7.90
C LYS A 32 2.67 -14.38 7.03
N LYS A 33 1.48 -14.16 7.56
CA LYS A 33 0.26 -14.44 6.82
C LYS A 33 -0.04 -13.30 5.85
N LEU A 34 -0.17 -12.09 6.39
CA LEU A 34 -0.54 -10.92 5.60
C LEU A 34 0.40 -10.74 4.41
N ILE A 35 1.70 -10.78 4.68
CA ILE A 35 2.70 -10.57 3.64
C ILE A 35 2.58 -11.62 2.54
N GLU A 36 2.56 -12.89 2.92
CA GLU A 36 2.53 -13.95 1.93
C GLU A 36 1.22 -13.98 1.15
N GLU A 37 0.11 -13.80 1.86
CA GLU A 37 -1.19 -13.84 1.21
C GLU A 37 -1.36 -12.66 0.26
N ALA A 38 -0.95 -11.48 0.70
CA ALA A 38 -0.97 -10.29 -0.16
C ALA A 38 -0.05 -10.50 -1.36
N ARG A 39 1.10 -11.12 -1.08
CA ARG A 39 2.06 -11.48 -2.13
C ARG A 39 1.41 -12.42 -3.14
N LYS A 40 0.72 -13.45 -2.65
CA LYS A 40 0.05 -14.42 -3.51
C LYS A 40 -1.00 -13.74 -4.39
N MET A 41 -1.72 -12.78 -3.82
CA MET A 41 -2.74 -12.05 -4.56
C MET A 41 -2.12 -11.20 -5.64
N ALA A 42 -1.13 -10.40 -5.25
CA ALA A 42 -0.46 -9.50 -6.19
C ALA A 42 0.23 -10.27 -7.30
N GLU A 43 0.87 -11.37 -6.94
CA GLU A 43 1.58 -12.20 -7.91
C GLU A 43 0.61 -12.80 -8.92
N LYS A 44 -0.53 -13.29 -8.41
CA LYS A 44 -1.54 -13.91 -9.26
C LYS A 44 -2.13 -12.92 -10.24
N ALA A 45 -2.21 -11.66 -9.83
CA ALA A 45 -2.76 -10.62 -10.68
C ALA A 45 -1.66 -9.91 -11.48
N ASN A 46 -0.44 -10.36 -11.25
CA ASN A 46 0.76 -9.77 -11.89
C ASN A 46 0.90 -8.29 -11.55
N LEU A 47 0.63 -7.96 -10.30
CA LEU A 47 0.74 -6.60 -9.83
C LEU A 47 2.06 -6.41 -9.09
N GLU A 48 2.34 -5.17 -8.69
CA GLU A 48 3.60 -4.85 -8.05
C GLU A 48 3.38 -4.53 -6.58
N LEU A 49 3.87 -5.39 -5.71
CA LEU A 49 3.68 -5.24 -4.28
C LEU A 49 5.02 -5.27 -3.56
N ILE A 50 5.24 -4.29 -2.70
CA ILE A 50 6.45 -4.22 -1.90
C ILE A 50 6.10 -4.17 -0.42
N THR A 51 6.74 -5.04 0.35
CA THR A 51 6.52 -5.07 1.79
C THR A 51 7.53 -4.19 2.51
N VAL A 52 7.04 -3.44 3.48
CA VAL A 52 7.84 -2.48 4.22
C VAL A 52 7.64 -2.69 5.72
N PRO A 53 8.66 -2.39 6.55
CA PRO A 53 8.52 -2.29 7.99
C PRO A 53 7.32 -1.41 8.38
N GLY A 54 6.87 -1.58 9.60
CA GLY A 54 5.59 -1.03 10.03
C GLY A 54 5.48 0.49 10.03
N SER A 55 6.56 1.17 9.69
CA SER A 55 6.55 2.63 9.64
C SER A 55 5.71 3.12 8.46
N PRO A 56 4.60 3.83 8.76
CA PRO A 56 3.62 4.28 7.76
C PRO A 56 4.20 5.19 6.68
N GLU A 57 4.96 6.21 7.09
CA GLU A 57 5.49 7.18 6.12
C GLU A 57 6.47 6.52 5.17
N GLU A 58 7.19 5.52 5.67
CA GLU A 58 8.21 4.83 4.89
C GLU A 58 7.62 4.25 3.60
N ALA A 59 6.48 3.60 3.72
CA ALA A 59 5.83 2.97 2.57
C ALA A 59 5.18 4.01 1.66
N ILE A 60 4.73 5.11 2.24
CA ILE A 60 4.11 6.17 1.45
C ILE A 60 5.18 6.89 0.63
N ARG A 61 6.36 7.02 1.20
CA ARG A 61 7.50 7.58 0.48
C ARG A 61 7.97 6.61 -0.59
N LEU A 62 7.86 5.31 -0.29
CA LEU A 62 8.14 4.26 -1.27
C LEU A 62 7.10 4.34 -2.39
N ALA A 63 5.85 4.52 -1.98
CA ALA A 63 4.75 4.67 -2.91
C ALA A 63 4.95 5.88 -3.81
N GLN A 64 5.35 6.99 -3.21
CA GLN A 64 5.64 8.22 -3.96
C GLN A 64 6.77 7.95 -4.97
N GLU A 65 7.76 7.19 -4.53
CA GLU A 65 8.89 6.81 -5.37
C GLU A 65 8.39 6.06 -6.61
N ILE A 66 7.51 5.08 -6.40
CA ILE A 66 6.99 4.29 -7.51
C ILE A 66 5.99 5.09 -8.35
N ALA A 67 5.10 5.82 -7.69
CA ALA A 67 4.02 6.53 -8.37
C ALA A 67 4.55 7.68 -9.22
N GLU A 68 5.52 8.42 -8.68
CA GLU A 68 6.09 9.55 -9.39
C GLU A 68 6.93 9.08 -10.58
N LYS A 69 7.49 7.89 -10.44
CA LYS A 69 8.32 7.31 -11.50
C LYS A 69 7.53 6.28 -12.30
N ALA A 70 6.22 6.36 -12.24
CA ALA A 70 5.38 5.40 -12.94
C ALA A 70 5.07 5.88 -14.36
N PRO A 71 5.26 4.99 -15.35
CA PRO A 71 4.89 5.28 -16.72
C PRO A 71 3.43 4.93 -17.03
N GLY A 72 2.62 5.96 -17.20
CA GLY A 72 1.22 5.75 -17.54
C GLY A 72 0.32 5.83 -16.34
N PRO A 73 -0.94 5.38 -16.47
CA PRO A 73 -1.91 5.37 -15.37
C PRO A 73 -1.49 4.42 -14.26
N VAL A 74 -1.44 4.92 -13.04
CA VAL A 74 -0.98 4.14 -11.91
C VAL A 74 -1.83 4.43 -10.67
N LYS A 75 -2.06 3.41 -9.88
CA LYS A 75 -2.78 3.55 -8.62
C LYS A 75 -2.04 2.79 -7.53
N VAL A 76 -1.57 3.50 -6.52
CA VAL A 76 -0.80 2.89 -5.46
C VAL A 76 -1.63 2.78 -4.19
N LEU A 77 -1.72 1.58 -3.66
CA LEU A 77 -2.47 1.32 -2.45
C LEU A 77 -1.53 1.06 -1.29
N VAL A 78 -1.61 1.90 -0.26
CA VAL A 78 -0.77 1.74 0.92
C VAL A 78 -1.59 1.20 2.07
N LEU A 79 -1.16 0.06 2.60
CA LEU A 79 -1.88 -0.61 3.67
C LEU A 79 -1.14 -0.48 4.98
N ILE A 80 -1.65 0.37 5.87
CA ILE A 80 -1.09 0.49 7.20
C ILE A 80 -1.77 -0.51 8.13
N THR A 81 -0.97 -1.42 8.68
CA THR A 81 -1.52 -2.53 9.45
C THR A 81 -1.54 -2.22 10.94
N GLY A 82 -2.73 -2.32 11.53
CA GLY A 82 -2.88 -2.10 12.95
C GLY A 82 -3.51 -0.76 13.26
N SER A 83 -3.14 -0.18 14.38
CA SER A 83 -3.64 1.12 14.76
C SER A 83 -2.54 2.16 14.68
N ALA A 84 -2.60 2.99 13.65
CA ALA A 84 -1.62 4.06 13.45
C ALA A 84 -1.49 4.90 14.71
N ASP A 85 -0.27 5.04 15.19
CA ASP A 85 0.00 5.83 16.38
C ASP A 85 -0.30 7.30 16.09
N PRO A 86 -0.79 8.06 17.09
CA PRO A 86 -1.22 9.46 16.90
C PRO A 86 -0.27 10.29 16.03
N ASP A 87 1.02 10.26 16.35
CA ASP A 87 2.00 11.03 15.62
C ASP A 87 2.28 10.42 14.25
N GLU A 88 2.34 9.09 14.22
CA GLU A 88 2.59 8.36 12.98
C GLU A 88 1.43 8.52 11.99
N LYS A 89 0.22 8.62 12.53
CA LYS A 89 -0.96 8.81 11.71
C LYS A 89 -0.90 10.15 10.98
N THR A 90 -0.48 11.18 11.70
CA THR A 90 -0.30 12.50 11.11
C THR A 90 0.91 12.51 10.18
N LYS A 91 1.92 11.73 10.56
CA LYS A 91 3.13 11.59 9.75
C LYS A 91 2.75 10.99 8.40
N ALA A 92 1.90 9.99 8.43
CA ALA A 92 1.39 9.36 7.22
C ALA A 92 0.43 10.31 6.50
N LYS A 93 -0.39 11.00 7.27
CA LYS A 93 -1.36 11.94 6.74
C LYS A 93 -0.69 12.99 5.85
N LYS A 94 0.38 13.60 6.38
CA LYS A 94 1.13 14.61 5.64
C LYS A 94 1.61 14.06 4.30
N ALA A 95 2.29 12.92 4.35
CA ALA A 95 2.86 12.31 3.15
C ALA A 95 1.77 11.85 2.19
N ALA A 96 0.72 11.25 2.74
CA ALA A 96 -0.40 10.75 1.94
C ALA A 96 -1.11 11.90 1.23
N GLU A 97 -1.16 13.04 1.89
CA GLU A 97 -1.77 14.24 1.33
C GLU A 97 -0.96 14.76 0.16
N GLU A 98 0.36 14.68 0.28
CA GLU A 98 1.25 15.12 -0.79
C GLU A 98 1.20 14.13 -1.95
N ALA A 99 1.40 12.86 -1.62
CA ALA A 99 1.45 11.78 -2.60
C ALA A 99 0.08 11.53 -3.24
N ARG A 100 -0.96 12.10 -2.64
CA ARG A 100 -2.32 11.99 -3.15
C ARG A 100 -2.37 12.40 -4.62
N LYS A 101 -1.56 13.39 -4.98
CA LYS A 101 -1.55 13.94 -6.33
C LYS A 101 -0.93 12.95 -7.32
N TRP A 102 -0.31 11.89 -6.79
CA TRP A 102 0.28 10.85 -7.61
C TRP A 102 -0.46 9.53 -7.42
N ASN A 103 -1.69 9.64 -6.90
CA ASN A 103 -2.58 8.49 -6.72
C ASN A 103 -2.05 7.48 -5.71
N VAL A 104 -1.63 7.99 -4.56
CA VAL A 104 -1.22 7.14 -3.46
C VAL A 104 -2.32 7.12 -2.40
N ARG A 105 -3.03 6.01 -2.34
CA ARG A 105 -4.18 5.88 -1.45
C ARG A 105 -3.84 4.99 -0.26
N VAL A 106 -3.72 5.60 0.92
CA VAL A 106 -3.40 4.86 2.13
C VAL A 106 -4.67 4.53 2.91
N ARG A 107 -4.77 3.28 3.37
CA ARG A 107 -5.90 2.84 4.17
C ARG A 107 -5.46 1.85 5.24
N THR A 108 -6.20 1.78 6.32
CA THR A 108 -5.84 0.96 7.47
C THR A 108 -6.35 -0.47 7.32
N VAL A 109 -5.45 -1.43 7.49
CA VAL A 109 -5.82 -2.84 7.40
C VAL A 109 -5.44 -3.55 8.70
N THR A 110 -6.28 -4.48 9.14
CA THR A 110 -6.02 -5.23 10.36
C THR A 110 -5.93 -6.73 10.09
N SER A 111 -6.65 -7.19 9.07
CA SER A 111 -6.68 -8.61 8.74
C SER A 111 -6.21 -8.84 7.31
N PRO A 112 -5.45 -9.93 7.07
CA PRO A 112 -4.97 -10.28 5.74
C PRO A 112 -6.08 -10.39 4.69
N ASP A 113 -7.24 -10.89 5.12
CA ASP A 113 -8.38 -11.03 4.21
C ASP A 113 -8.84 -9.68 3.67
N GLU A 114 -8.64 -8.63 4.47
CA GLU A 114 -8.98 -7.27 4.04
C GLU A 114 -8.09 -6.86 2.88
N ALA A 115 -6.78 -6.93 3.10
CA ALA A 115 -5.81 -6.58 2.07
C ALA A 115 -6.03 -7.40 0.81
N LYS A 116 -6.29 -8.69 1.02
CA LYS A 116 -6.59 -9.62 -0.07
C LYS A 116 -7.79 -9.14 -0.88
N ARG A 117 -8.75 -8.51 -0.21
CA ARG A 117 -9.93 -7.98 -0.88
C ARG A 117 -9.60 -6.68 -1.62
N TRP A 118 -8.86 -5.81 -0.95
CA TRP A 118 -8.54 -4.50 -1.51
C TRP A 118 -7.71 -4.65 -2.79
N ILE A 119 -6.73 -5.53 -2.75
CA ILE A 119 -5.89 -5.78 -3.91
C ILE A 119 -6.73 -6.25 -5.09
N LYS A 120 -7.66 -7.17 -4.81
CA LYS A 120 -8.55 -7.71 -5.83
C LYS A 120 -9.42 -6.60 -6.43
N GLU A 121 -9.87 -5.69 -5.57
CA GLU A 121 -10.71 -4.58 -5.97
C GLU A 121 -9.98 -3.72 -7.02
N PHE A 122 -8.70 -3.48 -6.79
CA PHE A 122 -7.88 -2.69 -7.72
C PHE A 122 -7.49 -3.52 -8.94
N SER A 123 -7.42 -4.83 -8.78
CA SER A 123 -7.00 -5.71 -9.87
C SER A 123 -8.07 -5.80 -10.96
N GLU A 124 -9.27 -6.17 -10.56
CA GLU A 124 -10.34 -6.42 -11.50
C GLU A 124 -11.13 -5.15 -11.79
N GLU A 125 -12.18 -5.26 -12.60
CA GLU A 125 -13.00 -4.13 -12.95
C GLU A 125 -14.05 -3.86 -11.88
N MET A 21 -0.95 -2.17 -17.08
CA MET A 21 -1.50 -1.85 -15.75
C MET A 21 -0.38 -1.70 -14.74
N ARG A 22 -0.27 -0.52 -14.15
CA ARG A 22 0.75 -0.29 -13.14
C ARG A 22 0.09 -0.20 -11.77
N LEU A 23 -0.03 -1.34 -11.11
CA LEU A 23 -0.68 -1.45 -9.83
C LEU A 23 0.38 -1.70 -8.76
N VAL A 24 0.55 -0.74 -7.86
CA VAL A 24 1.59 -0.84 -6.85
C VAL A 24 0.97 -1.04 -5.47
N VAL A 25 1.48 -2.00 -4.74
CA VAL A 25 0.99 -2.32 -3.41
C VAL A 25 2.12 -2.29 -2.40
N LEU A 26 2.16 -1.25 -1.57
CA LEU A 26 3.16 -1.16 -0.51
C LEU A 26 2.48 -1.42 0.83
N ILE A 27 2.79 -2.56 1.41
CA ILE A 27 2.14 -3.01 2.63
C ILE A 27 3.12 -2.97 3.81
N VAL A 28 2.60 -2.63 4.97
CA VAL A 28 3.40 -2.58 6.19
C VAL A 28 3.41 -3.96 6.84
N SER A 29 4.47 -4.26 7.57
CA SER A 29 4.71 -5.61 8.07
C SER A 29 3.58 -6.09 8.99
N ASN A 30 3.23 -7.35 8.82
CA ASN A 30 2.19 -8.00 9.59
C ASN A 30 2.51 -9.49 9.63
N ASP A 31 1.60 -10.33 10.11
CA ASP A 31 1.88 -11.75 10.26
C ASP A 31 2.30 -12.39 8.92
N LYS A 32 3.03 -13.49 9.01
CA LYS A 32 3.57 -14.16 7.82
C LYS A 32 2.46 -14.48 6.83
N LYS A 33 1.33 -14.96 7.34
CA LYS A 33 0.22 -15.39 6.50
C LYS A 33 -0.29 -14.23 5.65
N LEU A 34 -0.38 -13.05 6.25
CA LEU A 34 -0.87 -11.88 5.53
C LEU A 34 0.12 -11.42 4.48
N ILE A 35 1.38 -11.27 4.88
CA ILE A 35 2.43 -10.81 3.97
C ILE A 35 2.48 -11.72 2.75
N GLU A 36 2.46 -13.03 2.98
CA GLU A 36 2.51 -14.00 1.90
C GLU A 36 1.25 -13.95 1.05
N GLU A 37 0.08 -13.90 1.68
CA GLU A 37 -1.16 -13.94 0.94
C GLU A 37 -1.31 -12.71 0.06
N ALA A 38 -1.05 -11.53 0.62
CA ALA A 38 -1.07 -10.30 -0.14
C ALA A 38 -0.08 -10.37 -1.29
N ARG A 39 1.05 -11.02 -1.04
CA ARG A 39 2.10 -11.19 -2.03
C ARG A 39 1.66 -12.16 -3.12
N LYS A 40 1.04 -13.26 -2.72
CA LYS A 40 0.56 -14.26 -3.67
C LYS A 40 -0.45 -13.65 -4.62
N MET A 41 -1.35 -12.84 -4.08
CA MET A 41 -2.34 -12.14 -4.91
C MET A 41 -1.64 -11.22 -5.90
N ALA A 42 -0.63 -10.51 -5.41
CA ALA A 42 0.15 -9.61 -6.25
C ALA A 42 0.84 -10.38 -7.37
N GLU A 43 1.45 -11.51 -7.02
CA GLU A 43 2.12 -12.37 -7.99
C GLU A 43 1.12 -12.85 -9.04
N LYS A 44 -0.08 -13.15 -8.60
CA LYS A 44 -1.12 -13.69 -9.49
C LYS A 44 -1.69 -12.61 -10.40
N ALA A 45 -1.91 -11.41 -9.85
CA ALA A 45 -2.52 -10.33 -10.61
C ALA A 45 -1.47 -9.41 -11.24
N ASN A 46 -0.20 -9.81 -11.10
CA ASN A 46 0.92 -9.07 -11.69
C ASN A 46 1.06 -7.68 -11.07
N LEU A 47 0.89 -7.61 -9.76
CA LEU A 47 0.95 -6.35 -9.04
C LEU A 47 2.34 -6.15 -8.45
N GLU A 48 2.75 -4.90 -8.31
CA GLU A 48 4.03 -4.57 -7.73
C GLU A 48 3.93 -4.61 -6.20
N LEU A 49 4.35 -5.72 -5.60
CA LEU A 49 4.28 -5.87 -4.16
C LEU A 49 5.56 -5.36 -3.52
N ILE A 50 5.44 -4.28 -2.78
CA ILE A 50 6.58 -3.67 -2.13
C ILE A 50 6.37 -3.61 -0.63
N THR A 51 7.32 -4.13 0.12
CA THR A 51 7.23 -4.14 1.58
C THR A 51 8.26 -3.18 2.18
N VAL A 52 7.83 -1.99 2.56
CA VAL A 52 8.73 -1.06 3.23
C VAL A 52 8.09 -0.55 4.54
N PRO A 53 8.19 -1.37 5.60
CA PRO A 53 7.75 -0.99 6.93
C PRO A 53 8.82 -0.36 7.81
N GLY A 54 8.76 0.94 8.04
CA GLY A 54 9.45 1.48 9.20
C GLY A 54 8.49 2.28 10.04
N SER A 55 7.84 3.23 9.40
CA SER A 55 6.60 3.81 9.86
C SER A 55 5.53 3.55 8.80
N PRO A 56 4.26 3.89 9.04
CA PRO A 56 3.25 3.83 7.98
C PRO A 56 3.62 4.72 6.79
N GLU A 57 4.28 5.84 7.09
CA GLU A 57 4.63 6.82 6.07
C GLU A 57 5.77 6.36 5.17
N GLU A 58 6.52 5.36 5.62
CA GLU A 58 7.69 4.92 4.87
C GLU A 58 7.27 4.28 3.56
N ALA A 59 6.19 3.51 3.62
CA ALA A 59 5.62 2.91 2.43
C ALA A 59 4.98 3.96 1.54
N ILE A 60 4.33 4.94 2.18
CA ILE A 60 3.64 6.00 1.45
C ILE A 60 4.63 6.91 0.73
N ARG A 61 5.77 7.13 1.36
CA ARG A 61 6.79 8.01 0.81
C ARG A 61 7.40 7.40 -0.44
N LEU A 62 7.60 6.08 -0.42
CA LEU A 62 8.11 5.37 -1.59
C LEU A 62 7.00 5.19 -2.61
N ALA A 63 5.77 5.16 -2.11
CA ALA A 63 4.59 5.06 -2.95
C ALA A 63 4.57 6.19 -3.98
N GLN A 64 4.90 7.40 -3.52
CA GLN A 64 4.97 8.55 -4.42
C GLN A 64 6.08 8.37 -5.45
N GLU A 65 7.22 7.86 -4.99
CA GLU A 65 8.36 7.60 -5.88
C GLU A 65 7.96 6.67 -7.01
N ILE A 66 7.38 5.53 -6.65
CA ILE A 66 6.98 4.54 -7.64
C ILE A 66 5.91 5.09 -8.57
N ALA A 67 5.00 5.90 -8.02
CA ALA A 67 3.93 6.51 -8.81
C ALA A 67 4.50 7.57 -9.75
N GLU A 68 5.47 8.32 -9.25
CA GLU A 68 6.13 9.36 -10.03
C GLU A 68 6.91 8.74 -11.19
N LYS A 69 7.51 7.59 -10.92
CA LYS A 69 8.36 6.91 -11.89
C LYS A 69 7.58 5.87 -12.68
N ALA A 70 6.27 6.03 -12.70
CA ALA A 70 5.40 5.13 -13.45
C ALA A 70 5.01 5.74 -14.79
N PRO A 71 5.40 5.10 -15.90
CA PRO A 71 5.01 5.55 -17.22
C PRO A 71 3.54 5.27 -17.52
N GLY A 72 2.76 6.33 -17.53
CA GLY A 72 1.37 6.22 -17.92
C GLY A 72 0.45 6.08 -16.73
N PRO A 73 -0.66 5.34 -16.88
CA PRO A 73 -1.62 5.12 -15.80
C PRO A 73 -1.03 4.30 -14.66
N VAL A 74 -1.25 4.74 -13.44
CA VAL A 74 -0.74 4.06 -12.26
C VAL A 74 -1.69 4.17 -11.08
N LYS A 75 -1.85 3.06 -10.36
CA LYS A 75 -2.67 3.03 -9.16
C LYS A 75 -1.84 2.45 -8.01
N VAL A 76 -1.52 3.30 -7.04
CA VAL A 76 -0.70 2.88 -5.91
C VAL A 76 -1.52 2.78 -4.63
N LEU A 77 -1.45 1.63 -3.99
CA LEU A 77 -2.16 1.40 -2.75
C LEU A 77 -1.19 1.10 -1.61
N VAL A 78 -1.37 1.78 -0.49
CA VAL A 78 -0.56 1.54 0.70
C VAL A 78 -1.41 0.88 1.77
N LEU A 79 -0.95 -0.26 2.26
CA LEU A 79 -1.68 -1.01 3.25
C LEU A 79 -1.06 -0.84 4.63
N ILE A 80 -1.67 0.02 5.43
CA ILE A 80 -1.20 0.25 6.79
C ILE A 80 -1.79 -0.80 7.72
N THR A 81 -1.01 -1.82 8.03
CA THR A 81 -1.49 -2.94 8.81
C THR A 81 -1.61 -2.60 10.29
N GLY A 82 -2.74 -2.97 10.88
CA GLY A 82 -2.93 -2.78 12.30
C GLY A 82 -3.32 -1.37 12.65
N SER A 83 -3.21 -1.02 13.92
CA SER A 83 -3.54 0.32 14.38
C SER A 83 -2.37 1.26 14.18
N ALA A 84 -2.61 2.37 13.52
CA ALA A 84 -1.59 3.39 13.32
C ALA A 84 -1.49 4.26 14.57
N ASP A 85 -0.30 4.34 15.15
CA ASP A 85 -0.08 5.15 16.35
C ASP A 85 -0.37 6.61 16.05
N PRO A 86 -0.81 7.38 17.06
CA PRO A 86 -1.23 8.77 16.91
C PRO A 86 -0.28 9.61 16.06
N ASP A 87 1.01 9.58 16.39
CA ASP A 87 1.99 10.39 15.69
C ASP A 87 2.32 9.81 14.33
N GLU A 88 2.26 8.49 14.23
CA GLU A 88 2.53 7.80 12.99
C GLU A 88 1.42 8.09 11.98
N LYS A 89 0.20 8.23 12.50
CA LYS A 89 -0.94 8.58 11.66
C LYS A 89 -0.81 10.00 11.15
N THR A 90 -0.21 10.87 11.96
CA THR A 90 0.05 12.24 11.56
C THR A 90 1.13 12.30 10.48
N LYS A 91 2.18 11.49 10.67
CA LYS A 91 3.23 11.38 9.68
C LYS A 91 2.68 10.83 8.37
N ALA A 92 1.79 9.86 8.49
CA ALA A 92 1.16 9.25 7.34
C ALA A 92 0.23 10.23 6.65
N LYS A 93 -0.36 11.13 7.44
CA LYS A 93 -1.25 12.16 6.92
C LYS A 93 -0.50 13.05 5.94
N LYS A 94 0.65 13.55 6.38
CA LYS A 94 1.47 14.42 5.56
C LYS A 94 2.01 13.68 4.34
N ALA A 95 2.44 12.44 4.55
CA ALA A 95 2.95 11.59 3.47
C ALA A 95 1.86 11.34 2.43
N ALA A 96 0.68 10.95 2.91
CA ALA A 96 -0.44 10.62 2.03
C ALA A 96 -0.96 11.85 1.30
N GLU A 97 -1.03 12.98 2.01
CA GLU A 97 -1.50 14.23 1.43
C GLU A 97 -0.74 14.54 0.15
N GLU A 98 0.57 14.34 0.22
CA GLU A 98 1.45 14.58 -0.93
C GLU A 98 1.35 13.44 -1.94
N ALA A 99 1.12 12.24 -1.44
CA ALA A 99 1.08 11.05 -2.29
C ALA A 99 -0.20 10.98 -3.11
N ARG A 100 -1.29 11.55 -2.58
CA ARG A 100 -2.56 11.57 -3.29
C ARG A 100 -2.46 12.40 -4.56
N LYS A 101 -1.46 13.28 -4.60
CA LYS A 101 -1.19 14.09 -5.77
C LYS A 101 -0.61 13.23 -6.90
N TRP A 102 -0.19 12.01 -6.56
CA TRP A 102 0.41 11.11 -7.53
C TRP A 102 -0.41 9.82 -7.64
N ASN A 103 -1.69 9.91 -7.28
CA ASN A 103 -2.64 8.79 -7.38
C ASN A 103 -2.33 7.67 -6.39
N VAL A 104 -1.78 8.03 -5.25
CA VAL A 104 -1.54 7.07 -4.19
C VAL A 104 -2.68 7.09 -3.18
N ARG A 105 -3.17 5.90 -2.83
CA ARG A 105 -4.22 5.79 -1.84
C ARG A 105 -3.75 4.94 -0.66
N VAL A 106 -3.97 5.44 0.55
CA VAL A 106 -3.60 4.71 1.74
C VAL A 106 -4.84 4.14 2.42
N ARG A 107 -4.72 2.93 2.95
CA ARG A 107 -5.83 2.28 3.63
C ARG A 107 -5.32 1.49 4.84
N THR A 108 -5.96 1.69 5.98
CA THR A 108 -5.58 0.98 7.20
C THR A 108 -6.25 -0.40 7.23
N VAL A 109 -5.43 -1.44 7.33
CA VAL A 109 -5.91 -2.80 7.26
C VAL A 109 -6.06 -3.40 8.65
N THR A 110 -7.30 -3.60 9.06
CA THR A 110 -7.60 -4.15 10.38
C THR A 110 -7.54 -5.68 10.39
N SER A 111 -8.02 -6.30 9.32
CA SER A 111 -8.08 -7.74 9.23
C SER A 111 -7.31 -8.24 8.00
N PRO A 112 -6.46 -9.28 8.20
CA PRO A 112 -5.64 -9.86 7.13
C PRO A 112 -6.46 -10.44 5.99
N ASP A 113 -7.60 -11.04 6.30
CA ASP A 113 -8.48 -11.60 5.27
C ASP A 113 -9.04 -10.50 4.41
N GLU A 114 -9.35 -9.39 5.04
CA GLU A 114 -9.96 -8.28 4.34
C GLU A 114 -8.92 -7.56 3.48
N ALA A 115 -7.65 -7.72 3.82
CA ALA A 115 -6.55 -7.21 3.00
C ALA A 115 -6.64 -7.81 1.60
N LYS A 116 -6.97 -9.10 1.56
CA LYS A 116 -7.23 -9.79 0.30
C LYS A 116 -8.30 -9.04 -0.51
N ARG A 117 -9.38 -8.66 0.15
CA ARG A 117 -10.43 -7.91 -0.50
C ARG A 117 -9.92 -6.52 -0.92
N TRP A 118 -9.21 -5.87 0.00
CA TRP A 118 -8.66 -4.54 -0.25
C TRP A 118 -7.84 -4.48 -1.53
N ILE A 119 -6.98 -5.48 -1.72
CA ILE A 119 -6.17 -5.56 -2.93
C ILE A 119 -7.05 -5.83 -4.14
N LYS A 120 -7.96 -6.77 -4.01
CA LYS A 120 -8.86 -7.15 -5.10
C LYS A 120 -9.70 -5.96 -5.56
N GLU A 121 -10.19 -5.19 -4.60
CA GLU A 121 -11.02 -4.03 -4.90
C GLU A 121 -10.23 -2.95 -5.64
N PHE A 122 -9.01 -2.71 -5.20
CA PHE A 122 -8.20 -1.63 -5.75
C PHE A 122 -7.65 -1.99 -7.12
N SER A 123 -7.32 -3.26 -7.32
CA SER A 123 -6.76 -3.71 -8.57
C SER A 123 -7.83 -3.87 -9.65
N GLU A 124 -9.05 -4.18 -9.21
CA GLU A 124 -10.15 -4.44 -10.16
C GLU A 124 -10.80 -3.14 -10.61
N GLU A 125 -10.96 -2.19 -9.70
CA GLU A 125 -11.61 -0.93 -10.01
C GLU A 125 -10.62 0.09 -10.54
N MET A 21 -1.00 0.35 -17.43
CA MET A 21 -1.51 0.77 -16.10
C MET A 21 -0.67 0.12 -15.00
N ARG A 22 0.16 0.94 -14.35
CA ARG A 22 1.09 0.45 -13.36
C ARG A 22 0.41 0.37 -11.99
N LEU A 23 0.00 -0.82 -11.60
CA LEU A 23 -0.64 -1.02 -10.31
C LEU A 23 0.41 -1.41 -9.27
N VAL A 24 0.58 -0.57 -8.27
CA VAL A 24 1.61 -0.77 -7.26
C VAL A 24 0.99 -0.89 -5.87
N VAL A 25 1.50 -1.81 -5.07
CA VAL A 25 1.01 -2.02 -3.72
C VAL A 25 2.15 -2.09 -2.72
N LEU A 26 2.11 -1.23 -1.71
CA LEU A 26 3.06 -1.31 -0.60
C LEU A 26 2.32 -1.72 0.66
N ILE A 27 2.91 -2.60 1.45
CA ILE A 27 2.25 -3.12 2.64
C ILE A 27 3.15 -2.93 3.86
N VAL A 28 2.61 -2.32 4.92
CA VAL A 28 3.38 -2.09 6.13
C VAL A 28 2.89 -3.00 7.26
N SER A 29 3.57 -4.12 7.41
CA SER A 29 3.29 -5.10 8.47
C SER A 29 4.41 -6.13 8.47
N ASN A 30 4.58 -6.84 9.58
CA ASN A 30 5.44 -8.01 9.57
C ASN A 30 4.70 -9.20 10.15
N ASP A 31 3.89 -9.81 9.31
CA ASP A 31 3.21 -11.06 9.62
C ASP A 31 3.49 -12.06 8.52
N LYS A 32 4.06 -13.21 8.87
CA LYS A 32 4.47 -14.19 7.87
C LYS A 32 3.29 -14.74 7.07
N LYS A 33 2.12 -14.72 7.69
CA LYS A 33 0.90 -15.16 7.03
C LYS A 33 0.39 -14.09 6.05
N LEU A 34 0.21 -12.87 6.57
CA LEU A 34 -0.30 -11.75 5.79
C LEU A 34 0.60 -11.43 4.59
N ILE A 35 1.88 -11.23 4.85
CA ILE A 35 2.80 -10.81 3.79
C ILE A 35 2.82 -11.80 2.63
N GLU A 36 2.88 -13.09 2.95
CA GLU A 36 2.87 -14.10 1.91
C GLU A 36 1.54 -14.13 1.17
N GLU A 37 0.44 -14.15 1.93
CA GLU A 37 -0.89 -14.21 1.34
C GLU A 37 -1.13 -13.01 0.43
N ALA A 38 -0.68 -11.84 0.88
CA ALA A 38 -0.81 -10.63 0.09
C ALA A 38 0.00 -10.73 -1.19
N ARG A 39 1.22 -11.27 -1.09
CA ARG A 39 2.08 -11.43 -2.25
C ARG A 39 1.50 -12.46 -3.22
N LYS A 40 0.92 -13.52 -2.67
CA LYS A 40 0.21 -14.50 -3.49
C LYS A 40 -0.88 -13.80 -4.30
N MET A 41 -1.62 -12.93 -3.63
CA MET A 41 -2.69 -12.18 -4.26
C MET A 41 -2.14 -11.23 -5.33
N ALA A 42 -1.04 -10.56 -5.01
CA ALA A 42 -0.40 -9.66 -5.97
C ALA A 42 0.03 -10.42 -7.21
N GLU A 43 0.55 -11.63 -7.04
CA GLU A 43 0.97 -12.45 -8.16
C GLU A 43 -0.23 -12.89 -8.99
N LYS A 44 -1.34 -13.16 -8.32
CA LYS A 44 -2.58 -13.54 -9.00
C LYS A 44 -3.12 -12.38 -9.83
N ALA A 45 -3.05 -11.18 -9.27
CA ALA A 45 -3.63 -10.00 -9.91
C ALA A 45 -2.60 -9.20 -10.70
N ASN A 46 -1.41 -9.77 -10.85
CA ASN A 46 -0.32 -9.15 -11.61
C ASN A 46 0.04 -7.76 -11.09
N LEU A 47 0.06 -7.62 -9.77
CA LEU A 47 0.39 -6.35 -9.14
C LEU A 47 1.85 -6.34 -8.72
N GLU A 48 2.43 -5.15 -8.67
CA GLU A 48 3.77 -4.99 -8.13
C GLU A 48 3.67 -4.71 -6.63
N LEU A 49 3.88 -5.75 -5.82
CA LEU A 49 3.79 -5.61 -4.39
C LEU A 49 5.18 -5.40 -3.82
N ILE A 50 5.37 -4.26 -3.17
CA ILE A 50 6.62 -3.93 -2.55
C ILE A 50 6.46 -3.92 -1.03
N THR A 51 7.08 -4.88 -0.38
CA THR A 51 6.97 -5.02 1.06
C THR A 51 8.05 -4.20 1.78
N VAL A 52 7.67 -3.02 2.25
CA VAL A 52 8.61 -2.20 3.01
C VAL A 52 7.95 -1.65 4.27
N PRO A 53 7.89 -2.45 5.34
CA PRO A 53 7.55 -1.95 6.66
C PRO A 53 8.79 -1.51 7.45
N GLY A 54 9.03 -0.22 7.54
CA GLY A 54 9.92 0.25 8.57
C GLY A 54 9.28 1.35 9.40
N SER A 55 8.76 2.33 8.70
CA SER A 55 7.86 3.32 9.28
C SER A 55 6.53 3.25 8.56
N PRO A 56 5.44 3.69 9.20
CA PRO A 56 4.17 3.88 8.51
C PRO A 56 4.33 4.81 7.31
N GLU A 57 4.90 5.98 7.57
CA GLU A 57 5.10 7.01 6.55
C GLU A 57 6.07 6.56 5.48
N GLU A 58 6.94 5.61 5.81
CA GLU A 58 8.00 5.18 4.90
C GLU A 58 7.45 4.64 3.59
N ALA A 59 6.55 3.67 3.69
CA ALA A 59 5.91 3.11 2.51
C ALA A 59 5.04 4.15 1.81
N ILE A 60 4.47 5.06 2.59
CA ILE A 60 3.65 6.14 2.04
C ILE A 60 4.49 7.02 1.12
N ARG A 61 5.64 7.43 1.62
CA ARG A 61 6.56 8.28 0.88
C ARG A 61 7.12 7.54 -0.33
N LEU A 62 7.39 6.25 -0.14
CA LEU A 62 7.92 5.42 -1.21
C LEU A 62 6.87 5.21 -2.30
N ALA A 63 5.61 5.16 -1.90
CA ALA A 63 4.50 5.03 -2.83
C ALA A 63 4.52 6.16 -3.85
N GLN A 64 4.75 7.37 -3.37
CA GLN A 64 4.85 8.54 -4.24
C GLN A 64 6.05 8.42 -5.17
N GLU A 65 7.16 7.96 -4.63
CA GLU A 65 8.38 7.74 -5.40
C GLU A 65 8.11 6.80 -6.55
N ILE A 66 7.52 5.65 -6.25
CA ILE A 66 7.23 4.64 -7.25
C ILE A 66 6.24 5.18 -8.28
N ALA A 67 5.30 6.01 -7.84
CA ALA A 67 4.32 6.61 -8.73
C ALA A 67 4.99 7.58 -9.71
N GLU A 68 5.90 8.39 -9.19
CA GLU A 68 6.63 9.35 -10.00
C GLU A 68 7.57 8.63 -10.97
N LYS A 69 8.05 7.47 -10.54
CA LYS A 69 9.01 6.69 -11.31
C LYS A 69 8.31 5.62 -12.15
N ALA A 70 6.99 5.69 -12.21
CA ALA A 70 6.19 4.73 -12.97
C ALA A 70 6.00 5.19 -14.40
N PRO A 71 5.88 4.24 -15.35
CA PRO A 71 5.65 4.59 -16.75
C PRO A 71 4.18 4.90 -17.03
N GLY A 72 3.89 6.17 -17.23
CA GLY A 72 2.56 6.59 -17.62
C GLY A 72 1.55 6.49 -16.48
N PRO A 73 0.41 5.83 -16.72
CA PRO A 73 -0.65 5.70 -15.71
C PRO A 73 -0.24 4.78 -14.56
N VAL A 74 -0.40 5.26 -13.34
CA VAL A 74 -0.03 4.50 -12.16
C VAL A 74 -1.11 4.59 -11.09
N LYS A 75 -1.31 3.50 -10.37
CA LYS A 75 -2.30 3.46 -9.29
C LYS A 75 -1.70 2.72 -8.10
N VAL A 76 -1.37 3.45 -7.05
CA VAL A 76 -0.68 2.86 -5.91
C VAL A 76 -1.60 2.75 -4.70
N LEU A 77 -1.48 1.64 -3.99
CA LEU A 77 -2.21 1.42 -2.76
C LEU A 77 -1.26 1.01 -1.64
N VAL A 78 -1.40 1.64 -0.48
CA VAL A 78 -0.57 1.29 0.68
C VAL A 78 -1.43 0.74 1.81
N LEU A 79 -1.03 -0.40 2.33
CA LEU A 79 -1.78 -1.07 3.37
C LEU A 79 -1.05 -0.99 4.70
N ILE A 80 -1.68 -0.39 5.70
CA ILE A 80 -1.09 -0.31 7.02
C ILE A 80 -1.93 -1.13 8.00
N THR A 81 -1.47 -2.34 8.29
CA THR A 81 -2.22 -3.22 9.17
C THR A 81 -1.84 -2.97 10.63
N GLY A 82 -2.85 -2.86 11.48
CA GLY A 82 -2.61 -2.61 12.89
C GLY A 82 -3.14 -1.28 13.33
N SER A 83 -2.69 -0.81 14.48
CA SER A 83 -3.10 0.49 14.99
C SER A 83 -1.96 1.48 14.95
N ALA A 84 -2.01 2.41 13.99
CA ALA A 84 -0.97 3.42 13.86
C ALA A 84 -1.10 4.45 14.97
N ASP A 85 0.02 4.71 15.65
CA ASP A 85 0.05 5.67 16.74
C ASP A 85 -0.25 7.07 16.22
N PRO A 86 -1.03 7.86 16.99
CA PRO A 86 -1.49 9.19 16.57
C PRO A 86 -0.42 10.03 15.86
N ASP A 87 0.77 10.11 16.45
CA ASP A 87 1.87 10.85 15.85
C ASP A 87 2.18 10.34 14.44
N GLU A 88 2.40 9.04 14.32
CA GLU A 88 2.75 8.44 13.04
C GLU A 88 1.57 8.46 12.08
N LYS A 89 0.36 8.38 12.62
CA LYS A 89 -0.85 8.46 11.82
C LYS A 89 -1.00 9.85 11.23
N THR A 90 -0.40 10.83 11.89
CA THR A 90 -0.41 12.20 11.40
C THR A 90 0.72 12.40 10.39
N LYS A 91 1.85 11.74 10.64
CA LYS A 91 2.99 11.78 9.72
C LYS A 91 2.59 11.15 8.38
N ALA A 92 1.95 9.97 8.47
CA ALA A 92 1.51 9.26 7.28
C ALA A 92 0.40 10.05 6.58
N LYS A 93 -0.34 10.81 7.37
CA LYS A 93 -1.42 11.65 6.83
C LYS A 93 -0.86 12.73 5.91
N LYS A 94 0.13 13.47 6.40
CA LYS A 94 0.72 14.56 5.65
C LYS A 94 1.34 14.04 4.36
N ALA A 95 2.04 12.91 4.47
CA ALA A 95 2.65 12.28 3.32
C ALA A 95 1.58 11.75 2.36
N ALA A 96 0.49 11.24 2.93
CA ALA A 96 -0.61 10.69 2.14
C ALA A 96 -1.28 11.77 1.31
N GLU A 97 -1.50 12.94 1.90
CA GLU A 97 -2.13 14.04 1.19
C GLU A 97 -1.21 14.56 0.10
N GLU A 98 0.09 14.48 0.34
CA GLU A 98 1.09 14.88 -0.65
C GLU A 98 1.14 13.85 -1.79
N ALA A 99 0.94 12.59 -1.44
CA ALA A 99 0.97 11.50 -2.41
C ALA A 99 -0.38 11.31 -3.08
N ARG A 100 -1.41 11.92 -2.51
CA ARG A 100 -2.78 11.78 -3.01
C ARG A 100 -2.88 12.16 -4.49
N LYS A 101 -2.16 13.19 -4.89
CA LYS A 101 -2.21 13.68 -6.26
C LYS A 101 -1.45 12.75 -7.21
N TRP A 102 -0.83 11.73 -6.67
CA TRP A 102 -0.12 10.74 -7.48
C TRP A 102 -0.94 9.47 -7.60
N ASN A 103 -2.25 9.61 -7.36
CA ASN A 103 -3.21 8.50 -7.44
C ASN A 103 -2.85 7.40 -6.43
N VAL A 104 -2.36 7.84 -5.28
CA VAL A 104 -1.99 6.92 -4.21
C VAL A 104 -3.07 6.90 -3.13
N ARG A 105 -3.46 5.71 -2.72
CA ARG A 105 -4.44 5.55 -1.66
C ARG A 105 -3.84 4.79 -0.49
N VAL A 106 -4.05 5.29 0.71
CA VAL A 106 -3.50 4.66 1.90
C VAL A 106 -4.62 4.34 2.88
N ARG A 107 -4.60 3.14 3.45
CA ARG A 107 -5.66 2.75 4.37
C ARG A 107 -5.16 1.75 5.40
N THR A 108 -5.74 1.82 6.59
CA THR A 108 -5.40 0.94 7.69
C THR A 108 -6.16 -0.38 7.55
N VAL A 109 -5.44 -1.48 7.76
CA VAL A 109 -6.01 -2.80 7.65
C VAL A 109 -6.24 -3.39 9.04
N THR A 110 -7.44 -3.88 9.29
CA THR A 110 -7.78 -4.46 10.56
C THR A 110 -7.39 -5.94 10.62
N SER A 111 -7.44 -6.60 9.47
CA SER A 111 -7.08 -8.00 9.36
C SER A 111 -6.79 -8.35 7.90
N PRO A 112 -5.84 -9.26 7.63
CA PRO A 112 -5.44 -9.63 6.26
C PRO A 112 -6.63 -9.75 5.29
N ASP A 113 -7.73 -10.32 5.79
CA ASP A 113 -8.96 -10.51 5.00
C ASP A 113 -9.37 -9.23 4.30
N GLU A 114 -9.25 -8.11 5.02
CA GLU A 114 -9.64 -6.81 4.51
C GLU A 114 -8.69 -6.39 3.38
N ALA A 115 -7.40 -6.58 3.61
CA ALA A 115 -6.38 -6.23 2.62
C ALA A 115 -6.54 -7.07 1.36
N LYS A 116 -6.90 -8.34 1.57
CA LYS A 116 -7.14 -9.25 0.47
C LYS A 116 -8.28 -8.73 -0.40
N ARG A 117 -9.28 -8.15 0.24
CA ARG A 117 -10.41 -7.53 -0.46
C ARG A 117 -9.92 -6.37 -1.32
N TRP A 118 -9.08 -5.52 -0.75
CA TRP A 118 -8.61 -4.33 -1.45
C TRP A 118 -7.75 -4.70 -2.64
N ILE A 119 -6.90 -5.71 -2.47
CA ILE A 119 -6.09 -6.21 -3.57
C ILE A 119 -6.97 -6.65 -4.73
N LYS A 120 -8.06 -7.33 -4.40
CA LYS A 120 -9.02 -7.79 -5.41
C LYS A 120 -9.72 -6.62 -6.06
N GLU A 121 -10.21 -5.69 -5.24
CA GLU A 121 -11.02 -4.58 -5.74
C GLU A 121 -10.20 -3.61 -6.59
N PHE A 122 -8.99 -3.29 -6.15
CA PHE A 122 -8.13 -2.35 -6.86
C PHE A 122 -7.67 -2.92 -8.20
N SER A 123 -7.53 -4.24 -8.25
CA SER A 123 -7.17 -4.90 -9.50
C SER A 123 -8.41 -5.08 -10.37
N GLU A 124 -9.49 -5.50 -9.71
CA GLU A 124 -10.80 -5.68 -10.32
C GLU A 124 -10.83 -6.90 -11.25
N GLU A 125 -9.94 -6.95 -12.21
CA GLU A 125 -9.86 -8.08 -13.12
C GLU A 125 -8.40 -8.50 -13.32
N MET A 21 -2.90 -1.84 -16.49
CA MET A 21 -2.43 -0.76 -15.59
C MET A 21 -1.44 -1.31 -14.57
N ARG A 22 -0.42 -0.54 -14.25
CA ARG A 22 0.54 -0.94 -13.23
C ARG A 22 0.08 -0.50 -11.86
N LEU A 23 -0.52 -1.42 -11.12
CA LEU A 23 -0.98 -1.14 -9.77
C LEU A 23 0.12 -1.46 -8.77
N VAL A 24 0.38 -0.52 -7.89
CA VAL A 24 1.44 -0.67 -6.90
C VAL A 24 0.85 -0.78 -5.50
N VAL A 25 1.22 -1.83 -4.79
CA VAL A 25 0.76 -2.05 -3.43
C VAL A 25 1.94 -1.99 -2.47
N LEU A 26 1.87 -1.08 -1.51
CA LEU A 26 2.92 -0.95 -0.53
C LEU A 26 2.35 -1.20 0.86
N ILE A 27 2.74 -2.32 1.44
CA ILE A 27 2.15 -2.79 2.69
C ILE A 27 3.13 -2.62 3.85
N VAL A 28 2.67 -1.98 4.92
CA VAL A 28 3.48 -1.76 6.10
C VAL A 28 2.99 -2.62 7.26
N SER A 29 3.62 -3.78 7.42
CA SER A 29 3.34 -4.66 8.54
C SER A 29 4.34 -5.82 8.51
N ASN A 30 4.82 -6.25 9.67
CA ASN A 30 5.70 -7.40 9.70
C ASN A 30 4.93 -8.60 10.24
N ASP A 31 4.20 -9.25 9.34
CA ASP A 31 3.48 -10.49 9.65
C ASP A 31 3.89 -11.57 8.67
N LYS A 32 3.54 -12.81 8.97
CA LYS A 32 3.79 -13.89 8.03
C LYS A 32 2.58 -14.10 7.12
N LYS A 33 1.50 -14.61 7.70
CA LYS A 33 0.32 -15.03 6.92
C LYS A 33 -0.36 -13.85 6.25
N LEU A 34 -0.16 -12.66 6.78
CA LEU A 34 -0.78 -11.47 6.22
C LEU A 34 0.01 -11.00 5.00
N ILE A 35 1.32 -11.20 5.05
CA ILE A 35 2.20 -10.74 3.98
C ILE A 35 2.32 -11.79 2.87
N GLU A 36 2.55 -13.03 3.26
CA GLU A 36 2.75 -14.12 2.29
C GLU A 36 1.54 -14.27 1.38
N GLU A 37 0.36 -14.36 1.96
CA GLU A 37 -0.86 -14.56 1.19
C GLU A 37 -1.18 -13.34 0.35
N ALA A 38 -0.92 -12.15 0.89
CA ALA A 38 -1.11 -10.92 0.13
C ALA A 38 -0.14 -10.88 -1.05
N ARG A 39 1.11 -11.26 -0.78
CA ARG A 39 2.14 -11.35 -1.80
C ARG A 39 1.70 -12.26 -2.94
N LYS A 40 1.19 -13.43 -2.58
CA LYS A 40 0.71 -14.41 -3.55
C LYS A 40 -0.43 -13.83 -4.38
N MET A 41 -1.44 -13.30 -3.70
CA MET A 41 -2.61 -12.76 -4.37
C MET A 41 -2.23 -11.60 -5.30
N ALA A 42 -1.25 -10.80 -4.87
CA ALA A 42 -0.83 -9.62 -5.60
C ALA A 42 -0.13 -9.99 -6.90
N GLU A 43 0.84 -10.91 -6.83
CA GLU A 43 1.61 -11.26 -8.02
C GLU A 43 0.74 -11.99 -9.04
N LYS A 44 -0.23 -12.74 -8.55
CA LYS A 44 -1.15 -13.46 -9.43
C LYS A 44 -2.17 -12.50 -10.04
N ALA A 45 -2.34 -11.35 -9.40
CA ALA A 45 -3.26 -10.33 -9.89
C ALA A 45 -2.51 -9.27 -10.69
N ASN A 46 -1.24 -9.55 -10.99
CA ASN A 46 -0.40 -8.67 -11.80
C ASN A 46 -0.22 -7.31 -11.13
N LEU A 47 0.02 -7.34 -9.83
CA LEU A 47 0.24 -6.12 -9.06
C LEU A 47 1.70 -6.04 -8.63
N GLU A 48 2.18 -4.83 -8.37
CA GLU A 48 3.52 -4.64 -7.84
C GLU A 48 3.44 -4.40 -6.34
N LEU A 49 3.68 -5.44 -5.56
CA LEU A 49 3.56 -5.34 -4.12
C LEU A 49 4.92 -5.44 -3.44
N ILE A 50 5.19 -4.47 -2.59
CA ILE A 50 6.44 -4.45 -1.84
C ILE A 50 6.15 -4.40 -0.35
N THR A 51 6.85 -5.23 0.41
CA THR A 51 6.72 -5.21 1.86
C THR A 51 7.59 -4.13 2.46
N VAL A 52 6.96 -3.10 2.98
CA VAL A 52 7.64 -1.94 3.51
C VAL A 52 8.02 -2.14 4.97
N PRO A 53 9.18 -1.59 5.39
CA PRO A 53 9.55 -1.48 6.81
C PRO A 53 8.42 -0.87 7.64
N GLY A 54 8.49 -1.08 8.93
CA GLY A 54 7.37 -0.81 9.83
C GLY A 54 7.02 0.66 10.01
N SER A 55 7.57 1.54 9.18
CA SER A 55 7.20 2.94 9.24
C SER A 55 6.27 3.30 8.08
N PRO A 56 5.20 4.03 8.40
CA PRO A 56 4.15 4.34 7.42
C PRO A 56 4.57 5.35 6.37
N GLU A 57 5.38 6.32 6.78
CA GLU A 57 5.84 7.36 5.87
C GLU A 57 6.82 6.80 4.84
N GLU A 58 7.46 5.69 5.20
CA GLU A 58 8.39 5.02 4.30
C GLU A 58 7.67 4.56 3.04
N ALA A 59 6.48 4.01 3.21
CA ALA A 59 5.68 3.52 2.09
C ALA A 59 5.24 4.69 1.22
N ILE A 60 4.92 5.81 1.84
CA ILE A 60 4.46 6.99 1.11
C ILE A 60 5.58 7.53 0.21
N ARG A 61 6.76 7.69 0.79
CA ARG A 61 7.89 8.23 0.06
C ARG A 61 8.49 7.17 -0.86
N LEU A 62 8.12 5.91 -0.63
CA LEU A 62 8.47 4.83 -1.55
C LEU A 62 7.56 4.90 -2.77
N ALA A 63 6.28 5.15 -2.51
CA ALA A 63 5.28 5.34 -3.57
C ALA A 63 5.68 6.52 -4.45
N GLN A 64 6.18 7.56 -3.82
CA GLN A 64 6.68 8.74 -4.52
C GLN A 64 7.77 8.36 -5.53
N GLU A 65 8.59 7.39 -5.14
CA GLU A 65 9.71 6.96 -5.95
C GLU A 65 9.23 6.12 -7.13
N ILE A 66 8.15 5.37 -6.92
CA ILE A 66 7.62 4.51 -7.96
C ILE A 66 6.67 5.24 -8.90
N ALA A 67 5.66 5.90 -8.32
CA ALA A 67 4.57 6.49 -9.08
C ALA A 67 5.04 7.57 -10.06
N GLU A 68 5.88 8.49 -9.59
CA GLU A 68 6.35 9.59 -10.42
C GLU A 68 7.27 9.08 -11.53
N LYS A 69 8.04 8.05 -11.22
CA LYS A 69 9.01 7.52 -12.18
C LYS A 69 8.36 6.48 -13.10
N ALA A 70 7.06 6.27 -12.93
CA ALA A 70 6.33 5.32 -13.76
C ALA A 70 5.68 6.04 -14.94
N PRO A 71 6.06 5.66 -16.17
CA PRO A 71 5.42 6.20 -17.36
C PRO A 71 4.13 5.44 -17.70
N GLY A 72 3.02 6.11 -17.50
CA GLY A 72 1.73 5.52 -17.81
C GLY A 72 0.75 5.67 -16.67
N PRO A 73 -0.44 5.07 -16.78
CA PRO A 73 -1.46 5.13 -15.74
C PRO A 73 -1.09 4.27 -14.53
N VAL A 74 -0.95 4.91 -13.39
CA VAL A 74 -0.57 4.22 -12.15
C VAL A 74 -1.27 4.83 -10.95
N LYS A 75 -1.62 3.97 -10.00
CA LYS A 75 -2.11 4.40 -8.71
C LYS A 75 -1.58 3.45 -7.64
N VAL A 76 -1.21 3.99 -6.50
CA VAL A 76 -0.56 3.21 -5.46
C VAL A 76 -1.48 3.06 -4.26
N LEU A 77 -1.50 1.87 -3.68
CA LEU A 77 -2.26 1.62 -2.47
C LEU A 77 -1.29 1.33 -1.32
N VAL A 78 -1.37 2.14 -0.27
CA VAL A 78 -0.54 1.94 0.91
C VAL A 78 -1.38 1.33 2.03
N LEU A 79 -0.94 0.18 2.51
CA LEU A 79 -1.68 -0.57 3.51
C LEU A 79 -0.92 -0.65 4.82
N ILE A 80 -1.41 0.06 5.81
CA ILE A 80 -0.86 -0.08 7.16
C ILE A 80 -1.73 -1.07 7.94
N THR A 81 -1.11 -2.14 8.40
CA THR A 81 -1.85 -3.21 9.08
C THR A 81 -1.59 -3.18 10.57
N GLY A 82 -2.66 -3.17 11.35
CA GLY A 82 -2.52 -3.14 12.79
C GLY A 82 -2.92 -1.80 13.36
N SER A 83 -2.43 -1.50 14.56
CA SER A 83 -2.74 -0.23 15.20
C SER A 83 -1.68 0.80 14.89
N ALA A 84 -2.10 1.96 14.40
CA ALA A 84 -1.18 3.02 14.04
C ALA A 84 -0.97 3.98 15.19
N ASP A 85 0.29 4.24 15.53
CA ASP A 85 0.64 5.19 16.58
C ASP A 85 0.19 6.59 16.18
N PRO A 86 -0.43 7.35 17.11
CA PRO A 86 -1.00 8.67 16.84
C PRO A 86 -0.14 9.55 15.93
N ASP A 87 1.15 9.67 16.27
CA ASP A 87 2.05 10.53 15.53
C ASP A 87 2.32 9.96 14.15
N GLU A 88 2.56 8.65 14.10
CA GLU A 88 2.83 7.97 12.84
C GLU A 88 1.59 8.00 11.94
N LYS A 89 0.43 7.90 12.54
CA LYS A 89 -0.83 7.99 11.81
C LYS A 89 -0.99 9.39 11.24
N THR A 90 -0.61 10.39 12.03
CA THR A 90 -0.62 11.77 11.59
C THR A 90 0.32 11.96 10.39
N LYS A 91 1.53 11.42 10.51
CA LYS A 91 2.52 11.52 9.44
C LYS A 91 2.05 10.78 8.19
N ALA A 92 1.35 9.67 8.39
CA ALA A 92 0.89 8.85 7.29
C ALA A 92 -0.18 9.57 6.52
N LYS A 93 -1.13 10.14 7.23
CA LYS A 93 -2.25 10.83 6.59
C LYS A 93 -1.80 12.15 6.00
N LYS A 94 -0.82 12.78 6.63
CA LYS A 94 -0.28 14.05 6.13
C LYS A 94 0.43 13.83 4.81
N ALA A 95 1.31 12.84 4.78
CA ALA A 95 2.04 12.51 3.56
C ALA A 95 1.08 11.98 2.49
N ALA A 96 0.03 11.30 2.94
CA ALA A 96 -1.00 10.78 2.05
C ALA A 96 -1.70 11.90 1.29
N GLU A 97 -1.90 13.03 1.95
CA GLU A 97 -2.57 14.17 1.34
C GLU A 97 -1.69 14.81 0.27
N GLU A 98 -0.39 14.58 0.37
CA GLU A 98 0.53 15.07 -0.64
C GLU A 98 0.66 14.05 -1.77
N ALA A 99 0.84 12.78 -1.38
CA ALA A 99 1.07 11.70 -2.34
C ALA A 99 -0.18 11.38 -3.16
N ARG A 100 -1.34 11.87 -2.72
CA ARG A 100 -2.59 11.60 -3.43
C ARG A 100 -2.58 12.21 -4.83
N LYS A 101 -1.64 13.13 -5.06
CA LYS A 101 -1.44 13.71 -6.38
C LYS A 101 -1.06 12.63 -7.39
N TRP A 102 -0.34 11.62 -6.91
CA TRP A 102 0.09 10.51 -7.75
C TRP A 102 -0.86 9.34 -7.58
N ASN A 103 -2.06 9.63 -7.09
CA ASN A 103 -3.11 8.64 -6.90
C ASN A 103 -2.69 7.59 -5.86
N VAL A 104 -2.02 8.05 -4.81
CA VAL A 104 -1.61 7.17 -3.73
C VAL A 104 -2.66 7.20 -2.62
N ARG A 105 -3.33 6.08 -2.40
CA ARG A 105 -4.36 5.98 -1.39
C ARG A 105 -3.86 5.16 -0.21
N VAL A 106 -4.05 5.68 0.99
CA VAL A 106 -3.56 5.03 2.20
C VAL A 106 -4.72 4.64 3.11
N ARG A 107 -4.73 3.39 3.55
CA ARG A 107 -5.78 2.92 4.45
C ARG A 107 -5.24 1.90 5.43
N THR A 108 -5.94 1.75 6.55
CA THR A 108 -5.56 0.81 7.59
C THR A 108 -6.41 -0.46 7.51
N VAL A 109 -5.76 -1.61 7.49
CA VAL A 109 -6.46 -2.87 7.48
C VAL A 109 -6.18 -3.63 8.76
N THR A 110 -7.21 -4.29 9.29
CA THR A 110 -7.11 -4.95 10.57
C THR A 110 -7.21 -6.48 10.43
N SER A 111 -7.82 -6.94 9.35
CA SER A 111 -8.03 -8.36 9.16
C SER A 111 -7.48 -8.83 7.80
N PRO A 112 -6.99 -10.08 7.75
CA PRO A 112 -6.56 -10.71 6.49
C PRO A 112 -7.72 -10.87 5.52
N ASP A 113 -8.93 -10.89 6.06
CA ASP A 113 -10.15 -10.93 5.26
C ASP A 113 -10.25 -9.67 4.42
N GLU A 114 -10.04 -8.55 5.07
CA GLU A 114 -10.05 -7.26 4.41
C GLU A 114 -8.90 -7.18 3.40
N ALA A 115 -7.77 -7.76 3.80
CA ALA A 115 -6.57 -7.76 2.99
C ALA A 115 -6.82 -8.39 1.61
N LYS A 116 -7.36 -9.59 1.59
CA LYS A 116 -7.58 -10.30 0.33
C LYS A 116 -8.62 -9.58 -0.53
N ARG A 117 -9.44 -8.75 0.10
CA ARG A 117 -10.48 -8.04 -0.62
C ARG A 117 -9.93 -6.83 -1.37
N TRP A 118 -9.13 -6.00 -0.71
CA TRP A 118 -8.61 -4.80 -1.39
C TRP A 118 -7.66 -5.17 -2.51
N ILE A 119 -7.02 -6.33 -2.41
CA ILE A 119 -6.13 -6.82 -3.46
C ILE A 119 -6.89 -6.98 -4.78
N LYS A 120 -7.96 -7.75 -4.75
CA LYS A 120 -8.74 -8.02 -5.95
C LYS A 120 -9.43 -6.75 -6.44
N GLU A 121 -9.87 -5.93 -5.50
CA GLU A 121 -10.63 -4.73 -5.80
C GLU A 121 -9.73 -3.65 -6.42
N PHE A 122 -8.45 -3.69 -6.08
CA PHE A 122 -7.51 -2.69 -6.57
C PHE A 122 -6.87 -3.13 -7.89
N SER A 123 -6.96 -4.43 -8.18
CA SER A 123 -6.37 -4.98 -9.39
C SER A 123 -7.15 -4.53 -10.63
N GLU A 124 -8.45 -4.39 -10.49
CA GLU A 124 -9.29 -3.96 -11.60
C GLU A 124 -9.58 -2.46 -11.49
N GLU A 125 -10.25 -1.91 -12.50
CA GLU A 125 -10.58 -0.49 -12.54
C GLU A 125 -9.32 0.37 -12.57
N MET A 21 -1.52 -0.55 -17.37
CA MET A 21 -1.38 0.41 -16.26
C MET A 21 -0.31 -0.07 -15.28
N ARG A 22 0.22 0.86 -14.51
CA ARG A 22 1.15 0.53 -13.45
C ARG A 22 0.40 0.41 -12.12
N LEU A 23 -0.07 -0.79 -11.83
CA LEU A 23 -0.79 -1.06 -10.60
C LEU A 23 0.19 -1.45 -9.50
N VAL A 24 0.52 -0.48 -8.66
CA VAL A 24 1.50 -0.69 -7.62
C VAL A 24 0.82 -0.90 -6.28
N VAL A 25 1.25 -1.93 -5.58
CA VAL A 25 0.71 -2.24 -4.26
C VAL A 25 1.83 -2.19 -3.23
N LEU A 26 1.58 -1.54 -2.12
CA LEU A 26 2.57 -1.44 -1.05
C LEU A 26 1.99 -2.02 0.24
N ILE A 27 2.77 -2.86 0.90
CA ILE A 27 2.31 -3.48 2.13
C ILE A 27 3.30 -3.19 3.27
N VAL A 28 2.74 -2.95 4.45
CA VAL A 28 3.54 -2.64 5.63
C VAL A 28 3.93 -3.92 6.37
N SER A 29 5.19 -4.01 6.76
CA SER A 29 5.71 -5.21 7.42
C SER A 29 4.96 -5.51 8.72
N ASN A 30 4.72 -6.78 8.94
CA ASN A 30 3.92 -7.27 10.05
C ASN A 30 4.03 -8.79 10.07
N ASP A 31 3.25 -9.46 10.92
CA ASP A 31 3.20 -10.92 10.93
C ASP A 31 3.20 -11.48 9.51
N LYS A 32 4.03 -12.49 9.29
CA LYS A 32 4.30 -13.00 7.95
C LYS A 32 3.06 -13.53 7.25
N LYS A 33 2.04 -13.89 8.01
CA LYS A 33 0.82 -14.42 7.44
C LYS A 33 0.10 -13.34 6.65
N LEU A 34 0.12 -12.11 7.17
CA LEU A 34 -0.51 -10.98 6.50
C LEU A 34 0.24 -10.61 5.23
N ILE A 35 1.57 -10.55 5.35
CA ILE A 35 2.42 -10.19 4.23
C ILE A 35 2.27 -11.22 3.11
N GLU A 36 2.21 -12.49 3.49
CA GLU A 36 2.07 -13.57 2.53
C GLU A 36 0.72 -13.50 1.84
N GLU A 37 -0.33 -13.18 2.60
CA GLU A 37 -1.66 -13.05 2.04
C GLU A 37 -1.68 -11.96 0.98
N ALA A 38 -1.11 -10.81 1.32
CA ALA A 38 -1.01 -9.70 0.37
C ALA A 38 -0.16 -10.10 -0.82
N ARG A 39 0.97 -10.74 -0.56
CA ARG A 39 1.87 -11.21 -1.60
C ARG A 39 1.15 -12.18 -2.54
N LYS A 40 0.54 -13.20 -1.95
CA LYS A 40 -0.24 -14.20 -2.72
C LYS A 40 -1.20 -13.52 -3.69
N MET A 41 -2.01 -12.62 -3.17
CA MET A 41 -3.09 -12.01 -3.95
C MET A 41 -2.54 -11.02 -4.98
N ALA A 42 -1.58 -10.20 -4.58
CA ALA A 42 -1.00 -9.21 -5.47
C ALA A 42 -0.25 -9.87 -6.62
N GLU A 43 0.57 -10.86 -6.29
CA GLU A 43 1.38 -11.54 -7.29
C GLU A 43 0.52 -12.34 -8.26
N LYS A 44 -0.53 -12.96 -7.73
CA LYS A 44 -1.44 -13.74 -8.56
C LYS A 44 -2.20 -12.83 -9.53
N ALA A 45 -2.47 -11.60 -9.10
CA ALA A 45 -3.17 -10.64 -9.93
C ALA A 45 -2.20 -9.86 -10.81
N ASN A 46 -0.91 -10.20 -10.70
CA ASN A 46 0.16 -9.57 -11.49
C ASN A 46 0.34 -8.11 -11.11
N LEU A 47 0.11 -7.80 -9.85
CA LEU A 47 0.29 -6.45 -9.34
C LEU A 47 1.68 -6.29 -8.77
N GLU A 48 2.26 -5.11 -8.93
CA GLU A 48 3.62 -4.88 -8.49
C GLU A 48 3.63 -4.51 -7.01
N LEU A 49 3.93 -5.49 -6.16
CA LEU A 49 3.89 -5.31 -4.72
C LEU A 49 5.28 -5.03 -4.15
N ILE A 50 5.38 -3.94 -3.39
CA ILE A 50 6.61 -3.59 -2.71
C ILE A 50 6.41 -3.66 -1.19
N THR A 51 7.30 -4.35 -0.52
CA THR A 51 7.23 -4.48 0.93
C THR A 51 7.96 -3.34 1.63
N VAL A 52 7.28 -2.68 2.56
CA VAL A 52 7.84 -1.56 3.30
C VAL A 52 7.98 -1.92 4.77
N PRO A 53 9.01 -1.38 5.45
CA PRO A 53 9.16 -1.47 6.90
C PRO A 53 7.87 -1.07 7.64
N GLY A 54 7.78 -1.50 8.88
CA GLY A 54 6.55 -1.41 9.64
C GLY A 54 6.10 0.02 9.97
N SER A 55 6.92 1.00 9.63
CA SER A 55 6.58 2.39 9.89
C SER A 55 5.82 2.99 8.70
N PRO A 56 4.56 3.42 8.93
CA PRO A 56 3.72 4.05 7.90
C PRO A 56 4.39 5.24 7.23
N GLU A 57 5.30 5.87 7.97
CA GLU A 57 6.05 7.03 7.48
C GLU A 57 6.70 6.73 6.14
N GLU A 58 7.38 5.59 6.07
CA GLU A 58 8.14 5.20 4.90
C GLU A 58 7.24 4.60 3.83
N ALA A 59 6.13 4.00 4.26
CA ALA A 59 5.19 3.38 3.34
C ALA A 59 4.66 4.39 2.33
N ILE A 60 4.16 5.50 2.83
CA ILE A 60 3.56 6.51 1.96
C ILE A 60 4.62 7.19 1.12
N ARG A 61 5.79 7.41 1.72
CA ARG A 61 6.88 8.09 1.04
C ARG A 61 7.45 7.21 -0.07
N LEU A 62 7.37 5.91 0.12
CA LEU A 62 7.83 4.94 -0.88
C LEU A 62 6.85 4.92 -2.05
N ALA A 63 5.56 4.93 -1.73
CA ALA A 63 4.50 4.90 -2.75
C ALA A 63 4.66 6.08 -3.71
N GLN A 64 4.91 7.26 -3.15
CA GLN A 64 5.10 8.46 -3.96
C GLN A 64 6.30 8.30 -4.89
N GLU A 65 7.35 7.66 -4.39
CA GLU A 65 8.56 7.44 -5.15
C GLU A 65 8.26 6.60 -6.39
N ILE A 66 7.56 5.48 -6.20
CA ILE A 66 7.25 4.61 -7.32
C ILE A 66 6.34 5.30 -8.32
N ALA A 67 5.34 6.04 -7.82
CA ALA A 67 4.39 6.71 -8.68
C ALA A 67 5.05 7.83 -9.49
N GLU A 68 6.02 8.49 -8.88
CA GLU A 68 6.78 9.54 -9.56
C GLU A 68 7.69 8.94 -10.62
N LYS A 69 8.28 7.80 -10.30
CA LYS A 69 9.25 7.17 -11.18
C LYS A 69 8.61 6.10 -12.05
N ALA A 70 7.30 6.18 -12.21
CA ALA A 70 6.57 5.23 -13.04
C ALA A 70 6.26 5.82 -14.40
N PRO A 71 6.74 5.17 -15.47
CA PRO A 71 6.42 5.60 -16.83
C PRO A 71 5.04 5.12 -17.28
N GLY A 72 4.11 6.05 -17.37
CA GLY A 72 2.77 5.72 -17.83
C GLY A 72 1.74 5.95 -16.74
N PRO A 73 0.49 5.52 -16.95
CA PRO A 73 -0.58 5.66 -15.95
C PRO A 73 -0.30 4.79 -14.72
N VAL A 74 -0.19 5.43 -13.57
CA VAL A 74 0.17 4.74 -12.35
C VAL A 74 -0.79 5.09 -11.20
N LYS A 75 -1.09 4.10 -10.38
CA LYS A 75 -1.92 4.31 -9.21
C LYS A 75 -1.52 3.31 -8.13
N VAL A 76 -1.25 3.81 -6.93
CA VAL A 76 -0.67 2.99 -5.88
C VAL A 76 -1.66 2.76 -4.74
N LEU A 77 -1.67 1.53 -4.22
CA LEU A 77 -2.47 1.19 -3.06
C LEU A 77 -1.55 0.81 -1.90
N VAL A 78 -1.72 1.48 -0.77
CA VAL A 78 -0.89 1.22 0.41
C VAL A 78 -1.71 0.56 1.50
N LEU A 79 -1.31 -0.63 1.88
CA LEU A 79 -1.98 -1.38 2.93
C LEU A 79 -1.26 -1.16 4.26
N ILE A 80 -1.80 -0.27 5.09
CA ILE A 80 -1.23 -0.03 6.40
C ILE A 80 -1.89 -0.95 7.42
N THR A 81 -1.09 -1.53 8.31
CA THR A 81 -1.61 -2.50 9.24
C THR A 81 -1.28 -2.10 10.68
N GLY A 82 -2.10 -2.58 11.62
CA GLY A 82 -1.89 -2.27 13.02
C GLY A 82 -2.51 -0.94 13.40
N SER A 83 -2.40 -0.60 14.67
CA SER A 83 -2.89 0.68 15.15
C SER A 83 -1.78 1.71 15.06
N ALA A 84 -1.84 2.53 14.01
CA ALA A 84 -0.85 3.55 13.78
C ALA A 84 -0.91 4.60 14.87
N ASP A 85 0.18 4.73 15.60
CA ASP A 85 0.28 5.69 16.69
C ASP A 85 0.24 7.11 16.14
N PRO A 86 -0.28 8.07 16.93
CA PRO A 86 -0.51 9.46 16.50
C PRO A 86 0.63 10.04 15.66
N ASP A 87 1.86 9.82 16.10
CA ASP A 87 3.04 10.33 15.41
C ASP A 87 3.14 9.77 14.00
N GLU A 88 3.04 8.46 13.86
CA GLU A 88 3.15 7.80 12.56
C GLU A 88 1.90 8.02 11.73
N LYS A 89 0.74 8.07 12.38
CA LYS A 89 -0.52 8.28 11.70
C LYS A 89 -0.55 9.64 11.02
N THR A 90 -0.17 10.67 11.77
CA THR A 90 -0.15 12.02 11.23
C THR A 90 0.89 12.14 10.12
N LYS A 91 2.01 11.46 10.30
CA LYS A 91 3.08 11.48 9.30
C LYS A 91 2.62 10.79 8.02
N ALA A 92 1.85 9.71 8.18
CA ALA A 92 1.31 8.98 7.04
C ALA A 92 0.23 9.81 6.35
N LYS A 93 -0.59 10.47 7.17
CA LYS A 93 -1.67 11.29 6.65
C LYS A 93 -1.13 12.49 5.88
N LYS A 94 -0.12 13.15 6.43
CA LYS A 94 0.49 14.30 5.77
C LYS A 94 1.15 13.86 4.47
N ALA A 95 1.84 12.73 4.51
CA ALA A 95 2.48 12.18 3.33
C ALA A 95 1.44 11.80 2.28
N ALA A 96 0.34 11.21 2.75
CA ALA A 96 -0.75 10.81 1.86
C ALA A 96 -1.40 12.03 1.23
N GLU A 97 -1.49 13.10 1.98
CA GLU A 97 -2.05 14.35 1.48
C GLU A 97 -1.21 14.88 0.33
N GLU A 98 0.11 14.79 0.49
CA GLU A 98 1.05 15.23 -0.54
C GLU A 98 1.07 14.24 -1.71
N ALA A 99 1.19 12.96 -1.38
CA ALA A 99 1.34 11.91 -2.39
C ALA A 99 0.04 11.66 -3.15
N ARG A 100 -1.07 12.19 -2.64
CA ARG A 100 -2.38 12.02 -3.27
C ARG A 100 -2.35 12.46 -4.74
N LYS A 101 -1.47 13.40 -5.05
CA LYS A 101 -1.34 13.92 -6.41
C LYS A 101 -0.85 12.82 -7.37
N TRP A 102 -0.31 11.74 -6.82
CA TRP A 102 0.19 10.64 -7.63
C TRP A 102 -0.77 9.46 -7.65
N ASN A 103 -1.98 9.69 -7.14
CA ASN A 103 -3.03 8.67 -7.08
C ASN A 103 -2.61 7.51 -6.17
N VAL A 104 -2.47 7.81 -4.89
CA VAL A 104 -2.16 6.78 -3.92
C VAL A 104 -3.28 6.70 -2.89
N ARG A 105 -3.69 5.49 -2.57
CA ARG A 105 -4.77 5.28 -1.61
C ARG A 105 -4.28 4.45 -0.43
N VAL A 106 -4.39 5.02 0.76
CA VAL A 106 -4.00 4.31 1.97
C VAL A 106 -5.22 3.67 2.62
N ARG A 107 -5.12 2.39 2.93
CA ARG A 107 -6.20 1.68 3.59
C ARG A 107 -5.65 0.79 4.70
N THR A 108 -6.45 0.55 5.72
CA THR A 108 -6.02 -0.19 6.88
C THR A 108 -6.42 -1.66 6.79
N VAL A 109 -5.45 -2.53 7.03
CA VAL A 109 -5.70 -3.96 7.07
C VAL A 109 -5.48 -4.52 8.47
N THR A 110 -6.56 -4.90 9.13
CA THR A 110 -6.48 -5.47 10.47
C THR A 110 -6.22 -6.98 10.37
N SER A 111 -6.87 -7.62 9.41
CA SER A 111 -6.72 -9.05 9.21
C SER A 111 -6.35 -9.31 7.75
N PRO A 112 -5.79 -10.50 7.43
CA PRO A 112 -5.49 -10.88 6.05
C PRO A 112 -6.73 -10.83 5.16
N ASP A 113 -7.88 -11.03 5.78
CA ASP A 113 -9.18 -10.93 5.09
C ASP A 113 -9.33 -9.56 4.43
N GLU A 114 -8.77 -8.55 5.08
CA GLU A 114 -8.84 -7.19 4.59
C GLU A 114 -7.92 -7.03 3.39
N ALA A 115 -6.69 -7.50 3.54
CA ALA A 115 -5.71 -7.41 2.47
C ALA A 115 -6.23 -8.11 1.22
N LYS A 116 -6.84 -9.28 1.42
CA LYS A 116 -7.40 -10.04 0.32
C LYS A 116 -8.43 -9.23 -0.45
N ARG A 117 -9.36 -8.60 0.27
CA ARG A 117 -10.46 -7.89 -0.38
C ARG A 117 -9.97 -6.61 -1.04
N TRP A 118 -9.07 -5.89 -0.39
CA TRP A 118 -8.64 -4.59 -0.91
C TRP A 118 -7.88 -4.77 -2.22
N ILE A 119 -6.97 -5.72 -2.24
CA ILE A 119 -6.17 -6.01 -3.44
C ILE A 119 -7.08 -6.43 -4.59
N LYS A 120 -8.18 -7.10 -4.26
CA LYS A 120 -9.14 -7.53 -5.27
C LYS A 120 -10.04 -6.36 -5.70
N GLU A 121 -10.45 -5.56 -4.72
CA GLU A 121 -11.40 -4.48 -4.95
C GLU A 121 -10.78 -3.35 -5.79
N PHE A 122 -9.48 -3.16 -5.64
CA PHE A 122 -8.79 -2.12 -6.39
C PHE A 122 -8.40 -2.60 -7.77
N SER A 123 -8.00 -3.86 -7.89
CA SER A 123 -7.59 -4.41 -9.17
C SER A 123 -8.78 -4.55 -10.11
N GLU A 124 -9.93 -4.95 -9.56
CA GLU A 124 -11.15 -5.09 -10.36
C GLU A 124 -10.91 -5.99 -11.56
N GLU A 125 -10.38 -7.16 -11.29
CA GLU A 125 -10.11 -8.15 -12.32
C GLU A 125 -10.60 -9.50 -11.84
#